data_2NA1
#
_entry.id   2NA1
#
_entity_poly.entity_id   1
_entity_poly.type   'polypeptide(L)'
_entity_poly.pdbx_seq_one_letter_code
;GPAMGKPQILTHVIEGFVIQEGAEPFPVGRSSLLVGNLKGDKRIITDDEIISLSIEFFDQNRLDRKVNKDKEKSKEEVND
KRYLRCPAAMTVMHLRKFLRSKMDIPNTFQIDVMYEEEPLKDYYTLMDIAYIYTWRRNGPLPLKYRVRPTCKRMK
;
_entity_poly.pdbx_strand_id   A
#
# COMPACT_ATOMS: atom_id res chain seq x y z
N PRO A 7 -2.59 -2.93 -16.19
CA PRO A 7 -2.40 -4.37 -16.40
C PRO A 7 -2.40 -5.14 -15.09
N GLN A 8 -2.95 -6.36 -15.13
CA GLN A 8 -2.98 -7.22 -13.95
C GLN A 8 -3.53 -6.48 -12.74
N ILE A 9 -4.70 -5.87 -12.91
CA ILE A 9 -5.38 -5.21 -11.81
C ILE A 9 -6.60 -5.99 -11.35
N LEU A 10 -6.76 -6.14 -10.04
CA LEU A 10 -7.81 -6.98 -9.47
C LEU A 10 -8.66 -6.20 -8.48
N THR A 11 -9.95 -6.51 -8.44
CA THR A 11 -10.89 -5.80 -7.59
C THR A 11 -11.15 -6.55 -6.30
N HIS A 12 -11.06 -5.84 -5.18
CA HIS A 12 -11.59 -6.35 -3.91
C HIS A 12 -12.36 -5.25 -3.17
N VAL A 13 -13.37 -5.66 -2.41
CA VAL A 13 -14.15 -4.72 -1.61
C VAL A 13 -13.65 -4.69 -0.17
N ILE A 14 -13.30 -3.49 0.29
CA ILE A 14 -13.09 -3.25 1.72
C ILE A 14 -13.90 -2.05 2.19
N GLU A 15 -14.42 -2.13 3.40
CA GLU A 15 -15.59 -1.35 3.79
C GLU A 15 -15.36 0.14 3.54
N GLY A 16 -16.33 0.78 2.88
CA GLY A 16 -16.28 2.22 2.70
C GLY A 16 -15.68 2.60 1.36
N PHE A 17 -15.13 1.63 0.66
CA PHE A 17 -14.90 1.76 -0.77
C PHE A 17 -14.35 0.47 -1.36
N VAL A 18 -14.48 0.30 -2.67
CA VAL A 18 -13.83 -0.80 -3.38
C VAL A 18 -12.48 -0.37 -3.95
N ILE A 19 -11.46 -1.17 -3.69
CA ILE A 19 -10.11 -0.86 -4.16
C ILE A 19 -9.62 -1.91 -5.14
N GLN A 20 -8.96 -1.46 -6.19
CA GLN A 20 -8.36 -2.37 -7.17
C GLN A 20 -6.84 -2.32 -7.10
N GLU A 21 -6.22 -3.49 -7.03
CA GLU A 21 -4.79 -3.58 -6.71
C GLU A 21 -4.08 -4.51 -7.70
N GLY A 22 -2.83 -4.18 -8.00
CA GLY A 22 -2.04 -5.01 -8.90
C GLY A 22 -0.90 -4.25 -9.55
N ALA A 23 -0.58 -4.60 -10.78
CA ALA A 23 0.58 -4.03 -11.46
C ALA A 23 0.26 -2.66 -12.04
N GLU A 24 0.28 -1.64 -11.18
CA GLU A 24 0.00 -0.28 -11.60
C GLU A 24 1.09 0.23 -12.54
N PRO A 25 0.69 0.95 -13.59
CA PRO A 25 1.63 1.51 -14.55
C PRO A 25 2.72 2.32 -13.84
N PHE A 26 3.93 2.24 -14.36
CA PHE A 26 5.10 2.80 -13.69
C PHE A 26 5.50 4.13 -14.33
N PRO A 27 6.12 4.99 -13.53
CA PRO A 27 6.55 6.30 -14.02
C PRO A 27 7.42 6.17 -15.27
N VAL A 28 8.11 5.04 -15.38
CA VAL A 28 8.95 4.77 -16.55
C VAL A 28 8.13 4.84 -17.83
N GLY A 29 6.92 4.28 -17.78
CA GLY A 29 6.06 4.21 -18.96
C GLY A 29 5.15 5.43 -19.03
N ARG A 30 5.02 6.14 -17.91
CA ARG A 30 4.22 7.36 -17.86
C ARG A 30 4.96 8.53 -18.50
N SER A 31 4.26 9.65 -18.65
CA SER A 31 4.84 10.84 -19.26
C SER A 31 6.05 11.34 -18.46
N SER A 32 7.10 11.69 -19.18
CA SER A 32 8.33 12.15 -18.54
C SER A 32 8.13 13.52 -17.90
N LEU A 33 7.05 14.19 -18.27
CA LEU A 33 6.74 15.51 -17.72
C LEU A 33 6.37 15.42 -16.25
N LEU A 34 6.08 14.22 -15.79
CA LEU A 34 5.66 14.00 -14.40
C LEU A 34 6.87 14.02 -13.47
N VAL A 35 8.06 14.13 -14.05
CA VAL A 35 9.29 14.25 -13.26
C VAL A 35 9.44 15.66 -12.70
N GLY A 36 8.85 16.64 -13.39
CA GLY A 36 9.06 18.04 -13.06
C GLY A 36 8.16 18.47 -11.91
N ASN A 37 8.05 19.77 -11.70
CA ASN A 37 7.32 20.32 -10.56
C ASN A 37 5.82 20.21 -10.77
N LEU A 38 5.25 19.08 -10.38
CA LEU A 38 3.81 18.87 -10.46
C LEU A 38 3.08 19.63 -9.37
N LYS A 39 1.81 19.95 -9.62
CA LYS A 39 1.01 20.72 -8.68
C LYS A 39 0.87 20.00 -7.34
N GLY A 40 1.06 20.74 -6.25
CA GLY A 40 0.91 20.18 -4.91
C GLY A 40 0.72 21.28 -3.88
N ASP A 41 -0.15 21.03 -2.91
CA ASP A 41 -0.70 22.09 -2.07
C ASP A 41 -1.17 21.55 -0.73
N LYS A 42 -0.46 21.91 0.33
CA LYS A 42 -0.78 21.44 1.67
C LYS A 42 -2.13 21.97 2.14
N ARG A 43 -2.70 22.88 1.35
CA ARG A 43 -3.99 23.48 1.67
C ARG A 43 -5.13 22.49 1.42
N ILE A 44 -4.85 21.46 0.63
CA ILE A 44 -5.85 20.47 0.26
C ILE A 44 -5.94 19.37 1.31
N ILE A 45 -7.02 19.38 2.07
CA ILE A 45 -7.22 18.41 3.15
C ILE A 45 -8.48 17.59 2.93
N THR A 46 -8.94 17.53 1.68
CA THR A 46 -10.15 16.80 1.34
C THR A 46 -9.94 15.30 1.44
N ASP A 47 -10.99 14.58 1.82
CA ASP A 47 -10.92 13.13 1.94
C ASP A 47 -11.55 12.45 0.74
N ASP A 48 -11.84 13.22 -0.30
CA ASP A 48 -12.41 12.68 -1.54
C ASP A 48 -11.28 12.42 -2.54
N GLU A 49 -10.09 12.10 -2.03
CA GLU A 49 -8.84 12.08 -2.73
C GLU A 49 -8.35 10.67 -2.78
N ILE A 50 -7.56 10.43 -3.85
CA ILE A 50 -7.01 9.18 -4.24
C ILE A 50 -5.57 9.17 -3.82
N ILE A 51 -5.20 8.09 -3.16
CA ILE A 51 -3.84 7.94 -2.77
C ILE A 51 -3.21 6.76 -3.50
N SER A 52 -2.03 6.97 -4.06
CA SER A 52 -1.34 5.89 -4.67
C SER A 52 -0.41 5.25 -3.62
N LEU A 53 -0.29 3.92 -3.66
CA LEU A 53 0.55 3.17 -2.77
C LEU A 53 1.04 1.79 -3.20
N SER A 54 2.06 1.28 -2.47
CA SER A 54 2.46 -0.08 -2.56
C SER A 54 2.36 -0.81 -1.24
N ILE A 55 2.33 -2.12 -1.43
CA ILE A 55 2.13 -3.15 -0.42
C ILE A 55 2.92 -4.43 -0.76
N GLU A 56 3.87 -4.75 0.09
CA GLU A 56 4.67 -5.93 -0.07
C GLU A 56 4.88 -6.61 1.33
N PHE A 57 5.24 -7.89 1.29
CA PHE A 57 5.50 -8.66 2.44
C PHE A 57 6.81 -8.25 3.08
N PHE A 58 6.75 -7.84 4.34
CA PHE A 58 7.95 -7.42 5.06
C PHE A 58 9.10 -8.38 4.83
N ASP A 59 10.31 -7.82 4.74
CA ASP A 59 11.39 -8.46 4.00
C ASP A 59 12.19 -9.40 4.89
N GLN A 60 11.51 -10.07 5.82
CA GLN A 60 12.16 -10.92 6.80
C GLN A 60 12.83 -12.12 6.14
N ASN A 61 12.19 -12.63 5.10
CA ASN A 61 12.67 -13.84 4.43
C ASN A 61 13.74 -13.51 3.40
N ARG A 62 14.12 -12.23 3.34
CA ARG A 62 15.19 -11.79 2.44
C ARG A 62 16.53 -11.79 3.15
N LEU A 63 16.50 -12.00 4.47
CA LEU A 63 17.72 -12.13 5.25
C LEU A 63 18.61 -10.90 5.09
N ASP A 64 17.99 -9.72 5.00
CA ASP A 64 18.71 -8.47 4.85
C ASP A 64 19.59 -8.48 3.62
N ARG A 65 19.13 -9.19 2.58
CA ARG A 65 19.84 -9.23 1.31
C ARG A 65 19.02 -8.61 0.19
N LYS A 66 19.70 -7.95 -0.74
CA LYS A 66 19.03 -7.35 -1.90
C LYS A 66 19.03 -8.31 -3.08
N VAL A 67 17.85 -8.55 -3.63
CA VAL A 67 17.68 -9.55 -4.68
C VAL A 67 18.45 -9.15 -5.94
N ASN A 68 18.31 -7.89 -6.34
CA ASN A 68 18.94 -7.41 -7.56
C ASN A 68 20.46 -7.35 -7.41
N LYS A 69 20.92 -7.19 -6.16
CA LYS A 69 22.35 -7.16 -5.87
C LYS A 69 22.97 -8.54 -6.07
N ASP A 70 22.36 -9.56 -5.47
CA ASP A 70 22.88 -10.92 -5.56
C ASP A 70 22.61 -11.51 -6.94
N LYS A 71 21.44 -11.21 -7.49
CA LYS A 71 21.05 -11.75 -8.80
C LYS A 71 20.49 -10.64 -9.69
N GLU A 72 21.38 -9.79 -10.19
CA GLU A 72 20.98 -8.72 -11.10
C GLU A 72 20.40 -9.27 -12.39
N LYS A 73 19.22 -8.81 -12.75
CA LYS A 73 18.56 -9.25 -13.97
C LYS A 73 18.92 -8.36 -15.15
N SER A 74 18.98 -8.95 -16.34
CA SER A 74 19.28 -8.20 -17.55
C SER A 74 18.09 -7.34 -17.98
N LYS A 75 16.89 -7.76 -17.57
CA LYS A 75 15.68 -6.99 -17.84
C LYS A 75 15.32 -6.10 -16.66
N GLU A 76 16.03 -6.27 -15.56
CA GLU A 76 15.81 -5.46 -14.36
C GLU A 76 14.39 -5.64 -13.84
N GLU A 77 14.00 -6.89 -13.63
CA GLU A 77 12.65 -7.20 -13.18
C GLU A 77 12.63 -7.61 -11.72
N VAL A 78 13.22 -6.76 -10.87
CA VAL A 78 13.21 -7.00 -9.43
C VAL A 78 12.39 -5.94 -8.70
N ASN A 79 11.22 -6.32 -8.24
CA ASN A 79 10.32 -5.39 -7.57
C ASN A 79 9.16 -6.13 -6.89
N ASP A 80 9.39 -6.57 -5.65
CA ASP A 80 8.41 -7.36 -4.93
C ASP A 80 7.37 -6.48 -4.25
N LYS A 81 6.47 -5.92 -5.05
CA LYS A 81 5.34 -5.18 -4.51
C LYS A 81 4.07 -5.45 -5.31
N ARG A 82 2.93 -5.06 -4.76
CA ARG A 82 1.72 -4.84 -5.56
C ARG A 82 1.36 -3.38 -5.30
N TYR A 83 0.78 -2.66 -6.29
CA TYR A 83 0.49 -1.19 -6.18
C TYR A 83 -1.00 -0.91 -6.14
N LEU A 84 -1.35 0.23 -5.58
CA LEU A 84 -2.73 0.51 -5.23
C LEU A 84 -3.14 1.97 -5.25
N ARG A 85 -4.21 2.25 -5.98
CA ARG A 85 -4.76 3.60 -6.07
C ARG A 85 -5.94 3.34 -5.18
N CYS A 86 -6.12 4.23 -4.28
CA CYS A 86 -6.85 3.89 -3.08
C CYS A 86 -7.47 5.18 -2.54
N PRO A 87 -8.71 5.14 -2.03
CA PRO A 87 -9.28 6.39 -1.42
C PRO A 87 -8.60 6.73 -0.10
N ALA A 88 -8.13 7.95 0.04
CA ALA A 88 -7.22 8.32 1.23
C ALA A 88 -7.84 8.11 2.64
N ALA A 89 -9.17 8.09 2.66
CA ALA A 89 -10.09 7.81 3.78
C ALA A 89 -10.08 6.39 4.29
N MET A 90 -9.51 5.50 3.53
CA MET A 90 -9.46 4.09 3.91
C MET A 90 -8.47 3.85 5.08
N THR A 91 -8.72 2.83 5.90
CA THR A 91 -7.96 2.60 7.12
C THR A 91 -7.13 1.38 7.06
N VAL A 92 -6.15 1.33 7.97
CA VAL A 92 -5.34 0.12 8.19
C VAL A 92 -6.21 -1.13 8.37
N MET A 93 -7.27 -0.97 9.20
CA MET A 93 -8.24 -2.05 9.40
C MET A 93 -8.71 -2.59 8.07
N HIS A 94 -9.11 -1.70 7.08
CA HIS A 94 -9.52 -2.10 5.70
C HIS A 94 -8.46 -2.79 4.89
N LEU A 95 -7.25 -2.34 4.98
CA LEU A 95 -6.19 -2.96 4.29
C LEU A 95 -5.90 -4.33 4.78
N ARG A 96 -5.82 -4.52 6.13
CA ARG A 96 -5.54 -5.81 6.68
C ARG A 96 -6.60 -6.79 6.15
N LYS A 97 -7.86 -6.34 6.07
CA LYS A 97 -8.99 -7.17 5.60
C LYS A 97 -8.86 -7.57 4.16
N PHE A 98 -8.20 -6.72 3.42
CA PHE A 98 -8.08 -6.87 2.05
C PHE A 98 -6.99 -7.89 1.86
N LEU A 99 -5.87 -7.69 2.55
CA LEU A 99 -4.86 -8.74 2.58
C LEU A 99 -5.38 -10.13 3.03
N ARG A 100 -6.11 -10.12 4.18
CA ARG A 100 -6.69 -11.31 4.74
C ARG A 100 -7.46 -12.07 3.69
N SER A 101 -8.38 -11.36 3.06
CA SER A 101 -9.03 -11.90 1.84
C SER A 101 -8.12 -12.22 0.60
N LYS A 102 -7.36 -11.29 0.05
CA LYS A 102 -6.45 -11.57 -1.09
C LYS A 102 -5.62 -12.87 -0.92
N MET A 103 -4.89 -13.01 0.20
CA MET A 103 -3.95 -14.14 0.45
C MET A 103 -4.63 -15.29 1.16
N ASP A 104 -5.95 -15.22 1.32
CA ASP A 104 -6.66 -16.24 2.09
C ASP A 104 -6.07 -16.57 3.51
N ILE A 105 -5.92 -15.57 4.32
CA ILE A 105 -5.15 -15.71 5.56
C ILE A 105 -6.08 -16.10 6.68
N PRO A 106 -5.90 -17.29 7.28
CA PRO A 106 -6.77 -17.76 8.37
C PRO A 106 -6.64 -16.97 9.65
N ASN A 107 -7.67 -17.10 10.50
CA ASN A 107 -7.77 -16.38 11.76
C ASN A 107 -6.77 -16.91 12.80
N THR A 108 -6.22 -18.07 12.46
CA THR A 108 -5.05 -18.58 13.10
C THR A 108 -3.82 -17.56 13.10
N PHE A 109 -3.83 -16.55 12.19
CA PHE A 109 -2.76 -15.56 12.18
C PHE A 109 -3.21 -14.11 12.35
N GLN A 110 -2.32 -13.26 12.87
CA GLN A 110 -2.51 -11.80 12.85
C GLN A 110 -1.77 -11.15 11.70
N ILE A 111 -2.24 -9.98 11.27
CA ILE A 111 -1.57 -9.18 10.22
C ILE A 111 -1.19 -7.82 10.74
N ASP A 112 0.09 -7.59 10.79
CA ASP A 112 0.60 -6.30 11.04
C ASP A 112 0.90 -5.51 9.72
N VAL A 113 0.16 -4.42 9.50
CA VAL A 113 0.47 -3.40 8.55
C VAL A 113 1.45 -2.31 9.11
N MET A 114 2.56 -2.14 8.42
CA MET A 114 3.61 -1.30 8.81
C MET A 114 4.03 -0.28 7.76
N TYR A 115 4.55 0.84 8.24
CA TYR A 115 5.12 1.83 7.37
C TYR A 115 6.57 1.44 7.07
N GLU A 116 7.36 1.34 8.11
CA GLU A 116 8.75 0.86 7.89
C GLU A 116 8.89 -0.45 8.69
N GLU A 117 9.31 -0.34 9.96
CA GLU A 117 9.44 -1.46 10.90
C GLU A 117 8.30 -1.39 11.88
N GLU A 118 7.55 -0.30 11.82
CA GLU A 118 6.57 -0.03 12.87
C GLU A 118 5.15 -0.24 12.42
N PRO A 119 4.44 -1.16 13.14
CA PRO A 119 3.04 -1.35 12.81
C PRO A 119 2.25 -0.07 13.16
N LEU A 120 1.04 -0.03 12.62
CA LEU A 120 0.20 1.09 12.58
C LEU A 120 -1.04 0.61 13.22
N LYS A 121 -1.75 1.56 13.79
CA LYS A 121 -2.93 1.29 14.50
C LYS A 121 -4.02 1.11 13.48
N ASP A 122 -4.94 0.26 13.79
CA ASP A 122 -6.00 -0.06 12.80
C ASP A 122 -6.96 1.16 12.42
N TYR A 123 -7.03 2.19 13.30
CA TYR A 123 -7.85 3.41 12.99
C TYR A 123 -7.14 4.39 11.98
N TYR A 124 -5.83 4.29 11.87
CA TYR A 124 -5.17 5.20 10.92
C TYR A 124 -5.72 5.16 9.47
N THR A 125 -6.03 6.33 8.99
CA THR A 125 -6.37 6.49 7.59
C THR A 125 -5.10 6.56 6.78
N LEU A 126 -5.20 6.32 5.48
CA LEU A 126 -4.01 6.52 4.62
C LEU A 126 -3.50 7.94 4.68
N MET A 127 -4.43 8.92 4.66
CA MET A 127 -3.95 10.32 4.99
C MET A 127 -3.17 10.46 6.31
N ASP A 128 -3.68 9.83 7.38
CA ASP A 128 -3.05 9.92 8.69
C ASP A 128 -1.63 9.47 8.61
N ILE A 129 -1.43 8.37 7.85
CA ILE A 129 -0.10 7.82 7.63
C ILE A 129 0.71 8.87 6.84
N ALA A 130 0.14 9.44 5.75
CA ALA A 130 0.99 10.32 4.97
C ALA A 130 1.41 11.52 5.88
N TYR A 131 0.44 12.01 6.67
CA TYR A 131 0.71 13.13 7.63
C TYR A 131 1.68 12.72 8.73
N ILE A 132 1.48 11.52 9.28
CA ILE A 132 2.47 11.13 10.27
C ILE A 132 3.80 10.94 9.83
N TYR A 133 3.99 10.29 8.66
CA TYR A 133 5.34 10.00 8.22
C TYR A 133 5.87 11.02 7.26
N THR A 134 5.11 12.12 7.08
CA THR A 134 5.54 13.22 6.27
C THR A 134 5.99 12.71 4.84
N TRP A 135 5.17 11.85 4.31
CA TRP A 135 5.29 11.45 2.92
C TRP A 135 5.04 12.66 2.06
N ARG A 136 5.86 12.79 1.00
CA ARG A 136 5.88 13.99 0.15
C ARG A 136 5.29 13.72 -1.27
N ARG A 137 4.45 12.71 -1.45
CA ARG A 137 3.99 12.35 -2.80
C ARG A 137 5.11 12.17 -3.83
N ASN A 138 6.26 11.70 -3.36
CA ASN A 138 7.31 11.21 -4.24
C ASN A 138 7.12 9.71 -4.20
N GLY A 139 6.58 9.19 -5.30
CA GLY A 139 6.24 7.79 -5.41
C GLY A 139 5.00 7.41 -4.68
N PRO A 140 4.59 6.11 -4.73
CA PRO A 140 3.53 5.62 -3.85
C PRO A 140 3.99 5.47 -2.39
N LEU A 141 3.01 5.54 -1.49
CA LEU A 141 3.25 5.38 -0.09
C LEU A 141 3.63 3.90 0.14
N PRO A 142 4.86 3.65 0.60
CA PRO A 142 5.28 2.29 0.69
C PRO A 142 4.87 1.64 2.02
N LEU A 143 3.88 0.72 1.94
CA LEU A 143 3.49 -0.17 3.04
C LEU A 143 3.99 -1.63 2.97
N LYS A 144 4.11 -2.17 4.15
CA LYS A 144 4.53 -3.51 4.31
C LYS A 144 3.59 -4.26 5.24
N TYR A 145 3.82 -5.57 5.25
CA TYR A 145 3.01 -6.44 6.01
C TYR A 145 3.64 -7.80 6.31
N ARG A 146 3.08 -8.34 7.37
CA ARG A 146 3.57 -9.49 8.02
C ARG A 146 2.44 -10.17 8.84
N VAL A 147 2.65 -11.48 9.00
CA VAL A 147 1.78 -12.37 9.72
C VAL A 147 2.48 -12.99 10.94
N ARG A 148 1.69 -13.12 12.00
CA ARG A 148 2.15 -13.69 13.27
C ARG A 148 1.07 -14.66 13.74
N PRO A 149 1.46 -15.77 14.39
CA PRO A 149 0.43 -16.61 15.00
C PRO A 149 -0.31 -15.82 16.08
N THR A 150 -1.60 -15.99 16.18
CA THR A 150 -2.31 -15.32 17.24
C THR A 150 -2.48 -16.21 18.52
N CYS A 151 -2.61 -15.57 19.69
CA CYS A 151 -3.02 -16.24 20.97
C CYS A 151 -2.75 -15.29 22.10
N PRO A 7 -3.01 -4.50 -17.78
CA PRO A 7 -2.15 -5.33 -16.93
C PRO A 7 -2.94 -6.05 -15.84
N GLN A 8 -2.23 -6.64 -14.89
CA GLN A 8 -2.86 -7.42 -13.84
C GLN A 8 -3.49 -6.51 -12.79
N ILE A 9 -4.71 -6.04 -13.07
CA ILE A 9 -5.47 -5.25 -12.11
C ILE A 9 -6.65 -6.05 -11.55
N LEU A 10 -6.81 -5.99 -10.23
CA LEU A 10 -7.89 -6.72 -9.57
C LEU A 10 -8.73 -5.78 -8.71
N THR A 11 -10.04 -6.03 -8.67
CA THR A 11 -10.94 -5.28 -7.80
C THR A 11 -11.26 -6.05 -6.54
N HIS A 12 -11.14 -5.37 -5.39
CA HIS A 12 -11.59 -5.94 -4.13
C HIS A 12 -12.34 -4.89 -3.30
N VAL A 13 -13.33 -5.34 -2.55
CA VAL A 13 -14.11 -4.45 -1.70
C VAL A 13 -13.70 -4.58 -0.24
N ILE A 14 -13.33 -3.46 0.37
CA ILE A 14 -13.17 -3.39 1.82
C ILE A 14 -13.97 -2.23 2.40
N GLU A 15 -14.61 -2.47 3.55
CA GLU A 15 -15.92 -1.90 3.82
C GLU A 15 -15.89 -0.37 3.69
N GLY A 16 -16.85 0.17 2.96
CA GLY A 16 -16.91 1.60 2.76
C GLY A 16 -16.12 2.06 1.54
N PHE A 17 -15.33 1.14 0.99
CA PHE A 17 -14.38 1.49 -0.07
C PHE A 17 -14.18 0.33 -1.04
N VAL A 18 -14.21 0.64 -2.33
CA VAL A 18 -13.67 -0.26 -3.34
C VAL A 18 -12.25 0.15 -3.74
N ILE A 19 -11.33 -0.81 -3.69
CA ILE A 19 -9.96 -0.57 -4.15
C ILE A 19 -9.57 -1.56 -5.24
N GLN A 20 -8.88 -1.06 -6.26
CA GLN A 20 -8.33 -1.93 -7.30
C GLN A 20 -6.81 -1.99 -7.21
N GLU A 21 -6.28 -3.21 -7.20
CA GLU A 21 -4.86 -3.42 -6.90
C GLU A 21 -4.23 -4.35 -7.93
N GLY A 22 -2.96 -4.08 -8.27
CA GLY A 22 -2.32 -4.77 -9.37
C GLY A 22 -0.81 -4.66 -9.32
N ALA A 23 -0.15 -5.22 -10.32
CA ALA A 23 1.31 -5.21 -10.38
C ALA A 23 1.83 -3.97 -11.10
N GLU A 24 0.92 -3.23 -11.72
CA GLU A 24 1.28 -2.01 -12.42
C GLU A 24 1.74 -0.93 -11.45
N PRO A 25 2.83 -0.25 -11.80
CA PRO A 25 3.40 0.78 -10.95
C PRO A 25 2.58 2.06 -11.00
N PHE A 26 2.47 2.74 -9.86
CA PHE A 26 1.79 4.02 -9.80
C PHE A 26 2.65 5.07 -9.12
N PRO A 27 3.69 5.52 -9.82
CA PRO A 27 4.59 6.53 -9.28
C PRO A 27 3.93 7.90 -9.25
N VAL A 28 4.37 8.74 -8.32
CA VAL A 28 3.81 10.08 -8.18
C VAL A 28 4.91 11.14 -8.28
N GLY A 29 4.68 12.15 -9.12
CA GLY A 29 5.64 13.21 -9.33
C GLY A 29 5.07 14.56 -8.93
N ARG A 30 5.71 15.63 -9.41
CA ARG A 30 5.26 16.99 -9.12
C ARG A 30 4.04 17.34 -9.95
N SER A 31 3.09 18.05 -9.34
CA SER A 31 1.86 18.43 -10.01
C SER A 31 1.41 19.83 -9.59
N SER A 32 0.35 20.33 -10.21
CA SER A 32 -0.18 21.64 -9.89
C SER A 32 -0.72 21.68 -8.46
N LEU A 33 -0.59 22.83 -7.81
CA LEU A 33 -1.05 23.00 -6.44
C LEU A 33 -2.47 22.49 -6.27
N LEU A 34 -2.61 21.36 -5.58
CA LEU A 34 -3.92 20.74 -5.38
C LEU A 34 -4.75 21.50 -4.36
N VAL A 35 -5.33 22.61 -4.80
CA VAL A 35 -6.24 23.39 -3.95
C VAL A 35 -7.60 22.73 -3.85
N GLY A 36 -8.08 22.54 -2.62
CA GLY A 36 -9.31 21.79 -2.39
C GLY A 36 -10.51 22.53 -2.96
N ASN A 37 -11.48 21.76 -3.45
CA ASN A 37 -12.70 22.35 -4.00
C ASN A 37 -13.61 22.89 -2.90
N LEU A 38 -13.92 24.18 -2.99
CA LEU A 38 -14.57 24.88 -1.89
C LEU A 38 -15.95 24.30 -1.61
N LYS A 39 -16.52 23.65 -2.61
CA LYS A 39 -17.87 23.10 -2.49
C LYS A 39 -17.86 21.77 -1.77
N GLY A 40 -16.68 21.16 -1.65
CA GLY A 40 -16.55 19.83 -1.09
C GLY A 40 -15.59 19.82 0.09
N ASP A 41 -14.92 20.94 0.31
CA ASP A 41 -14.07 21.10 1.48
C ASP A 41 -13.30 22.42 1.42
N LYS A 42 -12.39 22.61 2.36
CA LYS A 42 -11.62 23.84 2.46
C LYS A 42 -10.51 23.88 1.40
N ARG A 43 -9.84 25.01 1.30
CA ARG A 43 -8.77 25.19 0.32
C ARG A 43 -7.70 24.11 0.48
N ILE A 44 -7.93 23.19 1.40
CA ILE A 44 -6.91 22.21 1.77
C ILE A 44 -7.32 20.80 1.39
N ILE A 45 -6.47 19.83 1.70
CA ILE A 45 -6.74 18.43 1.38
C ILE A 45 -8.21 18.09 1.60
N THR A 46 -8.66 17.01 0.97
CA THR A 46 -10.05 16.58 1.09
C THR A 46 -10.17 15.07 0.95
N ASP A 47 -11.03 14.48 1.78
CA ASP A 47 -11.05 13.03 1.96
C ASP A 47 -11.62 12.34 0.72
N ASP A 48 -11.90 13.13 -0.31
CA ASP A 48 -12.46 12.59 -1.55
C ASP A 48 -11.32 12.35 -2.56
N GLU A 49 -10.12 12.03 -2.03
CA GLU A 49 -8.88 12.03 -2.73
C GLU A 49 -8.38 10.61 -2.79
N ILE A 50 -7.59 10.38 -3.84
CA ILE A 50 -7.02 9.14 -4.24
C ILE A 50 -5.59 9.14 -3.81
N ILE A 51 -5.22 8.06 -3.15
CA ILE A 51 -3.86 7.90 -2.75
C ILE A 51 -3.22 6.73 -3.50
N SER A 52 -2.03 6.96 -4.04
CA SER A 52 -1.33 5.88 -4.66
C SER A 52 -0.40 5.25 -3.61
N LEU A 53 -0.28 3.92 -3.65
CA LEU A 53 0.57 3.17 -2.76
C LEU A 53 1.07 1.79 -3.20
N SER A 54 2.09 1.28 -2.46
CA SER A 54 2.49 -0.07 -2.56
C SER A 54 2.39 -0.82 -1.24
N ILE A 55 2.37 -2.13 -1.44
CA ILE A 55 2.16 -3.16 -0.44
C ILE A 55 2.95 -4.44 -0.79
N GLU A 56 3.91 -4.76 0.06
CA GLU A 56 4.73 -5.93 -0.10
C GLU A 56 4.92 -6.62 1.30
N PHE A 57 5.29 -7.89 1.25
CA PHE A 57 5.54 -8.67 2.41
C PHE A 57 6.85 -8.26 3.04
N PHE A 58 6.78 -7.86 4.32
CA PHE A 58 7.97 -7.43 5.05
C PHE A 58 9.14 -8.38 4.81
N ASP A 59 10.34 -7.83 4.74
CA ASP A 59 11.43 -8.46 4.00
C ASP A 59 12.20 -9.43 4.88
N GLN A 60 11.48 -10.14 5.74
CA GLN A 60 12.09 -11.07 6.67
C GLN A 60 12.62 -12.31 5.95
N ASN A 61 12.08 -12.57 4.76
CA ASN A 61 12.53 -13.68 3.94
C ASN A 61 13.39 -13.20 2.78
N ARG A 62 13.89 -11.97 2.88
CA ARG A 62 14.74 -11.40 1.84
C ARG A 62 16.05 -10.89 2.43
N LEU A 63 15.96 -10.18 3.55
CA LEU A 63 17.15 -9.66 4.22
C LEU A 63 17.93 -8.73 3.30
N ASP A 64 17.21 -7.89 2.56
CA ASP A 64 17.85 -6.97 1.62
C ASP A 64 18.63 -7.72 0.56
N ARG A 65 18.02 -8.77 0.02
CA ARG A 65 18.62 -9.53 -1.06
C ARG A 65 17.71 -9.61 -2.28
N LYS A 66 18.29 -9.51 -3.47
CA LYS A 66 17.56 -9.68 -4.71
C LYS A 66 18.19 -10.73 -5.60
N VAL A 67 17.43 -11.24 -6.55
CA VAL A 67 17.93 -12.25 -7.49
C VAL A 67 19.10 -11.71 -8.29
N ASN A 68 18.92 -10.54 -8.90
CA ASN A 68 19.97 -9.93 -9.70
C ASN A 68 21.11 -9.43 -8.82
N LYS A 69 20.78 -9.08 -7.58
CA LYS A 69 21.79 -8.61 -6.63
C LYS A 69 22.76 -9.72 -6.26
N ASP A 70 22.22 -10.89 -5.95
CA ASP A 70 23.04 -12.04 -5.57
C ASP A 70 23.78 -12.61 -6.78
N LYS A 71 23.13 -12.60 -7.93
CA LYS A 71 23.74 -13.07 -9.16
C LYS A 71 23.21 -12.30 -10.37
N GLU A 72 24.10 -11.55 -11.02
CA GLU A 72 23.73 -10.74 -12.17
C GLU A 72 23.09 -11.60 -13.25
N LYS A 73 21.86 -11.24 -13.63
CA LYS A 73 21.17 -11.93 -14.71
C LYS A 73 20.68 -10.94 -15.77
N SER A 74 20.34 -11.46 -16.94
CA SER A 74 19.85 -10.63 -18.03
C SER A 74 18.37 -10.34 -17.86
N LYS A 75 17.71 -11.06 -16.96
CA LYS A 75 16.29 -10.89 -16.70
C LYS A 75 16.02 -9.58 -15.97
N GLU A 76 16.57 -9.46 -14.76
CA GLU A 76 16.46 -8.24 -13.98
C GLU A 76 15.00 -7.88 -13.70
N GLU A 77 14.25 -8.85 -13.19
CA GLU A 77 12.85 -8.63 -12.86
C GLU A 77 12.55 -9.04 -11.42
N VAL A 78 12.98 -8.19 -10.48
CA VAL A 78 12.72 -8.42 -9.07
C VAL A 78 11.80 -7.35 -8.50
N ASN A 79 10.61 -7.77 -8.07
CA ASN A 79 9.63 -6.85 -7.52
C ASN A 79 8.48 -7.60 -6.85
N ASP A 80 8.50 -7.63 -5.51
CA ASP A 80 7.49 -8.37 -4.76
C ASP A 80 6.38 -7.44 -4.28
N LYS A 81 6.39 -6.21 -4.78
CA LYS A 81 5.35 -5.24 -4.44
C LYS A 81 4.10 -5.46 -5.28
N ARG A 82 2.96 -5.07 -4.73
CA ARG A 82 1.75 -4.87 -5.53
C ARG A 82 1.38 -3.41 -5.28
N TYR A 83 0.81 -2.69 -6.27
CA TYR A 83 0.51 -1.21 -6.17
C TYR A 83 -0.98 -0.94 -6.12
N LEU A 84 -1.34 0.21 -5.56
CA LEU A 84 -2.73 0.48 -5.22
C LEU A 84 -3.13 1.94 -5.23
N ARG A 85 -4.19 2.22 -5.97
CA ARG A 85 -4.75 3.57 -6.07
C ARG A 85 -5.94 3.31 -5.17
N CYS A 86 -6.12 4.20 -4.27
CA CYS A 86 -6.85 3.86 -3.08
C CYS A 86 -7.48 5.14 -2.54
N PRO A 87 -8.71 5.10 -2.03
CA PRO A 87 -9.29 6.36 -1.43
C PRO A 87 -8.60 6.69 -0.10
N ALA A 88 -8.14 7.91 0.04
CA ALA A 88 -7.24 8.29 1.22
C ALA A 88 -7.85 8.08 2.64
N ALA A 89 -9.18 8.06 2.66
CA ALA A 89 -10.10 7.78 3.77
C ALA A 89 -10.10 6.36 4.29
N MET A 90 -9.52 5.47 3.53
CA MET A 90 -9.46 4.06 3.92
C MET A 90 -8.48 3.83 5.08
N THR A 91 -8.73 2.80 5.90
CA THR A 91 -7.96 2.59 7.13
C THR A 91 -7.13 1.37 7.07
N VAL A 92 -6.15 1.31 7.98
CA VAL A 92 -5.33 0.11 8.21
C VAL A 92 -6.21 -1.14 8.39
N MET A 93 -7.27 -0.98 9.21
CA MET A 93 -8.24 -2.05 9.41
C MET A 93 -8.70 -2.61 8.08
N HIS A 94 -9.10 -1.72 7.09
CA HIS A 94 -9.51 -2.12 5.71
C HIS A 94 -8.46 -2.81 4.90
N LEU A 95 -7.24 -2.36 4.99
CA LEU A 95 -6.19 -2.98 4.31
C LEU A 95 -5.88 -4.35 4.80
N ARG A 96 -5.82 -4.53 6.14
CA ARG A 96 -5.53 -5.82 6.69
C ARG A 96 -6.58 -6.81 6.18
N LYS A 97 -7.85 -6.36 6.10
CA LYS A 97 -8.98 -7.19 5.62
C LYS A 97 -8.84 -7.60 4.19
N PHE A 98 -8.18 -6.74 3.44
CA PHE A 98 -8.06 -6.90 2.07
C PHE A 98 -6.96 -7.92 1.88
N LEU A 99 -5.85 -7.71 2.59
CA LEU A 99 -4.83 -8.76 2.61
C LEU A 99 -5.36 -10.16 3.07
N ARG A 100 -6.07 -10.14 4.20
CA ARG A 100 -6.66 -11.32 4.78
C ARG A 100 -7.42 -12.10 3.72
N SER A 101 -8.36 -11.38 3.08
CA SER A 101 -9.00 -11.93 1.87
C SER A 101 -8.09 -12.25 0.64
N LYS A 102 -7.32 -11.31 0.07
CA LYS A 102 -6.42 -11.61 -1.06
C LYS A 102 -5.58 -12.90 -0.88
N MET A 103 -4.86 -13.03 0.23
CA MET A 103 -3.91 -14.16 0.48
C MET A 103 -4.59 -15.31 1.20
N ASP A 104 -5.92 -15.24 1.36
CA ASP A 104 -6.62 -16.27 2.13
C ASP A 104 -6.02 -16.60 3.55
N ILE A 105 -5.88 -15.59 4.37
CA ILE A 105 -5.12 -15.72 5.59
C ILE A 105 -6.05 -16.11 6.72
N PRO A 106 -5.87 -17.31 7.32
CA PRO A 106 -6.73 -17.77 8.40
C PRO A 106 -6.60 -16.98 9.70
N ASN A 107 -7.64 -17.12 10.54
CA ASN A 107 -7.74 -16.39 11.80
C ASN A 107 -6.74 -16.91 12.83
N THR A 108 -6.19 -18.07 12.51
CA THR A 108 -5.01 -18.58 13.16
C THR A 108 -3.79 -17.56 13.15
N PHE A 109 -3.80 -16.55 12.24
CA PHE A 109 -2.74 -15.57 12.23
C PHE A 109 -3.19 -14.12 12.38
N GLN A 110 -2.30 -13.26 12.92
CA GLN A 110 -2.49 -11.80 12.89
C GLN A 110 -1.76 -11.15 11.73
N ILE A 111 -2.21 -9.99 11.31
CA ILE A 111 -1.56 -9.17 10.26
C ILE A 111 -1.17 -7.81 10.77
N ASP A 112 0.10 -7.58 10.83
CA ASP A 112 0.61 -6.29 11.09
C ASP A 112 0.91 -5.51 9.75
N VAL A 113 0.17 -4.42 9.53
CA VAL A 113 0.47 -3.40 8.59
C VAL A 113 1.44 -2.30 9.14
N MET A 114 2.57 -2.13 8.45
CA MET A 114 3.61 -1.29 8.83
C MET A 114 4.03 -0.27 7.78
N TYR A 115 4.55 0.84 8.27
CA TYR A 115 5.11 1.84 7.40
C TYR A 115 6.56 1.45 7.10
N GLU A 116 7.36 1.36 8.14
CA GLU A 116 8.75 0.87 7.92
C GLU A 116 8.89 -0.43 8.73
N GLU A 117 9.29 -0.31 9.99
CA GLU A 117 9.44 -1.43 10.94
C GLU A 117 8.30 -1.36 11.92
N GLU A 118 7.55 -0.27 11.85
CA GLU A 118 6.55 -0.01 12.90
C GLU A 118 5.14 -0.22 12.44
N PRO A 119 4.43 -1.14 13.17
CA PRO A 119 3.03 -1.34 12.84
C PRO A 119 2.23 -0.06 13.19
N LEU A 120 1.04 -0.01 12.64
CA LEU A 120 0.19 1.09 12.60
C LEU A 120 -1.04 0.62 13.23
N LYS A 121 -1.76 1.56 13.80
CA LYS A 121 -2.95 1.31 14.52
C LYS A 121 -4.03 1.11 13.49
N ASP A 122 -4.96 0.26 13.80
CA ASP A 122 -6.01 -0.07 12.82
C ASP A 122 -6.97 1.16 12.43
N TYR A 123 -7.04 2.18 13.30
CA TYR A 123 -7.88 3.41 12.99
C TYR A 123 -7.15 4.38 11.99
N TYR A 124 -5.84 4.28 11.87
CA TYR A 124 -5.18 5.19 10.92
C TYR A 124 -5.73 5.15 9.47
N THR A 125 -6.05 6.32 8.99
CA THR A 125 -6.38 6.47 7.59
C THR A 125 -5.12 6.55 6.79
N LEU A 126 -5.21 6.30 5.49
CA LEU A 126 -4.01 6.50 4.63
C LEU A 126 -3.52 7.93 4.68
N MET A 127 -4.44 8.90 4.66
CA MET A 127 -3.97 10.31 4.99
C MET A 127 -3.20 10.44 6.30
N ASP A 128 -3.71 9.82 7.37
CA ASP A 128 -3.08 9.92 8.69
C ASP A 128 -1.65 9.47 8.61
N ILE A 129 -1.45 8.37 7.85
CA ILE A 129 -0.11 7.82 7.64
C ILE A 129 0.69 8.88 6.84
N ALA A 130 0.12 9.43 5.76
CA ALA A 130 0.97 10.31 4.97
C ALA A 130 1.37 11.53 5.88
N TYR A 131 0.40 12.01 6.67
CA TYR A 131 0.68 13.12 7.62
C TYR A 131 1.64 12.72 8.73
N ILE A 132 1.45 11.53 9.28
CA ILE A 132 2.44 11.14 10.28
C ILE A 132 3.78 10.95 9.84
N TYR A 133 3.96 10.31 8.67
CA TYR A 133 5.32 10.03 8.22
C TYR A 133 5.84 11.03 7.26
N THR A 134 5.09 12.12 7.08
CA THR A 134 5.51 13.22 6.27
C THR A 134 5.96 12.72 4.85
N TRP A 135 5.15 11.84 4.32
CA TRP A 135 5.27 11.45 2.92
C TRP A 135 5.02 12.66 2.06
N ARG A 136 5.84 12.80 1.01
CA ARG A 136 5.86 13.99 0.16
C ARG A 136 5.27 13.71 -1.27
N ARG A 137 4.44 12.70 -1.45
CA ARG A 137 3.98 12.34 -2.80
C ARG A 137 5.10 12.17 -3.83
N ASN A 138 6.24 11.69 -3.36
CA ASN A 138 7.31 11.21 -4.23
C ASN A 138 7.11 9.70 -4.19
N GLY A 139 6.58 9.18 -5.29
CA GLY A 139 6.24 7.77 -5.40
C GLY A 139 4.99 7.39 -4.67
N PRO A 140 4.59 6.09 -4.72
CA PRO A 140 3.53 5.61 -3.84
C PRO A 140 3.99 5.46 -2.38
N LEU A 141 3.01 5.52 -1.48
CA LEU A 141 3.24 5.37 -0.07
C LEU A 141 3.63 3.90 0.16
N PRO A 142 4.87 3.65 0.62
CA PRO A 142 5.28 2.29 0.71
C PRO A 142 4.87 1.64 2.04
N LEU A 143 3.88 0.71 1.97
CA LEU A 143 3.50 -0.18 3.07
C LEU A 143 4.00 -1.62 2.99
N LYS A 144 4.12 -2.17 4.18
CA LYS A 144 4.54 -3.50 4.34
C LYS A 144 3.60 -4.26 5.27
N TYR A 145 3.84 -5.57 5.29
CA TYR A 145 3.04 -6.44 6.05
C TYR A 145 3.66 -7.78 6.35
N ARG A 146 3.10 -8.34 7.41
CA ARG A 146 3.60 -9.49 8.07
C ARG A 146 2.47 -10.16 8.89
N VAL A 147 2.66 -11.47 9.05
CA VAL A 147 1.79 -12.36 9.77
C VAL A 147 2.50 -12.99 10.99
N ARG A 148 1.71 -13.11 12.04
CA ARG A 148 2.18 -13.67 13.32
C ARG A 148 1.10 -14.65 13.79
N PRO A 149 1.48 -15.76 14.44
CA PRO A 149 0.46 -16.60 15.04
C PRO A 149 -0.28 -15.80 16.13
N THR A 150 -1.57 -15.98 16.23
CA THR A 150 -2.29 -15.30 17.29
C THR A 150 -2.46 -16.19 18.57
N CYS A 151 -2.59 -15.55 19.74
CA CYS A 151 -3.01 -16.21 21.01
C CYS A 151 -2.74 -15.27 22.14
N PRO A 7 -0.42 -4.36 -17.66
CA PRO A 7 -0.54 -4.37 -16.20
C PRO A 7 -1.50 -5.45 -15.70
N GLN A 8 -1.71 -5.49 -14.39
CA GLN A 8 -2.62 -6.46 -13.80
C GLN A 8 -3.41 -5.84 -12.65
N ILE A 9 -4.61 -5.36 -12.95
CA ILE A 9 -5.44 -4.69 -11.96
C ILE A 9 -6.65 -5.54 -11.57
N LEU A 10 -6.89 -5.66 -10.27
CA LEU A 10 -8.01 -6.44 -9.77
C LEU A 10 -8.83 -5.64 -8.77
N THR A 11 -10.15 -5.84 -8.78
CA THR A 11 -11.04 -5.13 -7.88
C THR A 11 -11.31 -5.94 -6.62
N HIS A 12 -11.17 -5.29 -5.47
CA HIS A 12 -11.59 -5.88 -4.20
C HIS A 12 -12.34 -4.86 -3.35
N VAL A 13 -13.32 -5.33 -2.59
CA VAL A 13 -14.11 -4.47 -1.72
C VAL A 13 -13.67 -4.59 -0.27
N ILE A 14 -13.31 -3.47 0.34
CA ILE A 14 -13.16 -3.40 1.79
C ILE A 14 -13.97 -2.23 2.36
N GLU A 15 -14.62 -2.47 3.50
CA GLU A 15 -15.92 -1.89 3.77
C GLU A 15 -15.88 -0.37 3.62
N GLY A 16 -16.84 0.17 2.89
CA GLY A 16 -16.91 1.61 2.70
C GLY A 16 -16.11 2.07 1.49
N PHE A 17 -15.30 1.16 0.94
CA PHE A 17 -14.33 1.53 -0.09
C PHE A 17 -14.13 0.39 -1.07
N VAL A 18 -14.14 0.71 -2.37
CA VAL A 18 -13.63 -0.18 -3.39
C VAL A 18 -12.21 0.21 -3.80
N ILE A 19 -11.30 -0.75 -3.76
CA ILE A 19 -9.94 -0.54 -4.21
C ILE A 19 -9.55 -1.49 -5.32
N GLN A 20 -8.84 -0.99 -6.32
CA GLN A 20 -8.31 -1.83 -7.40
C GLN A 20 -6.80 -1.97 -7.28
N GLU A 21 -6.32 -3.21 -7.28
CA GLU A 21 -5.01 -3.52 -6.74
C GLU A 21 -4.22 -4.42 -7.69
N GLY A 22 -2.91 -4.22 -7.73
CA GLY A 22 -2.05 -5.13 -8.47
C GLY A 22 -0.93 -4.41 -9.19
N ALA A 23 -0.57 -4.90 -10.37
CA ALA A 23 0.55 -4.36 -11.12
C ALA A 23 0.17 -3.08 -11.85
N GLU A 24 0.07 -1.99 -11.09
CA GLU A 24 -0.25 -0.69 -11.66
C GLU A 24 0.90 -0.16 -12.51
N PRO A 25 0.56 0.42 -13.65
CA PRO A 25 1.57 0.79 -14.64
C PRO A 25 2.04 2.22 -14.43
N PHE A 26 1.43 2.91 -13.47
CA PHE A 26 1.66 4.34 -13.29
C PHE A 26 2.90 4.60 -12.45
N PRO A 27 3.05 3.84 -11.37
CA PRO A 27 4.18 3.99 -10.47
C PRO A 27 5.50 3.91 -11.24
N VAL A 28 5.53 3.06 -12.27
CA VAL A 28 6.76 2.80 -13.00
C VAL A 28 6.75 3.47 -14.37
N GLY A 29 5.69 3.21 -15.13
CA GLY A 29 5.59 3.69 -16.51
C GLY A 29 5.03 5.10 -16.54
N ARG A 30 3.70 5.20 -16.35
CA ARG A 30 3.01 6.47 -16.50
C ARG A 30 3.21 7.35 -15.26
N SER A 31 4.45 7.77 -15.04
CA SER A 31 4.81 8.47 -13.81
C SER A 31 4.25 9.88 -13.78
N SER A 32 3.67 10.30 -14.90
CA SER A 32 3.03 11.61 -14.98
C SER A 32 1.95 11.77 -13.93
N LEU A 33 1.39 10.64 -13.49
CA LEU A 33 0.45 10.64 -12.38
C LEU A 33 1.11 11.11 -11.09
N LEU A 34 2.36 10.69 -10.88
CA LEU A 34 3.09 11.08 -9.69
C LEU A 34 3.66 12.48 -9.81
N VAL A 35 3.78 12.96 -11.05
CA VAL A 35 4.20 14.33 -11.30
C VAL A 35 3.08 15.32 -10.99
N GLY A 36 1.89 15.03 -11.51
CA GLY A 36 0.73 15.87 -11.26
C GLY A 36 0.26 15.76 -9.81
N ASN A 37 0.99 16.40 -8.92
CA ASN A 37 0.70 16.30 -7.48
C ASN A 37 -0.46 17.20 -7.10
N LEU A 38 -1.68 16.75 -7.42
CA LEU A 38 -2.89 17.43 -6.97
C LEU A 38 -3.31 16.94 -5.59
N LYS A 39 -3.84 17.85 -4.79
CA LYS A 39 -4.24 17.54 -3.42
C LYS A 39 -5.03 18.68 -2.79
N GLY A 40 -6.24 18.37 -2.34
CA GLY A 40 -7.16 19.38 -1.83
C GLY A 40 -6.59 20.05 -0.58
N ASP A 41 -7.09 21.25 -0.27
CA ASP A 41 -6.81 21.89 0.99
C ASP A 41 -7.15 20.98 2.17
N LYS A 42 -6.46 21.17 3.28
CA LYS A 42 -6.48 20.20 4.37
C LYS A 42 -7.76 20.31 5.19
N ARG A 43 -8.67 19.37 5.00
CA ARG A 43 -9.98 19.41 5.63
C ARG A 43 -10.71 18.09 5.47
N ILE A 44 -11.84 17.96 6.16
CA ILE A 44 -12.67 16.76 6.07
C ILE A 44 -13.09 16.50 4.62
N ILE A 45 -13.44 17.56 3.91
CA ILE A 45 -13.94 17.44 2.55
C ILE A 45 -12.86 16.90 1.61
N THR A 46 -11.60 17.12 1.98
CA THR A 46 -10.48 16.62 1.19
C THR A 46 -10.53 15.10 1.05
N ASP A 47 -11.31 14.46 1.92
CA ASP A 47 -11.25 13.01 2.07
C ASP A 47 -11.65 12.31 0.77
N ASP A 48 -11.93 13.10 -0.26
CA ASP A 48 -12.48 12.58 -1.50
C ASP A 48 -11.33 12.34 -2.51
N GLU A 49 -10.14 12.02 -1.99
CA GLU A 49 -8.89 12.02 -2.68
C GLU A 49 -8.40 10.61 -2.74
N ILE A 50 -7.59 10.40 -3.80
CA ILE A 50 -7.03 9.15 -4.20
C ILE A 50 -5.59 9.15 -3.77
N ILE A 51 -5.22 8.07 -3.11
CA ILE A 51 -3.87 7.92 -2.71
C ILE A 51 -3.22 6.75 -3.45
N SER A 52 -2.03 6.98 -4.00
CA SER A 52 -1.32 5.92 -4.62
C SER A 52 -0.39 5.27 -3.57
N LEU A 53 -0.27 3.94 -3.62
CA LEU A 53 0.58 3.19 -2.73
C LEU A 53 1.08 1.82 -3.18
N SER A 54 2.09 1.31 -2.44
CA SER A 54 2.50 -0.05 -2.54
C SER A 54 2.39 -0.80 -1.23
N ILE A 55 2.38 -2.11 -1.44
CA ILE A 55 2.17 -3.15 -0.46
C ILE A 55 2.97 -4.41 -0.80
N GLU A 56 3.92 -4.74 0.05
CA GLU A 56 4.74 -5.91 -0.11
C GLU A 56 4.94 -6.61 1.29
N PHE A 57 5.30 -7.88 1.23
CA PHE A 57 5.56 -8.67 2.39
C PHE A 57 6.86 -8.26 3.03
N PHE A 58 6.79 -7.87 4.30
CA PHE A 58 7.97 -7.44 5.04
C PHE A 58 9.14 -8.39 4.80
N ASP A 59 10.34 -7.83 4.74
CA ASP A 59 11.44 -8.44 4.00
C ASP A 59 12.18 -9.46 4.86
N GLN A 60 11.43 -10.20 5.67
CA GLN A 60 12.02 -11.20 6.55
C GLN A 60 12.55 -12.39 5.76
N ASN A 61 11.88 -12.71 4.67
CA ASN A 61 12.32 -13.79 3.79
C ASN A 61 13.16 -13.25 2.64
N ARG A 62 13.65 -12.02 2.80
CA ARG A 62 14.53 -11.41 1.80
C ARG A 62 15.80 -10.89 2.43
N LEU A 63 15.73 -10.58 3.73
CA LEU A 63 16.87 -10.00 4.44
C LEU A 63 17.27 -8.66 3.84
N ASP A 64 16.28 -7.89 3.40
CA ASP A 64 16.54 -6.62 2.74
C ASP A 64 17.45 -6.81 1.53
N ARG A 65 17.14 -7.81 0.71
CA ARG A 65 17.91 -8.08 -0.49
C ARG A 65 17.01 -8.16 -1.72
N LYS A 66 17.59 -7.88 -2.89
CA LYS A 66 16.86 -8.02 -4.15
C LYS A 66 17.70 -8.75 -5.18
N VAL A 67 17.06 -9.64 -5.93
CA VAL A 67 17.77 -10.51 -6.86
C VAL A 67 18.54 -9.71 -7.89
N ASN A 68 17.86 -8.75 -8.53
CA ASN A 68 18.46 -7.95 -9.57
C ASN A 68 19.51 -7.00 -9.00
N LYS A 69 19.34 -6.62 -7.74
CA LYS A 69 20.30 -5.77 -7.05
C LYS A 69 21.62 -6.49 -6.84
N ASP A 70 21.54 -7.74 -6.39
CA ASP A 70 22.73 -8.57 -6.20
C ASP A 70 23.35 -8.96 -7.54
N LYS A 71 22.51 -9.26 -8.51
CA LYS A 71 22.96 -9.59 -9.85
C LYS A 71 21.91 -9.25 -10.91
N GLU A 72 22.19 -8.21 -11.70
CA GLU A 72 21.27 -7.79 -12.75
C GLU A 72 21.08 -8.90 -13.78
N LYS A 73 19.83 -9.22 -14.06
CA LYS A 73 19.50 -10.27 -15.02
C LYS A 73 18.66 -9.72 -16.18
N SER A 74 18.73 -10.41 -17.32
CA SER A 74 17.98 -9.99 -18.49
C SER A 74 16.51 -10.36 -18.38
N LYS A 75 16.19 -11.23 -17.43
CA LYS A 75 14.82 -11.63 -17.17
C LYS A 75 13.98 -10.45 -16.73
N GLU A 76 14.47 -9.71 -15.73
CA GLU A 76 13.82 -8.50 -15.27
C GLU A 76 12.40 -8.78 -14.79
N GLU A 77 12.26 -9.79 -13.94
CA GLU A 77 10.98 -10.11 -13.34
C GLU A 77 11.11 -10.29 -11.83
N VAL A 78 11.62 -9.26 -11.17
CA VAL A 78 11.80 -9.31 -9.72
C VAL A 78 11.11 -8.12 -9.05
N ASN A 79 9.96 -8.38 -8.44
CA ASN A 79 9.22 -7.34 -7.74
C ASN A 79 8.20 -7.95 -6.77
N ASP A 80 8.44 -7.74 -5.49
CA ASP A 80 7.60 -8.33 -4.45
C ASP A 80 6.45 -7.40 -4.07
N LYS A 81 6.41 -6.24 -4.73
CA LYS A 81 5.38 -5.25 -4.43
C LYS A 81 4.12 -5.48 -5.25
N ARG A 82 2.98 -5.09 -4.70
CA ARG A 82 1.77 -4.88 -5.51
C ARG A 82 1.40 -3.42 -5.25
N TYR A 83 0.83 -2.71 -6.25
CA TYR A 83 0.53 -1.24 -6.15
C TYR A 83 -0.96 -0.96 -6.11
N LEU A 84 -1.32 0.19 -5.56
CA LEU A 84 -2.70 0.46 -5.22
C LEU A 84 -3.11 1.92 -5.23
N ARG A 85 -4.17 2.19 -5.97
CA ARG A 85 -4.74 3.54 -6.07
C ARG A 85 -5.92 3.28 -5.18
N CYS A 86 -6.10 4.17 -4.28
CA CYS A 86 -6.83 3.84 -3.08
C CYS A 86 -7.46 5.12 -2.55
N PRO A 87 -8.70 5.08 -2.04
CA PRO A 87 -9.28 6.34 -1.44
C PRO A 87 -8.59 6.67 -0.12
N ALA A 88 -8.13 7.90 0.02
CA ALA A 88 -7.23 8.28 1.21
C ALA A 88 -7.85 8.08 2.61
N ALA A 89 -9.18 8.05 2.64
CA ALA A 89 -10.10 7.76 3.76
C ALA A 89 -10.09 6.35 4.28
N MET A 90 -9.51 5.45 3.52
CA MET A 90 -9.46 4.05 3.90
C MET A 90 -8.48 3.81 5.07
N THR A 91 -8.73 2.79 5.89
CA THR A 91 -7.96 2.58 7.12
C THR A 91 -7.13 1.37 7.06
N VAL A 92 -6.14 1.30 7.98
CA VAL A 92 -5.33 0.11 8.21
C VAL A 92 -6.21 -1.14 8.39
N MET A 93 -7.27 -0.98 9.21
CA MET A 93 -8.24 -2.06 9.42
C MET A 93 -8.70 -2.61 8.09
N HIS A 94 -9.10 -1.73 7.09
CA HIS A 94 -9.51 -2.13 5.71
C HIS A 94 -8.44 -2.83 4.91
N LEU A 95 -7.23 -2.37 5.00
CA LEU A 95 -6.17 -3.00 4.31
C LEU A 95 -5.88 -4.36 4.80
N ARG A 96 -5.81 -4.54 6.15
CA ARG A 96 -5.52 -5.83 6.71
C ARG A 96 -6.58 -6.81 6.19
N LYS A 97 -7.83 -6.37 6.11
CA LYS A 97 -8.96 -7.20 5.63
C LYS A 97 -8.82 -7.61 4.20
N PHE A 98 -8.16 -6.76 3.45
CA PHE A 98 -8.04 -6.91 2.09
C PHE A 98 -6.94 -7.93 1.90
N LEU A 99 -5.83 -7.73 2.59
CA LEU A 99 -4.81 -8.77 2.62
C LEU A 99 -5.34 -10.16 3.09
N ARG A 100 -6.06 -10.15 4.23
CA ARG A 100 -6.64 -11.34 4.79
C ARG A 100 -7.41 -12.10 3.74
N SER A 101 -8.34 -11.40 3.10
CA SER A 101 -8.98 -11.95 1.89
C SER A 101 -8.06 -12.27 0.65
N LYS A 102 -7.30 -11.33 0.10
CA LYS A 102 -6.39 -11.62 -1.04
C LYS A 102 -5.56 -12.92 -0.85
N MET A 103 -4.83 -13.04 0.26
CA MET A 103 -3.89 -14.17 0.52
C MET A 103 -4.56 -15.32 1.23
N ASP A 104 -5.89 -15.25 1.39
CA ASP A 104 -6.59 -16.28 2.16
C ASP A 104 -6.00 -16.60 3.58
N ILE A 105 -5.86 -15.61 4.39
CA ILE A 105 -5.09 -15.73 5.63
C ILE A 105 -6.03 -16.12 6.76
N PRO A 106 -5.84 -17.32 7.36
CA PRO A 106 -6.71 -17.77 8.44
C PRO A 106 -6.59 -16.99 9.73
N ASN A 107 -7.62 -17.11 10.57
CA ASN A 107 -7.73 -16.39 11.82
C ASN A 107 -6.73 -16.91 12.86
N THR A 108 -6.17 -18.07 12.55
CA THR A 108 -5.00 -18.57 13.19
C THR A 108 -3.78 -17.56 13.19
N PHE A 109 -3.79 -16.54 12.27
CA PHE A 109 -2.72 -15.55 12.26
C PHE A 109 -3.18 -14.10 12.41
N GLN A 110 -2.29 -13.25 12.95
CA GLN A 110 -2.49 -11.79 12.91
C GLN A 110 -1.75 -11.14 11.76
N ILE A 111 -2.20 -9.97 11.33
CA ILE A 111 -1.55 -9.17 10.28
C ILE A 111 -1.18 -7.81 10.79
N ASP A 112 0.11 -7.57 10.85
CA ASP A 112 0.61 -6.27 11.10
C ASP A 112 0.91 -5.50 9.77
N VAL A 113 0.17 -4.41 9.55
CA VAL A 113 0.48 -3.39 8.59
C VAL A 113 1.45 -2.29 9.15
N MET A 114 2.56 -2.12 8.46
CA MET A 114 3.61 -1.28 8.85
C MET A 114 4.03 -0.26 7.80
N TYR A 115 4.55 0.86 8.28
CA TYR A 115 5.11 1.84 7.41
C TYR A 115 6.56 1.46 7.12
N GLU A 116 7.36 1.36 8.15
CA GLU A 116 8.75 0.88 7.94
C GLU A 116 8.89 -0.42 8.75
N GLU A 117 9.30 -0.30 10.01
CA GLU A 117 9.44 -1.41 10.96
C GLU A 117 8.30 -1.35 11.94
N GLU A 118 7.54 -0.26 11.88
CA GLU A 118 6.55 0.01 12.92
C GLU A 118 5.13 -0.21 12.47
N PRO A 119 4.43 -1.13 13.18
CA PRO A 119 3.03 -1.32 12.85
C PRO A 119 2.23 -0.04 13.21
N LEU A 120 1.03 -0.01 12.65
CA LEU A 120 0.18 1.11 12.60
C LEU A 120 -1.06 0.63 13.24
N LYS A 121 -1.77 1.58 13.80
CA LYS A 121 -2.95 1.31 14.52
C LYS A 121 -4.03 1.12 13.49
N ASP A 122 -4.96 0.27 13.80
CA ASP A 122 -6.02 -0.06 12.82
C ASP A 122 -6.97 1.16 12.43
N TYR A 123 -7.05 2.19 13.30
CA TYR A 123 -7.88 3.41 12.99
C TYR A 123 -7.16 4.39 11.98
N TYR A 124 -5.84 4.28 11.86
CA TYR A 124 -5.20 5.19 10.92
C TYR A 124 -5.74 5.15 9.47
N THR A 125 -6.05 6.32 8.98
CA THR A 125 -6.38 6.47 7.58
C THR A 125 -5.11 6.54 6.78
N LEU A 126 -5.21 6.29 5.48
CA LEU A 126 -4.02 6.49 4.62
C LEU A 126 -3.52 7.93 4.67
N MET A 127 -4.44 8.89 4.65
CA MET A 127 -3.98 10.30 4.97
C MET A 127 -3.20 10.45 6.29
N ASP A 128 -3.71 9.82 7.36
CA ASP A 128 -3.09 9.92 8.68
C ASP A 128 -1.65 9.47 8.60
N ILE A 129 -1.45 8.37 7.85
CA ILE A 129 -0.12 7.82 7.63
C ILE A 129 0.69 8.88 6.84
N ALA A 130 0.11 9.43 5.75
CA ALA A 130 0.97 10.32 4.96
C ALA A 130 1.37 11.53 5.87
N TYR A 131 0.40 12.02 6.66
CA TYR A 131 0.67 13.13 7.61
C TYR A 131 1.64 12.73 8.72
N ILE A 132 1.44 11.53 9.27
CA ILE A 132 2.42 11.14 10.27
C ILE A 132 3.76 10.95 9.83
N TYR A 133 3.96 10.32 8.67
CA TYR A 133 5.31 10.03 8.22
C TYR A 133 5.84 11.04 7.26
N THR A 134 5.07 12.13 7.08
CA THR A 134 5.51 13.22 6.26
C THR A 134 5.96 12.73 4.85
N TRP A 135 5.13 11.85 4.32
CA TRP A 135 5.27 11.45 2.92
C TRP A 135 5.02 12.66 2.06
N ARG A 136 5.83 12.79 1.01
CA ARG A 136 5.86 13.98 0.14
C ARG A 136 5.28 13.70 -1.28
N ARG A 137 4.44 12.69 -1.45
CA ARG A 137 3.98 12.33 -2.81
C ARG A 137 5.11 12.15 -3.83
N ASN A 138 6.26 11.68 -3.36
CA ASN A 138 7.31 11.20 -4.23
C ASN A 138 7.11 9.69 -4.19
N GLY A 139 6.59 9.16 -5.28
CA GLY A 139 6.26 7.76 -5.39
C GLY A 139 5.00 7.37 -4.66
N PRO A 140 4.61 6.08 -4.71
CA PRO A 140 3.55 5.60 -3.83
C PRO A 140 4.00 5.44 -2.37
N LEU A 141 3.03 5.51 -1.47
CA LEU A 141 3.26 5.36 -0.07
C LEU A 141 3.65 3.90 0.16
N PRO A 142 4.87 3.65 0.64
CA PRO A 142 5.29 2.28 0.73
C PRO A 142 4.88 1.64 2.06
N LEU A 143 3.90 0.71 1.97
CA LEU A 143 3.51 -0.17 3.08
C LEU A 143 4.01 -1.62 3.02
N LYS A 144 4.13 -2.17 4.20
CA LYS A 144 4.54 -3.50 4.36
C LYS A 144 3.61 -4.26 5.30
N TYR A 145 3.85 -5.57 5.30
CA TYR A 145 3.05 -6.44 6.06
C TYR A 145 3.67 -7.78 6.38
N ARG A 146 3.11 -8.34 7.44
CA ARG A 146 3.60 -9.48 8.10
C ARG A 146 2.47 -10.15 8.91
N VAL A 147 2.68 -11.47 9.08
CA VAL A 147 1.82 -12.35 9.80
C VAL A 147 2.51 -12.98 11.03
N ARG A 148 1.71 -13.10 12.08
CA ARG A 148 2.19 -13.66 13.35
C ARG A 148 1.10 -14.63 13.83
N PRO A 149 1.50 -15.74 14.48
CA PRO A 149 0.47 -16.58 15.09
C PRO A 149 -0.28 -15.79 16.16
N THR A 150 -1.57 -15.96 16.26
CA THR A 150 -2.29 -15.29 17.32
C THR A 150 -2.46 -16.18 18.61
N CYS A 151 -2.59 -15.53 19.77
CA CYS A 151 -3.00 -16.19 21.04
C CYS A 151 -2.74 -15.24 22.17
N PRO A 7 -4.69 -9.19 -17.03
CA PRO A 7 -4.97 -9.85 -15.74
C PRO A 7 -3.88 -9.59 -14.72
N GLN A 8 -3.81 -8.36 -14.22
CA GLN A 8 -2.81 -7.98 -13.23
C GLN A 8 -3.45 -7.17 -12.11
N ILE A 9 -4.47 -6.40 -12.44
CA ILE A 9 -5.19 -5.61 -11.46
C ILE A 9 -6.58 -6.17 -11.20
N LEU A 10 -6.95 -6.28 -9.93
CA LEU A 10 -8.20 -6.93 -9.55
C LEU A 10 -8.96 -6.10 -8.52
N THR A 11 -10.28 -6.20 -8.55
CA THR A 11 -11.13 -5.40 -7.66
C THR A 11 -11.45 -6.17 -6.38
N HIS A 12 -11.29 -5.50 -5.24
CA HIS A 12 -11.75 -6.03 -3.97
C HIS A 12 -12.47 -4.96 -3.16
N VAL A 13 -13.48 -5.37 -2.40
CA VAL A 13 -14.23 -4.45 -1.56
C VAL A 13 -13.78 -4.55 -0.10
N ILE A 14 -13.38 -3.43 0.46
CA ILE A 14 -13.19 -3.31 1.91
C ILE A 14 -13.97 -2.12 2.47
N GLU A 15 -14.59 -2.32 3.62
CA GLU A 15 -15.90 -1.73 3.89
C GLU A 15 -15.86 -0.21 3.71
N GLY A 16 -16.83 0.31 2.96
CA GLY A 16 -16.88 1.74 2.72
C GLY A 16 -16.10 2.14 1.49
N PHE A 17 -15.30 1.22 0.96
CA PHE A 17 -14.35 1.55 -0.09
C PHE A 17 -14.14 0.36 -1.03
N VAL A 18 -14.17 0.62 -2.33
CA VAL A 18 -13.66 -0.32 -3.32
C VAL A 18 -12.26 0.07 -3.76
N ILE A 19 -11.34 -0.89 -3.70
CA ILE A 19 -9.97 -0.68 -4.15
C ILE A 19 -9.57 -1.70 -5.20
N GLN A 20 -8.88 -1.25 -6.24
CA GLN A 20 -8.31 -2.15 -7.23
C GLN A 20 -6.78 -2.16 -7.14
N GLU A 21 -6.20 -3.36 -7.08
CA GLU A 21 -4.80 -3.52 -6.74
C GLU A 21 -4.10 -4.45 -7.72
N GLY A 22 -2.83 -4.17 -8.01
CA GLY A 22 -2.09 -4.99 -8.94
C GLY A 22 -0.91 -4.25 -9.56
N ALA A 23 -0.53 -4.65 -10.77
CA ALA A 23 0.54 -3.98 -11.50
C ALA A 23 0.02 -2.71 -12.16
N GLU A 24 -0.28 -1.70 -11.35
CA GLU A 24 -0.90 -0.48 -11.84
C GLU A 24 0.08 0.33 -12.70
N PRO A 25 -0.44 0.91 -13.78
CA PRO A 25 0.37 1.74 -14.66
C PRO A 25 0.59 3.12 -14.08
N PHE A 26 1.33 3.95 -14.81
CA PHE A 26 1.57 5.33 -14.39
C PHE A 26 0.31 6.16 -14.43
N PRO A 27 0.22 7.16 -13.55
CA PRO A 27 -0.98 7.97 -13.44
C PRO A 27 -1.04 9.02 -14.55
N VAL A 28 -1.02 8.55 -15.80
CA VAL A 28 -1.19 9.43 -16.95
C VAL A 28 -2.24 8.90 -17.90
N GLY A 29 -2.68 7.66 -17.65
CA GLY A 29 -3.71 7.05 -18.48
C GLY A 29 -5.08 7.68 -18.22
N ARG A 30 -5.29 8.86 -18.79
CA ARG A 30 -6.56 9.56 -18.63
C ARG A 30 -7.69 8.82 -19.35
N SER A 31 -7.37 8.23 -20.49
CA SER A 31 -8.32 7.43 -21.23
C SER A 31 -8.59 6.10 -20.53
N SER A 32 -9.86 5.72 -20.47
CA SER A 32 -10.26 4.48 -19.80
C SER A 32 -11.60 3.98 -20.32
N LEU A 33 -11.75 2.66 -20.37
CA LEU A 33 -13.00 2.05 -20.79
C LEU A 33 -13.78 1.49 -19.61
N LEU A 34 -13.32 1.81 -18.40
CA LEU A 34 -13.92 1.29 -17.19
C LEU A 34 -15.19 2.06 -16.83
N VAL A 35 -16.26 1.79 -17.58
CA VAL A 35 -17.52 2.52 -17.40
C VAL A 35 -18.09 2.30 -16.00
N GLY A 36 -17.86 1.11 -15.46
CA GLY A 36 -18.38 0.76 -14.14
C GLY A 36 -17.89 1.74 -13.08
N ASN A 37 -16.69 2.29 -13.29
CA ASN A 37 -16.06 3.15 -12.29
C ASN A 37 -16.49 4.60 -12.47
N LEU A 38 -17.42 4.83 -13.39
CA LEU A 38 -18.00 6.16 -13.58
C LEU A 38 -19.18 6.38 -12.65
N LYS A 39 -19.60 5.32 -11.97
CA LYS A 39 -20.69 5.41 -11.00
C LYS A 39 -20.31 6.32 -9.83
N GLY A 40 -21.16 7.28 -9.53
CA GLY A 40 -20.90 8.25 -8.47
C GLY A 40 -21.63 7.88 -7.20
N ASP A 41 -20.89 7.74 -6.10
CA ASP A 41 -21.46 7.39 -4.81
C ASP A 41 -21.53 8.60 -3.90
N LYS A 42 -22.72 9.21 -3.81
CA LYS A 42 -22.88 10.47 -3.09
C LYS A 42 -22.94 10.23 -1.58
N ARG A 43 -22.78 8.97 -1.18
CA ARG A 43 -22.80 8.61 0.24
C ARG A 43 -21.46 8.88 0.90
N ILE A 44 -20.43 9.08 0.08
CA ILE A 44 -19.07 9.21 0.59
C ILE A 44 -18.75 10.66 0.94
N ILE A 45 -18.72 10.95 2.23
CA ILE A 45 -18.28 12.26 2.71
C ILE A 45 -16.85 12.22 3.21
N THR A 46 -16.32 11.02 3.38
CA THR A 46 -14.89 10.84 3.60
C THR A 46 -14.07 11.38 2.44
N ASP A 47 -12.85 11.81 2.73
CA ASP A 47 -12.09 12.65 1.81
C ASP A 47 -12.01 12.02 0.43
N ASP A 48 -12.28 12.82 -0.59
CA ASP A 48 -12.77 12.29 -1.87
C ASP A 48 -11.58 12.11 -2.83
N GLU A 49 -10.41 11.81 -2.27
CA GLU A 49 -9.13 11.85 -2.92
C GLU A 49 -8.60 10.45 -2.99
N ILE A 50 -7.75 10.28 -4.02
CA ILE A 50 -7.14 9.05 -4.42
C ILE A 50 -5.72 9.08 -3.95
N ILE A 51 -5.35 8.00 -3.28
CA ILE A 51 -4.00 7.87 -2.84
C ILE A 51 -3.30 6.73 -3.59
N SER A 52 -2.11 7.00 -4.08
CA SER A 52 -1.35 5.96 -4.70
C SER A 52 -0.44 5.34 -3.63
N LEU A 53 -0.28 4.00 -3.69
CA LEU A 53 0.55 3.26 -2.78
C LEU A 53 1.10 1.91 -3.24
N SER A 54 2.11 1.40 -2.47
CA SER A 54 2.55 0.07 -2.58
C SER A 54 2.41 -0.71 -1.28
N ILE A 55 2.44 -2.02 -1.51
CA ILE A 55 2.22 -3.08 -0.55
C ILE A 55 3.07 -4.31 -0.89
N GLU A 56 4.00 -4.64 -0.02
CA GLU A 56 4.85 -5.78 -0.16
C GLU A 56 5.02 -6.49 1.23
N PHE A 57 5.42 -7.76 1.17
CA PHE A 57 5.66 -8.56 2.32
C PHE A 57 6.92 -8.12 3.01
N PHE A 58 6.80 -7.76 4.28
CA PHE A 58 7.94 -7.30 5.07
C PHE A 58 9.14 -8.23 4.86
N ASP A 59 10.33 -7.63 4.84
CA ASP A 59 11.47 -8.22 4.13
C ASP A 59 12.04 -9.40 4.90
N GLN A 60 11.31 -9.88 5.89
CA GLN A 60 11.71 -11.06 6.64
C GLN A 60 11.91 -12.25 5.72
N ASN A 61 11.10 -12.34 4.68
CA ASN A 61 11.20 -13.43 3.72
C ASN A 61 12.52 -13.39 2.96
N ARG A 62 13.13 -12.21 2.92
CA ARG A 62 14.37 -12.01 2.17
C ARG A 62 15.57 -11.95 3.11
N LEU A 63 15.34 -12.25 4.38
CA LEU A 63 16.40 -12.22 5.37
C LEU A 63 17.02 -10.83 5.48
N ASP A 64 16.21 -9.81 5.24
CA ASP A 64 16.68 -8.42 5.30
C ASP A 64 17.76 -8.17 4.25
N ARG A 65 17.73 -8.95 3.18
CA ARG A 65 18.66 -8.78 2.08
C ARG A 65 17.95 -8.40 0.78
N LYS A 66 18.66 -7.75 -0.13
CA LYS A 66 18.11 -7.40 -1.43
C LYS A 66 18.55 -8.39 -2.50
N VAL A 67 17.57 -9.07 -3.10
CA VAL A 67 17.86 -10.12 -4.07
C VAL A 67 18.65 -9.57 -5.25
N ASN A 68 18.34 -8.34 -5.65
CA ASN A 68 18.96 -7.73 -6.81
C ASN A 68 20.46 -7.56 -6.59
N LYS A 69 20.89 -7.57 -5.33
CA LYS A 69 22.30 -7.43 -5.00
C LYS A 69 22.96 -8.79 -4.84
N ASP A 70 22.34 -9.65 -4.03
CA ASP A 70 22.94 -10.93 -3.69
C ASP A 70 22.91 -11.89 -4.88
N LYS A 71 21.84 -11.85 -5.65
CA LYS A 71 21.68 -12.71 -6.81
C LYS A 71 22.00 -11.97 -8.10
N GLU A 72 22.38 -12.73 -9.12
CA GLU A 72 22.69 -12.14 -10.42
C GLU A 72 21.49 -12.18 -11.35
N LYS A 73 21.02 -11.00 -11.76
CA LYS A 73 19.87 -10.90 -12.64
C LYS A 73 20.26 -10.36 -14.01
N SER A 74 19.56 -10.82 -15.05
CA SER A 74 19.85 -10.39 -16.41
C SER A 74 19.15 -9.07 -16.74
N LYS A 75 18.06 -8.80 -16.03
CA LYS A 75 17.31 -7.55 -16.21
C LYS A 75 17.46 -6.65 -15.00
N GLU A 76 17.70 -7.25 -13.84
CA GLU A 76 17.87 -6.49 -12.60
C GLU A 76 16.60 -5.71 -12.28
N GLU A 77 15.46 -6.40 -12.28
CA GLU A 77 14.18 -5.76 -12.01
C GLU A 77 13.45 -6.45 -10.87
N VAL A 78 14.09 -6.51 -9.71
CA VAL A 78 13.49 -7.11 -8.52
C VAL A 78 12.55 -6.13 -7.83
N ASN A 79 11.25 -6.40 -7.92
CA ASN A 79 10.24 -5.52 -7.35
C ASN A 79 9.06 -6.31 -6.81
N ASP A 80 9.16 -6.76 -5.56
CA ASP A 80 8.17 -7.64 -4.98
C ASP A 80 7.06 -6.86 -4.30
N LYS A 81 6.43 -5.96 -5.05
CA LYS A 81 5.31 -5.19 -4.55
C LYS A 81 4.03 -5.49 -5.34
N ARG A 82 2.90 -5.10 -4.77
CA ARG A 82 1.68 -4.87 -5.57
C ARG A 82 1.33 -3.42 -5.30
N TYR A 83 0.76 -2.70 -6.29
CA TYR A 83 0.46 -1.22 -6.19
C TYR A 83 -1.03 -0.94 -6.14
N LEU A 84 -1.37 0.21 -5.58
CA LEU A 84 -2.75 0.49 -5.23
C LEU A 84 -3.16 1.95 -5.24
N ARG A 85 -4.22 2.24 -5.96
CA ARG A 85 -4.78 3.58 -6.05
C ARG A 85 -5.96 3.33 -5.16
N CYS A 86 -6.14 4.22 -4.26
CA CYS A 86 -6.86 3.89 -3.06
C CYS A 86 -7.48 5.16 -2.52
N PRO A 87 -8.71 5.13 -2.00
CA PRO A 87 -9.27 6.39 -1.39
C PRO A 87 -8.58 6.72 -0.08
N ALA A 88 -8.12 7.94 0.07
CA ALA A 88 -7.20 8.31 1.25
C ALA A 88 -7.81 8.10 2.66
N ALA A 89 -9.14 8.08 2.70
CA ALA A 89 -10.05 7.81 3.81
C ALA A 89 -10.05 6.39 4.33
N MET A 90 -9.49 5.50 3.56
CA MET A 90 -9.44 4.09 3.94
C MET A 90 -8.45 3.84 5.11
N THR A 91 -8.69 2.82 5.92
CA THR A 91 -7.93 2.60 7.15
C THR A 91 -7.11 1.38 7.08
N VAL A 92 -6.12 1.32 7.98
CA VAL A 92 -5.32 0.10 8.22
C VAL A 92 -6.19 -1.14 8.39
N MET A 93 -7.24 -0.98 9.22
CA MET A 93 -8.22 -2.05 9.43
C MET A 93 -8.70 -2.59 8.10
N HIS A 94 -9.10 -1.71 7.11
CA HIS A 94 -9.51 -2.10 5.73
C HIS A 94 -8.46 -2.79 4.91
N LEU A 95 -7.24 -2.35 5.00
CA LEU A 95 -6.19 -2.97 4.31
C LEU A 95 -5.90 -4.35 4.80
N ARG A 96 -5.83 -4.54 6.14
CA ARG A 96 -5.53 -5.82 6.69
C ARG A 96 -6.61 -6.80 6.17
N LYS A 97 -7.86 -6.35 6.10
CA LYS A 97 -8.99 -7.17 5.63
C LYS A 97 -8.86 -7.58 4.19
N PHE A 98 -8.21 -6.73 3.45
CA PHE A 98 -8.10 -6.87 2.08
C PHE A 98 -7.00 -7.90 1.88
N LEU A 99 -5.89 -7.71 2.57
CA LEU A 99 -4.87 -8.76 2.59
C LEU A 99 -5.41 -10.15 3.06
N ARG A 100 -6.12 -10.14 4.20
CA ARG A 100 -6.70 -11.32 4.76
C ARG A 100 -7.48 -12.08 3.71
N SER A 101 -8.40 -11.36 3.08
CA SER A 101 -9.06 -11.91 1.87
C SER A 101 -8.15 -12.23 0.64
N LYS A 102 -7.39 -11.30 0.07
CA LYS A 102 -6.49 -11.59 -1.07
C LYS A 102 -5.67 -12.89 -0.90
N MET A 103 -4.92 -13.02 0.21
CA MET A 103 -3.99 -14.16 0.46
C MET A 103 -4.68 -15.30 1.17
N ASP A 104 -5.99 -15.23 1.33
CA ASP A 104 -6.70 -16.25 2.11
C ASP A 104 -6.10 -16.59 3.53
N ILE A 105 -5.95 -15.59 4.34
CA ILE A 105 -5.17 -15.73 5.57
C ILE A 105 -6.10 -16.12 6.70
N PRO A 106 -5.93 -17.31 7.29
CA PRO A 106 -6.78 -17.77 8.39
C PRO A 106 -6.65 -16.98 9.67
N ASN A 107 -7.67 -17.11 10.53
CA ASN A 107 -7.78 -16.38 11.79
C ASN A 107 -6.77 -16.92 12.82
N THR A 108 -6.23 -18.07 12.49
CA THR A 108 -5.05 -18.60 13.12
C THR A 108 -3.82 -17.58 13.11
N PHE A 109 -3.83 -16.57 12.20
CA PHE A 109 -2.76 -15.58 12.19
C PHE A 109 -3.21 -14.13 12.35
N GLN A 110 -2.31 -13.28 12.89
CA GLN A 110 -2.50 -11.82 12.86
C GLN A 110 -1.77 -11.18 11.70
N ILE A 111 -2.22 -10.01 11.27
CA ILE A 111 -1.57 -9.21 10.23
C ILE A 111 -1.18 -7.85 10.74
N ASP A 112 0.11 -7.62 10.80
CA ASP A 112 0.61 -6.32 11.04
C ASP A 112 0.92 -5.55 9.71
N VAL A 113 0.17 -4.45 9.50
CA VAL A 113 0.48 -3.43 8.55
C VAL A 113 1.46 -2.33 9.10
N MET A 114 2.58 -2.18 8.41
CA MET A 114 3.63 -1.34 8.79
C MET A 114 4.05 -0.32 7.74
N TYR A 115 4.58 0.80 8.22
CA TYR A 115 5.14 1.79 7.35
C TYR A 115 6.59 1.40 7.06
N GLU A 116 7.39 1.30 8.08
CA GLU A 116 8.78 0.81 7.86
C GLU A 116 8.92 -0.51 8.67
N GLU A 117 9.33 -0.40 9.92
CA GLU A 117 9.47 -1.51 10.87
C GLU A 117 8.34 -1.44 11.85
N GLU A 118 7.58 -0.35 11.80
CA GLU A 118 6.60 -0.08 12.85
C GLU A 118 5.18 -0.28 12.40
N PRO A 119 4.48 -1.20 13.12
CA PRO A 119 3.07 -1.39 12.80
C PRO A 119 2.29 -0.10 13.16
N LEU A 120 1.08 -0.06 12.62
CA LEU A 120 0.24 1.05 12.57
C LEU A 120 -1.00 0.58 13.21
N LYS A 121 -1.70 1.54 13.79
CA LYS A 121 -2.88 1.27 14.51
C LYS A 121 -3.97 1.09 13.49
N ASP A 122 -4.90 0.24 13.80
CA ASP A 122 -5.97 -0.06 12.82
C ASP A 122 -6.92 1.15 12.45
N TYR A 123 -6.98 2.17 13.31
CA TYR A 123 -7.81 3.41 13.01
C TYR A 123 -7.08 4.38 12.00
N TYR A 124 -5.78 4.27 11.88
CA TYR A 124 -5.12 5.18 10.94
C TYR A 124 -5.68 5.14 9.48
N THR A 125 -5.99 6.32 9.00
CA THR A 125 -6.33 6.47 7.61
C THR A 125 -5.06 6.56 6.80
N LEU A 126 -5.17 6.30 5.50
CA LEU A 126 -3.98 6.50 4.64
C LEU A 126 -3.47 7.93 4.68
N MET A 127 -4.39 8.90 4.68
CA MET A 127 -3.91 10.31 5.01
C MET A 127 -3.13 10.43 6.31
N ASP A 128 -3.63 9.81 7.38
CA ASP A 128 -3.01 9.90 8.70
C ASP A 128 -1.59 9.45 8.61
N ILE A 129 -1.39 8.34 7.85
CA ILE A 129 -0.05 7.80 7.64
C ILE A 129 0.75 8.85 6.83
N ALA A 130 0.18 9.40 5.75
CA ALA A 130 1.03 10.28 4.96
C ALA A 130 1.45 11.49 5.87
N TYR A 131 0.48 11.98 6.67
CA TYR A 131 0.77 13.10 7.62
C TYR A 131 1.73 12.68 8.73
N ILE A 132 1.54 11.50 9.27
CA ILE A 132 2.52 11.09 10.26
C ILE A 132 3.86 10.90 9.81
N TYR A 133 4.04 10.26 8.64
CA TYR A 133 5.39 9.97 8.20
C TYR A 133 5.92 10.97 7.23
N THR A 134 5.16 12.07 7.05
CA THR A 134 5.59 13.17 6.24
C THR A 134 6.04 12.67 4.82
N TRP A 135 5.20 11.80 4.29
CA TRP A 135 5.33 11.40 2.89
C TRP A 135 5.08 12.62 2.04
N ARG A 136 5.88 12.75 0.98
CA ARG A 136 5.91 13.94 0.12
C ARG A 136 5.31 13.68 -1.29
N ARG A 137 4.48 12.67 -1.46
CA ARG A 137 4.00 12.31 -2.81
C ARG A 137 5.13 12.14 -3.85
N ASN A 138 6.27 11.65 -3.38
CA ASN A 138 7.33 11.17 -4.27
C ASN A 138 7.12 9.66 -4.23
N GLY A 139 6.58 9.14 -5.32
CA GLY A 139 6.24 7.74 -5.44
C GLY A 139 4.99 7.36 -4.69
N PRO A 140 4.59 6.07 -4.75
CA PRO A 140 3.53 5.58 -3.87
C PRO A 140 3.99 5.43 -2.41
N LEU A 141 3.01 5.49 -1.50
CA LEU A 141 3.26 5.34 -0.11
C LEU A 141 3.64 3.86 0.12
N PRO A 142 4.87 3.61 0.58
CA PRO A 142 5.29 2.24 0.67
C PRO A 142 4.87 1.60 2.00
N LEU A 143 3.89 0.68 1.92
CA LEU A 143 3.50 -0.21 3.02
C LEU A 143 3.98 -1.66 2.95
N LYS A 144 4.12 -2.21 4.14
CA LYS A 144 4.53 -3.54 4.29
C LYS A 144 3.59 -4.30 5.22
N TYR A 145 3.82 -5.61 5.23
CA TYR A 145 3.02 -6.47 5.99
C TYR A 145 3.64 -7.83 6.30
N ARG A 146 3.08 -8.39 7.35
CA ARG A 146 3.57 -9.53 8.01
C ARG A 146 2.45 -10.20 8.83
N VAL A 147 2.64 -11.51 8.98
CA VAL A 147 1.77 -12.40 9.72
C VAL A 147 2.47 -13.03 10.94
N ARG A 148 1.68 -13.16 11.99
CA ARG A 148 2.16 -13.73 13.26
C ARG A 148 1.08 -14.69 13.74
N PRO A 149 1.47 -15.80 14.39
CA PRO A 149 0.43 -16.64 14.99
C PRO A 149 -0.30 -15.84 16.08
N THR A 150 -1.59 -16.01 16.19
CA THR A 150 -2.30 -15.34 17.26
C THR A 150 -2.47 -16.23 18.53
N CYS A 151 -2.58 -15.59 19.69
CA CYS A 151 -2.99 -16.26 20.97
C CYS A 151 -2.71 -15.31 22.10
N PRO A 7 -5.19 -12.04 -15.21
CA PRO A 7 -5.70 -13.05 -14.27
C PRO A 7 -4.76 -13.26 -13.08
N GLN A 8 -4.84 -12.35 -12.11
CA GLN A 8 -3.96 -12.39 -10.95
C GLN A 8 -4.18 -11.18 -10.05
N ILE A 9 -4.32 -10.01 -10.66
CA ILE A 9 -4.51 -8.78 -9.91
C ILE A 9 -5.95 -8.28 -10.05
N LEU A 10 -6.47 -7.71 -8.96
CA LEU A 10 -7.89 -7.87 -8.62
C LEU A 10 -8.47 -6.56 -8.11
N THR A 11 -9.77 -6.36 -8.35
CA THR A 11 -10.55 -5.41 -7.56
C THR A 11 -11.21 -6.09 -6.37
N HIS A 12 -11.08 -5.47 -5.21
CA HIS A 12 -11.61 -6.03 -3.97
C HIS A 12 -12.33 -4.98 -3.15
N VAL A 13 -13.38 -5.39 -2.44
CA VAL A 13 -14.15 -4.47 -1.61
C VAL A 13 -13.73 -4.58 -0.14
N ILE A 14 -13.32 -3.46 0.43
CA ILE A 14 -13.13 -3.37 1.88
C ILE A 14 -13.90 -2.20 2.47
N GLU A 15 -14.49 -2.40 3.63
CA GLU A 15 -15.80 -1.83 3.93
C GLU A 15 -15.79 -0.32 3.75
N GLY A 16 -16.79 0.19 3.04
CA GLY A 16 -16.87 1.62 2.78
C GLY A 16 -16.11 2.05 1.55
N PHE A 17 -15.31 1.13 1.00
CA PHE A 17 -14.38 1.48 -0.07
C PHE A 17 -14.18 0.30 -1.01
N VAL A 18 -14.18 0.58 -2.32
CA VAL A 18 -13.67 -0.34 -3.31
C VAL A 18 -12.26 0.05 -3.72
N ILE A 19 -11.33 -0.91 -3.66
CA ILE A 19 -9.97 -0.70 -4.14
C ILE A 19 -9.60 -1.73 -5.20
N GLN A 20 -8.94 -1.29 -6.26
CA GLN A 20 -8.35 -2.19 -7.23
C GLN A 20 -6.83 -2.18 -7.14
N GLU A 21 -6.23 -3.36 -7.09
CA GLU A 21 -4.81 -3.49 -6.79
C GLU A 21 -4.10 -4.32 -7.85
N GLY A 22 -2.89 -3.92 -8.21
CA GLY A 22 -2.26 -4.43 -9.41
C GLY A 22 -0.77 -4.67 -9.23
N ALA A 23 -0.11 -5.14 -10.29
CA ALA A 23 1.33 -5.31 -10.28
C ALA A 23 1.94 -4.92 -11.62
N GLU A 24 1.13 -4.28 -12.46
CA GLU A 24 1.59 -3.87 -13.79
C GLU A 24 2.63 -2.77 -13.69
N PRO A 25 3.67 -2.88 -14.51
CA PRO A 25 4.81 -1.98 -14.43
C PRO A 25 4.62 -0.77 -15.37
N PHE A 26 3.37 -0.41 -15.61
CA PHE A 26 3.05 0.64 -16.56
C PHE A 26 3.75 1.94 -16.19
N PRO A 27 4.62 2.42 -17.08
CA PRO A 27 5.33 3.67 -16.86
C PRO A 27 4.36 4.83 -16.68
N VAL A 28 4.66 5.75 -15.77
CA VAL A 28 3.82 6.92 -15.58
C VAL A 28 4.62 8.21 -15.65
N GLY A 29 3.94 9.33 -15.83
CA GLY A 29 4.59 10.62 -15.95
C GLY A 29 4.79 11.26 -14.57
N ARG A 30 4.11 10.71 -13.57
CA ARG A 30 4.24 11.20 -12.20
C ARG A 30 3.80 12.65 -12.09
N SER A 31 2.86 13.04 -12.94
CA SER A 31 2.32 14.40 -12.92
C SER A 31 1.17 14.51 -11.93
N SER A 32 0.51 13.39 -11.65
CA SER A 32 -0.60 13.36 -10.72
C SER A 32 -0.13 13.46 -9.28
N LEU A 33 1.18 13.35 -9.10
CA LEU A 33 1.77 13.47 -7.77
C LEU A 33 1.91 14.94 -7.37
N LEU A 34 1.77 15.83 -8.34
CA LEU A 34 1.93 17.26 -8.09
C LEU A 34 0.67 17.88 -7.53
N VAL A 35 0.31 17.51 -6.30
CA VAL A 35 -0.89 18.01 -5.67
C VAL A 35 -0.60 18.49 -4.25
N GLY A 36 -0.93 19.74 -3.97
CA GLY A 36 -0.85 20.28 -2.62
C GLY A 36 -1.87 19.61 -1.69
N ASN A 37 -1.42 19.22 -0.50
CA ASN A 37 -2.27 18.48 0.42
C ASN A 37 -2.97 19.41 1.39
N LEU A 38 -2.55 20.67 1.41
CA LEU A 38 -3.08 21.64 2.35
C LEU A 38 -3.61 22.88 1.62
N LYS A 39 -4.75 22.73 0.97
CA LYS A 39 -5.38 23.85 0.26
C LYS A 39 -5.93 24.87 1.24
N GLY A 40 -5.47 26.11 1.11
CA GLY A 40 -5.91 27.19 1.99
C GLY A 40 -7.40 27.48 1.81
N ASP A 41 -7.97 28.20 2.76
CA ASP A 41 -9.37 28.60 2.67
C ASP A 41 -10.31 27.49 3.12
N LYS A 42 -9.73 26.31 3.35
CA LYS A 42 -10.50 25.18 3.86
C LYS A 42 -10.21 24.92 5.33
N ARG A 43 -11.27 24.92 6.14
CA ARG A 43 -11.13 24.64 7.56
C ARG A 43 -10.87 23.16 7.82
N ILE A 44 -11.54 22.32 7.04
CA ILE A 44 -11.31 20.88 7.11
C ILE A 44 -10.84 20.33 5.78
N ILE A 45 -9.75 19.57 5.80
CA ILE A 45 -9.18 19.00 4.59
C ILE A 45 -10.12 17.97 3.97
N THR A 46 -10.13 17.90 2.65
CA THR A 46 -11.01 16.98 1.93
C THR A 46 -10.48 15.55 2.02
N ASP A 47 -11.40 14.59 1.95
CA ASP A 47 -11.03 13.18 1.97
C ASP A 47 -11.51 12.46 0.73
N ASP A 48 -11.81 13.22 -0.32
CA ASP A 48 -12.38 12.67 -1.54
C ASP A 48 -11.25 12.40 -2.56
N GLU A 49 -10.06 12.08 -2.05
CA GLU A 49 -8.82 12.06 -2.76
C GLU A 49 -8.34 10.64 -2.80
N ILE A 50 -7.55 10.40 -3.86
CA ILE A 50 -7.00 9.14 -4.25
C ILE A 50 -5.55 9.14 -3.85
N ILE A 51 -5.19 8.06 -3.16
CA ILE A 51 -3.82 7.92 -2.78
C ILE A 51 -3.21 6.73 -3.52
N SER A 52 -2.03 6.94 -4.07
CA SER A 52 -1.34 5.85 -4.69
C SER A 52 -0.40 5.22 -3.65
N LEU A 53 -0.29 3.89 -3.66
CA LEU A 53 0.57 3.15 -2.77
C LEU A 53 1.05 1.76 -3.20
N SER A 54 2.07 1.26 -2.46
CA SER A 54 2.47 -0.10 -2.54
C SER A 54 2.37 -0.82 -1.21
N ILE A 55 2.35 -2.14 -1.39
CA ILE A 55 2.14 -3.16 -0.38
C ILE A 55 2.93 -4.44 -0.71
N GLU A 56 3.90 -4.75 0.12
CA GLU A 56 4.70 -5.94 -0.02
C GLU A 56 4.91 -6.60 1.39
N PHE A 57 5.27 -7.88 1.36
CA PHE A 57 5.53 -8.65 2.52
C PHE A 57 6.85 -8.23 3.14
N PHE A 58 6.80 -7.80 4.39
CA PHE A 58 8.00 -7.37 5.10
C PHE A 58 9.15 -8.33 4.87
N ASP A 59 10.36 -7.79 4.77
CA ASP A 59 11.44 -8.44 4.03
C ASP A 59 12.20 -9.42 4.91
N GLN A 60 11.47 -10.20 5.69
CA GLN A 60 12.07 -11.16 6.61
C GLN A 60 12.57 -12.39 5.85
N ASN A 61 11.80 -12.82 4.86
CA ASN A 61 12.20 -13.93 4.00
C ASN A 61 13.16 -13.46 2.92
N ARG A 62 13.23 -12.15 2.71
CA ARG A 62 14.16 -11.57 1.75
C ARG A 62 15.45 -11.15 2.42
N LEU A 63 15.41 -11.00 3.74
CA LEU A 63 16.59 -10.68 4.52
C LEU A 63 17.20 -9.35 4.06
N ASP A 64 16.35 -8.41 3.67
CA ASP A 64 16.81 -7.14 3.14
C ASP A 64 17.78 -7.33 1.99
N ARG A 65 17.49 -8.32 1.15
CA ARG A 65 18.30 -8.55 -0.05
C ARG A 65 17.54 -8.19 -1.31
N LYS A 66 18.27 -7.83 -2.36
CA LYS A 66 17.66 -7.45 -3.62
C LYS A 66 18.44 -8.02 -4.80
N VAL A 67 17.73 -8.53 -5.80
CA VAL A 67 18.35 -9.18 -6.93
C VAL A 67 19.31 -8.25 -7.65
N ASN A 68 18.89 -7.01 -7.86
CA ASN A 68 19.71 -6.01 -8.54
C ASN A 68 20.98 -5.71 -7.74
N LYS A 69 20.87 -5.76 -6.42
CA LYS A 69 22.01 -5.52 -5.55
C LYS A 69 22.95 -6.72 -5.53
N ASP A 70 22.38 -7.91 -5.62
CA ASP A 70 23.18 -9.14 -5.65
C ASP A 70 23.93 -9.27 -6.96
N LYS A 71 23.29 -8.90 -8.06
CA LYS A 71 23.91 -8.95 -9.37
C LYS A 71 23.30 -7.92 -10.31
N GLU A 72 24.11 -6.95 -10.74
CA GLU A 72 23.67 -5.93 -11.68
C GLU A 72 23.21 -6.56 -12.99
N LYS A 73 21.98 -6.26 -13.39
CA LYS A 73 21.43 -6.78 -14.64
C LYS A 73 20.92 -5.66 -15.53
N SER A 74 20.75 -5.96 -16.82
CA SER A 74 20.21 -4.99 -17.76
C SER A 74 18.71 -4.86 -17.63
N LYS A 75 18.09 -5.80 -16.92
CA LYS A 75 16.66 -5.76 -16.66
C LYS A 75 16.27 -4.55 -15.82
N GLU A 76 16.85 -4.47 -14.62
CA GLU A 76 16.60 -3.35 -13.73
C GLU A 76 15.11 -3.22 -13.42
N GLU A 77 14.46 -4.35 -13.17
CA GLU A 77 13.04 -4.35 -12.81
C GLU A 77 12.77 -5.36 -11.70
N VAL A 78 13.21 -5.05 -10.48
CA VAL A 78 12.99 -5.92 -9.34
C VAL A 78 12.18 -5.21 -8.26
N ASN A 79 10.88 -5.49 -8.25
CA ASN A 79 9.97 -4.83 -7.30
C ASN A 79 8.96 -5.83 -6.74
N ASP A 80 9.37 -6.56 -5.70
CA ASP A 80 8.50 -7.53 -5.06
C ASP A 80 7.39 -6.83 -4.27
N LYS A 81 6.40 -6.31 -4.98
CA LYS A 81 5.31 -5.59 -4.35
C LYS A 81 4.12 -5.45 -5.29
N ARG A 82 2.97 -5.06 -4.74
CA ARG A 82 1.76 -4.86 -5.54
C ARG A 82 1.40 -3.40 -5.28
N TYR A 83 0.82 -2.68 -6.28
CA TYR A 83 0.52 -1.20 -6.18
C TYR A 83 -0.97 -0.93 -6.14
N LEU A 84 -1.33 0.21 -5.57
CA LEU A 84 -2.71 0.49 -5.24
C LEU A 84 -3.13 1.94 -5.25
N ARG A 85 -4.18 2.22 -5.98
CA ARG A 85 -4.75 3.57 -6.08
C ARG A 85 -5.93 3.30 -5.20
N CYS A 86 -6.12 4.20 -4.29
CA CYS A 86 -6.84 3.85 -3.10
C CYS A 86 -7.47 5.13 -2.55
N PRO A 87 -8.71 5.09 -2.05
CA PRO A 87 -9.29 6.36 -1.45
C PRO A 87 -8.60 6.68 -0.12
N ALA A 88 -8.14 7.91 0.03
CA ALA A 88 -7.24 8.28 1.21
C ALA A 88 -7.86 8.08 2.62
N ALA A 89 -9.19 8.06 2.64
CA ALA A 89 -10.10 7.77 3.76
C ALA A 89 -10.11 6.35 4.28
N MET A 90 -9.52 5.46 3.51
CA MET A 90 -9.46 4.06 3.90
C MET A 90 -8.48 3.82 5.06
N THR A 91 -8.73 2.79 5.88
CA THR A 91 -7.97 2.58 7.11
C THR A 91 -7.14 1.37 7.05
N VAL A 92 -6.15 1.30 7.97
CA VAL A 92 -5.34 0.11 8.19
C VAL A 92 -6.21 -1.15 8.37
N MET A 93 -7.27 -0.99 9.19
CA MET A 93 -8.24 -2.07 9.40
C MET A 93 -8.70 -2.61 8.06
N HIS A 94 -9.10 -1.73 7.07
CA HIS A 94 -9.51 -2.12 5.69
C HIS A 94 -8.45 -2.82 4.89
N LEU A 95 -7.24 -2.36 4.97
CA LEU A 95 -6.17 -2.99 4.30
C LEU A 95 -5.88 -4.36 4.77
N ARG A 96 -5.81 -4.54 6.13
CA ARG A 96 -5.52 -5.82 6.68
C ARG A 96 -6.58 -6.82 6.16
N LYS A 97 -7.83 -6.36 6.08
CA LYS A 97 -8.96 -7.20 5.60
C LYS A 97 -8.83 -7.61 4.17
N PHE A 98 -8.17 -6.75 3.42
CA PHE A 98 -8.05 -6.90 2.05
C PHE A 98 -6.95 -7.92 1.86
N LEU A 99 -5.84 -7.71 2.56
CA LEU A 99 -4.81 -8.76 2.59
C LEU A 99 -5.34 -10.15 3.05
N ARG A 100 -6.06 -10.14 4.19
CA ARG A 100 -6.65 -11.33 4.75
C ARG A 100 -7.41 -12.10 3.69
N SER A 101 -8.33 -11.39 3.06
CA SER A 101 -8.99 -11.94 1.84
C SER A 101 -8.06 -12.26 0.61
N LYS A 102 -7.30 -11.32 0.05
CA LYS A 102 -6.40 -11.61 -1.08
C LYS A 102 -5.56 -12.90 -0.90
N MET A 103 -4.82 -13.03 0.21
CA MET A 103 -3.89 -14.16 0.46
C MET A 103 -4.57 -15.32 1.18
N ASP A 104 -5.89 -15.24 1.33
CA ASP A 104 -6.59 -16.26 2.11
C ASP A 104 -6.01 -16.60 3.53
N ILE A 105 -5.86 -15.60 4.34
CA ILE A 105 -5.09 -15.73 5.57
C ILE A 105 -6.03 -16.12 6.70
N PRO A 106 -5.84 -17.31 7.30
CA PRO A 106 -6.71 -17.78 8.38
C PRO A 106 -6.59 -16.99 9.68
N ASN A 107 -7.61 -17.12 10.51
CA ASN A 107 -7.73 -16.40 11.77
C ASN A 107 -6.72 -16.92 12.81
N THR A 108 -6.17 -18.08 12.49
CA THR A 108 -5.00 -18.59 13.13
C THR A 108 -3.77 -17.57 13.12
N PHE A 109 -3.78 -16.56 12.21
CA PHE A 109 -2.73 -15.57 12.21
C PHE A 109 -3.18 -14.12 12.36
N GLN A 110 -2.29 -13.25 12.90
CA GLN A 110 -2.48 -11.80 12.87
C GLN A 110 -1.75 -11.15 11.72
N ILE A 111 -2.21 -9.98 11.29
CA ILE A 111 -1.55 -9.18 10.24
C ILE A 111 -1.17 -7.81 10.76
N ASP A 112 0.11 -7.57 10.81
CA ASP A 112 0.61 -6.28 11.07
C ASP A 112 0.91 -5.51 9.74
N VAL A 113 0.17 -4.42 9.52
CA VAL A 113 0.47 -3.39 8.58
C VAL A 113 1.44 -2.30 9.13
N MET A 114 2.56 -2.12 8.44
CA MET A 114 3.61 -1.29 8.83
C MET A 114 4.02 -0.26 7.78
N TYR A 115 4.54 0.85 8.26
CA TYR A 115 5.11 1.85 7.39
C TYR A 115 6.56 1.46 7.10
N GLU A 116 7.35 1.37 8.13
CA GLU A 116 8.75 0.88 7.92
C GLU A 116 8.89 -0.42 8.73
N GLU A 117 9.30 -0.30 9.99
CA GLU A 117 9.44 -1.42 10.93
C GLU A 117 8.30 -1.35 11.91
N GLU A 118 7.54 -0.27 11.86
CA GLU A 118 6.55 0.00 12.90
C GLU A 118 5.14 -0.21 12.45
N PRO A 119 4.42 -1.14 13.16
CA PRO A 119 3.02 -1.33 12.83
C PRO A 119 2.22 -0.05 13.18
N LEU A 120 1.03 -0.02 12.63
CA LEU A 120 0.18 1.10 12.58
C LEU A 120 -1.06 0.62 13.22
N LYS A 121 -1.77 1.56 13.79
CA LYS A 121 -2.96 1.30 14.50
C LYS A 121 -4.03 1.10 13.47
N ASP A 122 -4.96 0.25 13.78
CA ASP A 122 -6.01 -0.06 12.81
C ASP A 122 -6.97 1.15 12.41
N TYR A 123 -7.05 2.18 13.28
CA TYR A 123 -7.88 3.40 12.98
C TYR A 123 -7.16 4.38 11.97
N TYR A 124 -5.85 4.28 11.86
CA TYR A 124 -5.19 5.18 10.92
C TYR A 124 -5.74 5.15 9.46
N THR A 125 -6.06 6.32 8.98
CA THR A 125 -6.39 6.47 7.57
C THR A 125 -5.13 6.55 6.77
N LEU A 126 -5.21 6.30 5.47
CA LEU A 126 -4.02 6.50 4.61
C LEU A 126 -3.52 7.94 4.67
N MET A 127 -4.45 8.90 4.65
CA MET A 127 -3.98 10.31 4.97
C MET A 127 -3.21 10.45 6.29
N ASP A 128 -3.72 9.82 7.36
CA ASP A 128 -3.10 9.91 8.68
C ASP A 128 -1.66 9.46 8.60
N ILE A 129 -1.46 8.36 7.84
CA ILE A 129 -0.13 7.83 7.64
C ILE A 129 0.68 8.88 6.83
N ALA A 130 0.11 9.43 5.75
CA ALA A 130 0.96 10.32 4.96
C ALA A 130 1.37 11.54 5.88
N TYR A 131 0.39 12.02 6.67
CA TYR A 131 0.67 13.13 7.61
C TYR A 131 1.63 12.73 8.73
N ILE A 132 1.44 11.53 9.27
CA ILE A 132 2.42 11.14 10.27
C ILE A 132 3.76 10.95 9.84
N TYR A 133 3.95 10.31 8.67
CA TYR A 133 5.30 10.03 8.22
C TYR A 133 5.84 11.04 7.26
N THR A 134 5.07 12.13 7.08
CA THR A 134 5.49 13.24 6.27
C THR A 134 5.95 12.73 4.85
N TRP A 135 5.13 11.86 4.32
CA TRP A 135 5.25 11.46 2.93
C TRP A 135 5.00 12.67 2.06
N ARG A 136 5.82 12.80 1.01
CA ARG A 136 5.84 14.00 0.16
C ARG A 136 5.26 13.73 -1.27
N ARG A 137 4.43 12.71 -1.44
CA ARG A 137 3.97 12.35 -2.80
C ARG A 137 5.10 12.18 -3.83
N ASN A 138 6.24 11.70 -3.36
CA ASN A 138 7.31 11.23 -4.23
C ASN A 138 7.11 9.72 -4.19
N GLY A 139 6.58 9.19 -5.29
CA GLY A 139 6.24 7.79 -5.40
C GLY A 139 5.00 7.40 -4.67
N PRO A 140 4.59 6.11 -4.72
CA PRO A 140 3.53 5.62 -3.84
C PRO A 140 3.99 5.47 -2.38
N LEU A 141 3.01 5.54 -1.48
CA LEU A 141 3.25 5.38 -0.08
C LEU A 141 3.64 3.91 0.15
N PRO A 142 4.87 3.66 0.62
CA PRO A 142 5.29 2.30 0.71
C PRO A 142 4.87 1.65 2.03
N LEU A 143 3.89 0.72 1.96
CA LEU A 143 3.50 -0.16 3.06
C LEU A 143 4.00 -1.61 2.99
N LYS A 144 4.12 -2.17 4.17
CA LYS A 144 4.55 -3.49 4.33
C LYS A 144 3.61 -4.26 5.27
N TYR A 145 3.84 -5.56 5.28
CA TYR A 145 3.04 -6.43 6.03
C TYR A 145 3.67 -7.78 6.34
N ARG A 146 3.11 -8.33 7.40
CA ARG A 146 3.60 -9.48 8.05
C ARG A 146 2.47 -10.15 8.87
N VAL A 147 2.68 -11.47 9.03
CA VAL A 147 1.82 -12.35 9.76
C VAL A 147 2.51 -12.98 10.98
N ARG A 148 1.72 -13.11 12.03
CA ARG A 148 2.19 -13.67 13.30
C ARG A 148 1.11 -14.65 13.78
N PRO A 149 1.49 -15.76 14.42
CA PRO A 149 0.47 -16.60 15.03
C PRO A 149 -0.27 -15.80 16.11
N THR A 150 -1.56 -15.98 16.21
CA THR A 150 -2.28 -15.31 17.27
C THR A 150 -2.46 -16.20 18.55
N CYS A 151 -2.59 -15.56 19.72
CA CYS A 151 -3.00 -16.23 20.99
C CYS A 151 -2.73 -15.27 22.12
N PRO A 7 -5.63 -3.00 -19.00
CA PRO A 7 -4.46 -2.61 -18.21
C PRO A 7 -4.01 -3.70 -17.26
N GLN A 8 -3.15 -3.34 -16.31
CA GLN A 8 -2.67 -4.29 -15.30
C GLN A 8 -3.27 -3.97 -13.94
N ILE A 9 -4.38 -3.23 -13.93
CA ILE A 9 -5.05 -2.89 -12.69
C ILE A 9 -6.36 -3.65 -12.54
N LEU A 10 -6.61 -4.19 -11.36
CA LEU A 10 -7.76 -5.04 -11.13
C LEU A 10 -8.63 -4.52 -9.99
N THR A 11 -9.93 -4.73 -10.09
CA THR A 11 -10.87 -4.16 -9.12
C THR A 11 -11.07 -5.10 -7.93
N HIS A 12 -11.00 -4.53 -6.73
CA HIS A 12 -11.25 -5.30 -5.51
C HIS A 12 -12.20 -4.57 -4.58
N VAL A 13 -12.99 -5.32 -3.83
CA VAL A 13 -13.87 -4.74 -2.82
C VAL A 13 -13.21 -4.78 -1.45
N ILE A 14 -13.05 -3.61 -0.83
CA ILE A 14 -12.41 -3.50 0.47
C ILE A 14 -13.21 -2.61 1.42
N GLU A 15 -13.54 -3.15 2.59
CA GLU A 15 -14.81 -2.85 3.24
C GLU A 15 -15.00 -1.34 3.38
N GLY A 16 -16.17 -0.86 2.97
CA GLY A 16 -16.44 0.57 3.02
C GLY A 16 -15.99 1.28 1.75
N PHE A 17 -15.23 0.58 0.92
CA PHE A 17 -14.57 1.21 -0.22
C PHE A 17 -14.38 0.22 -1.36
N VAL A 18 -14.22 0.74 -2.57
CA VAL A 18 -13.62 -0.03 -3.66
C VAL A 18 -12.19 0.41 -3.91
N ILE A 19 -11.28 -0.55 -3.95
CA ILE A 19 -9.89 -0.29 -4.35
C ILE A 19 -9.49 -1.14 -5.54
N GLN A 20 -8.75 -0.54 -6.47
CA GLN A 20 -8.23 -1.26 -7.62
C GLN A 20 -6.71 -1.42 -7.52
N GLU A 21 -6.24 -2.66 -7.68
CA GLU A 21 -4.86 -2.98 -7.33
C GLU A 21 -4.20 -3.76 -8.47
N GLY A 22 -2.90 -3.55 -8.64
CA GLY A 22 -2.17 -4.20 -9.71
C GLY A 22 -0.79 -3.60 -9.93
N ALA A 23 -0.42 -3.43 -11.19
CA ALA A 23 0.89 -2.88 -11.53
C ALA A 23 0.79 -1.41 -11.90
N GLU A 24 0.62 -0.57 -10.91
CA GLU A 24 0.48 0.87 -11.13
C GLU A 24 1.79 1.49 -11.59
N PRO A 25 1.71 2.38 -12.58
CA PRO A 25 2.89 2.97 -13.18
C PRO A 25 3.25 4.29 -12.52
N PHE A 26 2.81 4.46 -11.27
CA PHE A 26 2.94 5.73 -10.58
C PHE A 26 4.40 6.09 -10.38
N PRO A 27 5.21 5.10 -10.04
CA PRO A 27 6.64 5.31 -9.79
C PRO A 27 7.28 6.09 -10.93
N VAL A 28 6.75 5.92 -12.13
CA VAL A 28 7.31 6.56 -13.32
C VAL A 28 6.34 7.55 -13.92
N GLY A 29 5.08 7.48 -13.49
CA GLY A 29 4.04 8.36 -14.01
C GLY A 29 3.31 9.08 -12.88
N ARG A 30 2.01 9.27 -13.05
CA ARG A 30 1.20 9.94 -12.04
C ARG A 30 -0.19 9.32 -11.95
N SER A 31 -0.94 9.70 -10.92
CA SER A 31 -2.32 9.27 -10.77
C SER A 31 -3.23 10.02 -11.74
N SER A 32 -4.36 9.40 -12.09
CA SER A 32 -5.27 9.96 -13.07
C SER A 32 -6.72 9.68 -12.71
N LEU A 33 -7.00 9.68 -11.41
CA LEU A 33 -8.35 9.43 -10.92
C LEU A 33 -8.91 10.65 -10.19
N LEU A 34 -9.42 10.43 -8.98
CA LEU A 34 -10.19 11.45 -8.29
C LEU A 34 -9.31 12.30 -7.38
N VAL A 35 -8.76 13.37 -7.94
CA VAL A 35 -8.05 14.37 -7.15
C VAL A 35 -9.02 15.34 -6.49
N GLY A 36 -9.19 15.20 -5.18
CA GLY A 36 -10.12 16.05 -4.44
C GLY A 36 -9.43 17.29 -3.90
N ASN A 37 -8.10 17.31 -3.98
CA ASN A 37 -7.32 18.45 -3.52
C ASN A 37 -7.67 19.72 -4.29
N LEU A 38 -8.11 20.74 -3.57
CA LEU A 38 -8.50 21.99 -4.19
C LEU A 38 -7.53 23.12 -3.85
N LYS A 39 -7.54 24.17 -4.65
CA LYS A 39 -6.55 25.24 -4.53
C LYS A 39 -6.37 25.65 -3.07
N GLY A 40 -7.47 25.94 -2.40
CA GLY A 40 -7.44 26.57 -1.08
C GLY A 40 -7.83 25.59 0.01
N ASP A 41 -8.05 24.34 -0.37
CA ASP A 41 -8.46 23.31 0.58
C ASP A 41 -7.42 22.21 0.69
N LYS A 42 -6.86 22.05 1.88
CA LYS A 42 -5.87 21.02 2.14
C LYS A 42 -6.47 19.62 1.99
N ARG A 43 -5.65 18.67 1.56
CA ARG A 43 -6.10 17.30 1.36
C ARG A 43 -6.56 16.68 2.67
N ILE A 44 -6.41 17.43 3.77
CA ILE A 44 -6.90 16.99 5.06
C ILE A 44 -8.40 17.23 5.19
N ILE A 45 -8.81 18.47 4.90
CA ILE A 45 -10.23 18.82 4.95
C ILE A 45 -11.03 18.02 3.92
N THR A 46 -10.39 17.70 2.80
CA THR A 46 -10.99 16.83 1.80
C THR A 46 -10.60 15.38 2.03
N ASP A 47 -11.59 14.49 2.00
CA ASP A 47 -11.34 13.06 2.11
C ASP A 47 -11.58 12.35 0.78
N ASP A 48 -11.86 13.14 -0.26
CA ASP A 48 -12.43 12.60 -1.49
C ASP A 48 -11.29 12.35 -2.50
N GLU A 49 -10.10 12.02 -1.98
CA GLU A 49 -8.84 12.01 -2.68
C GLU A 49 -8.36 10.60 -2.74
N ILE A 50 -7.57 10.37 -3.79
CA ILE A 50 -7.01 9.11 -4.19
C ILE A 50 -5.57 9.10 -3.77
N ILE A 51 -5.20 8.03 -3.10
CA ILE A 51 -3.84 7.87 -2.70
C ILE A 51 -3.21 6.70 -3.45
N SER A 52 -2.03 6.92 -3.99
CA SER A 52 -1.33 5.84 -4.61
C SER A 52 -0.40 5.20 -3.57
N LEU A 53 -0.29 3.87 -3.60
CA LEU A 53 0.56 3.12 -2.72
C LEU A 53 1.06 1.74 -3.16
N SER A 54 2.07 1.23 -2.41
CA SER A 54 2.47 -0.13 -2.51
C SER A 54 2.36 -0.87 -1.18
N ILE A 55 2.34 -2.18 -1.39
CA ILE A 55 2.13 -3.21 -0.39
C ILE A 55 2.93 -4.48 -0.72
N GLU A 56 3.88 -4.81 0.12
CA GLU A 56 4.68 -5.99 -0.04
C GLU A 56 4.89 -6.67 1.37
N PHE A 57 5.24 -7.95 1.32
CA PHE A 57 5.50 -8.73 2.48
C PHE A 57 6.81 -8.31 3.11
N PHE A 58 6.76 -7.91 4.38
CA PHE A 58 7.94 -7.48 5.11
C PHE A 58 9.10 -8.44 4.87
N ASP A 59 10.31 -7.89 4.78
CA ASP A 59 11.39 -8.52 4.05
C ASP A 59 12.13 -9.54 4.91
N GLN A 60 11.44 -10.08 5.91
CA GLN A 60 11.97 -11.17 6.71
C GLN A 60 12.11 -12.44 5.89
N ASN A 61 11.22 -12.62 4.93
CA ASN A 61 11.28 -13.75 4.01
C ASN A 61 12.33 -13.52 2.92
N ARG A 62 12.61 -12.25 2.65
CA ARG A 62 13.62 -11.89 1.65
C ARG A 62 14.97 -11.63 2.32
N LEU A 63 14.96 -11.54 3.64
CA LEU A 63 16.20 -11.36 4.41
C LEU A 63 16.91 -10.07 4.00
N ASP A 64 16.13 -9.07 3.63
CA ASP A 64 16.68 -7.80 3.15
C ASP A 64 17.65 -8.03 2.00
N ARG A 65 17.31 -8.97 1.12
CA ARG A 65 18.13 -9.24 -0.05
C ARG A 65 17.40 -8.87 -1.33
N LYS A 66 18.15 -8.57 -2.38
CA LYS A 66 17.57 -8.22 -3.67
C LYS A 66 18.20 -9.05 -4.79
N VAL A 67 17.36 -9.77 -5.54
CA VAL A 67 17.84 -10.66 -6.58
C VAL A 67 18.60 -9.88 -7.66
N ASN A 68 18.18 -8.65 -7.90
CA ASN A 68 18.80 -7.81 -8.91
C ASN A 68 20.25 -7.50 -8.55
N LYS A 69 20.59 -7.66 -7.27
CA LYS A 69 21.93 -7.38 -6.80
C LYS A 69 22.73 -8.67 -6.60
N ASP A 70 22.07 -9.69 -6.06
CA ASP A 70 22.72 -10.96 -5.80
C ASP A 70 22.97 -11.73 -7.08
N LYS A 71 22.01 -11.70 -7.99
CA LYS A 71 22.12 -12.41 -9.25
C LYS A 71 22.30 -11.45 -10.42
N GLU A 72 22.77 -11.98 -11.55
CA GLU A 72 22.91 -11.19 -12.76
C GLU A 72 21.71 -11.38 -13.69
N LYS A 73 20.95 -10.31 -13.90
CA LYS A 73 19.77 -10.37 -14.76
C LYS A 73 19.93 -9.47 -15.99
N SER A 74 19.37 -9.91 -17.10
CA SER A 74 19.41 -9.14 -18.34
C SER A 74 18.21 -8.19 -18.42
N LYS A 75 17.12 -8.56 -17.76
CA LYS A 75 15.92 -7.72 -17.71
C LYS A 75 16.00 -6.73 -16.55
N GLU A 76 16.58 -7.16 -15.44
CA GLU A 76 16.72 -6.31 -14.26
C GLU A 76 15.35 -5.88 -13.74
N GLU A 77 14.46 -6.84 -13.54
CA GLU A 77 13.11 -6.56 -13.10
C GLU A 77 12.78 -7.29 -11.81
N VAL A 78 13.31 -6.79 -10.69
CA VAL A 78 13.03 -7.36 -9.38
C VAL A 78 12.31 -6.35 -8.49
N ASN A 79 11.10 -6.68 -8.09
CA ASN A 79 10.24 -5.74 -7.37
C ASN A 79 9.03 -6.44 -6.79
N ASP A 80 9.17 -6.94 -5.56
CA ASP A 80 8.15 -7.79 -4.96
C ASP A 80 7.09 -6.97 -4.25
N LYS A 81 6.48 -6.04 -4.96
CA LYS A 81 5.35 -5.28 -4.44
C LYS A 81 4.09 -5.54 -5.26
N ARG A 82 2.94 -5.15 -4.70
CA ARG A 82 1.74 -4.95 -5.50
C ARG A 82 1.38 -3.48 -5.25
N TYR A 83 0.81 -2.77 -6.24
CA TYR A 83 0.51 -1.30 -6.16
C TYR A 83 -0.99 -1.01 -6.10
N LEU A 84 -1.34 0.13 -5.55
CA LEU A 84 -2.72 0.41 -5.21
C LEU A 84 -3.13 1.87 -5.23
N ARG A 85 -4.19 2.16 -5.96
CA ARG A 85 -4.75 3.49 -6.07
C ARG A 85 -5.94 3.24 -5.17
N CYS A 86 -6.12 4.14 -4.28
CA CYS A 86 -6.85 3.80 -3.08
C CYS A 86 -7.46 5.08 -2.55
N PRO A 87 -8.70 5.05 -2.04
CA PRO A 87 -9.28 6.32 -1.43
C PRO A 87 -8.59 6.66 -0.12
N ALA A 88 -8.13 7.87 0.02
CA ALA A 88 -7.22 8.25 1.21
C ALA A 88 -7.83 8.05 2.62
N ALA A 89 -9.16 8.04 2.64
CA ALA A 89 -10.08 7.76 3.75
C ALA A 89 -10.08 6.35 4.29
N MET A 90 -9.51 5.44 3.53
CA MET A 90 -9.45 4.04 3.91
C MET A 90 -8.46 3.81 5.08
N THR A 91 -8.71 2.78 5.91
CA THR A 91 -7.95 2.57 7.14
C THR A 91 -7.13 1.36 7.08
N VAL A 92 -6.14 1.30 7.99
CA VAL A 92 -5.33 0.10 8.22
C VAL A 92 -6.20 -1.15 8.41
N MET A 93 -7.26 -0.98 9.23
CA MET A 93 -8.23 -2.06 9.44
C MET A 93 -8.70 -2.61 8.11
N HIS A 94 -9.10 -1.73 7.12
CA HIS A 94 -9.51 -2.13 5.74
C HIS A 94 -8.46 -2.84 4.93
N LEU A 95 -7.24 -2.38 5.02
CA LEU A 95 -6.18 -3.01 4.33
C LEU A 95 -5.89 -4.38 4.83
N ARG A 96 -5.82 -4.55 6.18
CA ARG A 96 -5.53 -5.83 6.73
C ARG A 96 -6.59 -6.82 6.22
N LYS A 97 -7.85 -6.37 6.14
CA LYS A 97 -8.98 -7.20 5.66
C LYS A 97 -8.84 -7.62 4.24
N PHE A 98 -8.19 -6.78 3.48
CA PHE A 98 -8.06 -6.93 2.12
C PHE A 98 -6.97 -7.95 1.93
N LEU A 99 -5.86 -7.75 2.62
CA LEU A 99 -4.83 -8.79 2.65
C LEU A 99 -5.37 -10.19 3.13
N ARG A 100 -6.09 -10.17 4.26
CA ARG A 100 -6.67 -11.35 4.83
C ARG A 100 -7.44 -12.12 3.78
N SER A 101 -8.36 -11.41 3.14
CA SER A 101 -9.02 -11.96 1.93
C SER A 101 -8.10 -12.29 0.71
N LYS A 102 -7.34 -11.36 0.14
CA LYS A 102 -6.44 -11.65 -1.00
C LYS A 102 -5.61 -12.95 -0.81
N MET A 103 -4.87 -13.07 0.30
CA MET A 103 -3.93 -14.20 0.55
C MET A 103 -4.61 -15.35 1.27
N ASP A 104 -5.93 -15.28 1.43
CA ASP A 104 -6.64 -16.30 2.21
C ASP A 104 -6.04 -16.62 3.63
N ILE A 105 -5.90 -15.62 4.43
CA ILE A 105 -5.13 -15.74 5.67
C ILE A 105 -6.06 -16.14 6.80
N PRO A 106 -5.88 -17.32 7.41
CA PRO A 106 -6.75 -17.78 8.49
C PRO A 106 -6.62 -16.98 9.78
N ASN A 107 -7.65 -17.11 10.62
CA ASN A 107 -7.76 -16.38 11.88
C ASN A 107 -6.75 -16.91 12.91
N THR A 108 -6.21 -18.06 12.61
CA THR A 108 -5.02 -18.57 13.24
C THR A 108 -3.81 -17.56 13.23
N PHE A 109 -3.82 -16.54 12.31
CA PHE A 109 -2.75 -15.56 12.30
C PHE A 109 -3.20 -14.11 12.46
N GLN A 110 -2.31 -13.25 12.98
CA GLN A 110 -2.50 -11.80 12.94
C GLN A 110 -1.77 -11.16 11.79
N ILE A 111 -2.22 -9.99 11.36
CA ILE A 111 -1.57 -9.18 10.30
C ILE A 111 -1.18 -7.82 10.82
N ASP A 112 0.11 -7.58 10.87
CA ASP A 112 0.61 -6.29 11.11
C ASP A 112 0.91 -5.53 9.78
N VAL A 113 0.17 -4.43 9.56
CA VAL A 113 0.47 -3.42 8.60
C VAL A 113 1.45 -2.31 9.15
N MET A 114 2.57 -2.15 8.47
CA MET A 114 3.61 -1.32 8.84
C MET A 114 4.04 -0.30 7.78
N TYR A 115 4.56 0.82 8.27
CA TYR A 115 5.12 1.81 7.39
C TYR A 115 6.57 1.41 7.10
N GLU A 116 7.36 1.32 8.14
CA GLU A 116 8.76 0.85 7.92
C GLU A 116 8.89 -0.46 8.73
N GLU A 117 9.31 -0.34 9.99
CA GLU A 117 9.45 -1.45 10.95
C GLU A 117 8.31 -1.38 11.92
N GLU A 118 7.56 -0.29 11.86
CA GLU A 118 6.57 -0.02 12.90
C GLU A 118 5.15 -0.23 12.45
N PRO A 119 4.44 -1.16 13.18
CA PRO A 119 3.04 -1.34 12.85
C PRO A 119 2.24 -0.07 13.19
N LEU A 120 1.05 -0.02 12.65
CA LEU A 120 0.20 1.09 12.60
C LEU A 120 -1.03 0.62 13.24
N LYS A 121 -1.75 1.57 13.80
CA LYS A 121 -2.93 1.31 14.52
C LYS A 121 -4.02 1.12 13.50
N ASP A 122 -4.95 0.26 13.81
CA ASP A 122 -6.00 -0.05 12.84
C ASP A 122 -6.96 1.16 12.44
N TYR A 123 -7.02 2.19 13.31
CA TYR A 123 -7.86 3.42 12.99
C TYR A 123 -7.14 4.39 11.98
N TYR A 124 -5.82 4.28 11.87
CA TYR A 124 -5.17 5.18 10.91
C TYR A 124 -5.72 5.15 9.47
N THR A 125 -6.03 6.32 8.98
CA THR A 125 -6.37 6.46 7.58
C THR A 125 -5.09 6.53 6.78
N LEU A 126 -5.19 6.28 5.48
CA LEU A 126 -4.00 6.48 4.61
C LEU A 126 -3.50 7.91 4.65
N MET A 127 -4.41 8.87 4.64
CA MET A 127 -3.95 10.28 4.96
C MET A 127 -3.18 10.43 6.26
N ASP A 128 -3.69 9.80 7.34
CA ASP A 128 -3.06 9.90 8.67
C ASP A 128 -1.63 9.45 8.57
N ILE A 129 -1.43 8.35 7.83
CA ILE A 129 -0.09 7.80 7.62
C ILE A 129 0.71 8.85 6.82
N ALA A 130 0.14 9.40 5.73
CA ALA A 130 0.99 10.27 4.94
C ALA A 130 1.40 11.49 5.84
N TYR A 131 0.43 11.98 6.63
CA TYR A 131 0.71 13.10 7.58
C TYR A 131 1.67 12.70 8.68
N ILE A 132 1.48 11.52 9.24
CA ILE A 132 2.46 11.12 10.23
C ILE A 132 3.80 10.94 9.80
N TYR A 133 3.99 10.28 8.63
CA TYR A 133 5.34 10.00 8.19
C TYR A 133 5.87 11.00 7.22
N THR A 134 5.11 12.09 7.03
CA THR A 134 5.54 13.19 6.22
C THR A 134 5.98 12.68 4.80
N TRP A 135 5.17 11.80 4.28
CA TRP A 135 5.30 11.40 2.89
C TRP A 135 5.05 12.61 2.01
N ARG A 136 5.86 12.74 0.96
CA ARG A 136 5.88 13.93 0.11
C ARG A 136 5.29 13.65 -1.32
N ARG A 137 4.46 12.63 -1.49
CA ARG A 137 3.99 12.26 -2.85
C ARG A 137 5.12 12.09 -3.87
N ASN A 138 6.26 11.61 -3.40
CA ASN A 138 7.32 11.13 -4.27
C ASN A 138 7.12 9.62 -4.23
N GLY A 139 6.59 9.09 -5.32
CA GLY A 139 6.25 7.69 -5.42
C GLY A 139 5.00 7.32 -4.69
N PRO A 140 4.60 6.01 -4.74
CA PRO A 140 3.54 5.53 -3.86
C PRO A 140 3.99 5.38 -2.39
N LEU A 141 3.02 5.46 -1.48
CA LEU A 141 3.25 5.31 -0.09
C LEU A 141 3.64 3.84 0.15
N PRO A 142 4.87 3.60 0.61
CA PRO A 142 5.30 2.23 0.71
C PRO A 142 4.87 1.59 2.05
N LEU A 143 3.89 0.66 1.97
CA LEU A 143 3.51 -0.22 3.07
C LEU A 143 4.00 -1.67 3.01
N LYS A 144 4.13 -2.22 4.20
CA LYS A 144 4.53 -3.55 4.36
C LYS A 144 3.61 -4.30 5.30
N TYR A 145 3.83 -5.61 5.31
CA TYR A 145 3.03 -6.47 6.07
C TYR A 145 3.66 -7.82 6.39
N ARG A 146 3.09 -8.36 7.45
CA ARG A 146 3.59 -9.51 8.11
C ARG A 146 2.46 -10.18 8.93
N VAL A 147 2.66 -11.49 9.10
CA VAL A 147 1.80 -12.38 9.83
C VAL A 147 2.50 -13.00 11.05
N ARG A 148 1.70 -13.12 12.10
CA ARG A 148 2.17 -13.67 13.38
C ARG A 148 1.09 -14.65 13.86
N PRO A 149 1.47 -15.75 14.52
CA PRO A 149 0.44 -16.59 15.13
C PRO A 149 -0.30 -15.79 16.21
N THR A 150 -1.59 -15.96 16.30
CA THR A 150 -2.30 -15.29 17.36
C THR A 150 -2.47 -16.17 18.65
N CYS A 151 -2.60 -15.52 19.81
CA CYS A 151 -3.01 -16.18 21.09
C CYS A 151 -2.73 -15.22 22.21
N PRO A 7 -3.52 -3.95 -18.15
CA PRO A 7 -2.72 -4.07 -16.93
C PRO A 7 -3.30 -5.08 -15.95
N GLN A 8 -2.43 -5.69 -15.14
CA GLN A 8 -2.86 -6.70 -14.19
C GLN A 8 -3.49 -6.06 -12.96
N ILE A 9 -4.68 -5.49 -13.14
CA ILE A 9 -5.38 -4.83 -12.05
C ILE A 9 -6.59 -5.65 -11.60
N LEU A 10 -6.74 -5.80 -10.29
CA LEU A 10 -7.76 -6.68 -9.74
C LEU A 10 -8.68 -5.93 -8.77
N THR A 11 -9.94 -6.32 -8.73
CA THR A 11 -10.93 -5.66 -7.88
C THR A 11 -11.13 -6.43 -6.58
N HIS A 12 -11.04 -5.73 -5.46
CA HIS A 12 -11.50 -6.26 -4.18
C HIS A 12 -12.25 -5.19 -3.40
N VAL A 13 -13.22 -5.63 -2.59
CA VAL A 13 -14.03 -4.72 -1.79
C VAL A 13 -13.50 -4.63 -0.36
N ILE A 14 -13.22 -3.41 0.09
CA ILE A 14 -13.08 -3.14 1.51
C ILE A 14 -14.01 -2.01 1.94
N GLU A 15 -14.50 -2.10 3.18
CA GLU A 15 -15.69 -1.35 3.58
C GLU A 15 -15.52 0.14 3.30
N GLY A 16 -16.52 0.74 2.66
CA GLY A 16 -16.53 2.18 2.48
C GLY A 16 -15.93 2.60 1.15
N PHE A 17 -15.30 1.65 0.46
CA PHE A 17 -14.94 1.83 -0.93
C PHE A 17 -14.33 0.56 -1.52
N VAL A 18 -14.51 0.36 -2.81
CA VAL A 18 -13.87 -0.74 -3.52
C VAL A 18 -12.53 -0.32 -4.10
N ILE A 19 -11.50 -1.12 -3.84
CA ILE A 19 -10.14 -0.79 -4.29
C ILE A 19 -9.64 -1.83 -5.29
N GLN A 20 -8.97 -1.35 -6.34
CA GLN A 20 -8.38 -2.24 -7.33
C GLN A 20 -6.85 -2.21 -7.25
N GLU A 21 -6.24 -3.38 -7.22
CA GLU A 21 -4.83 -3.49 -6.89
C GLU A 21 -4.10 -4.36 -7.91
N GLY A 22 -2.86 -3.98 -8.23
CA GLY A 22 -2.05 -4.78 -9.12
C GLY A 22 -0.58 -4.41 -9.05
N ALA A 23 -0.17 -3.49 -9.92
CA ALA A 23 1.24 -3.11 -10.02
C ALA A 23 1.44 -2.02 -11.07
N GLU A 24 0.79 -2.20 -12.22
CA GLU A 24 0.84 -1.20 -13.28
C GLU A 24 0.07 0.06 -12.89
N PRO A 25 0.59 1.21 -13.30
CA PRO A 25 -0.06 2.48 -13.02
C PRO A 25 -1.35 2.63 -13.81
N PHE A 26 -2.26 3.45 -13.30
CA PHE A 26 -3.58 3.60 -13.92
C PHE A 26 -3.58 4.68 -14.99
N PRO A 27 -3.83 4.27 -16.23
CA PRO A 27 -3.83 5.19 -17.36
C PRO A 27 -5.11 6.02 -17.40
N VAL A 28 -6.12 5.57 -16.66
CA VAL A 28 -7.42 6.23 -16.66
C VAL A 28 -7.73 6.84 -15.30
N GLY A 29 -8.01 8.14 -15.28
CA GLY A 29 -8.39 8.83 -14.06
C GLY A 29 -9.89 9.06 -14.00
N ARG A 30 -10.28 10.28 -13.64
CA ARG A 30 -11.69 10.64 -13.56
C ARG A 30 -12.19 11.20 -14.90
N SER A 31 -13.25 10.60 -15.43
CA SER A 31 -13.83 11.04 -16.69
C SER A 31 -14.78 12.22 -16.47
N SER A 32 -15.20 12.83 -17.57
CA SER A 32 -16.10 13.98 -17.50
C SER A 32 -17.41 13.61 -16.81
N LEU A 33 -17.38 13.58 -15.48
CA LEU A 33 -18.58 13.30 -14.70
C LEU A 33 -18.87 14.42 -13.72
N LEU A 34 -19.30 15.56 -14.24
CA LEU A 34 -19.57 16.74 -13.43
C LEU A 34 -20.90 17.39 -13.81
N VAL A 35 -21.49 18.11 -12.86
CA VAL A 35 -22.58 19.02 -13.16
C VAL A 35 -22.18 20.47 -12.87
N GLY A 36 -22.94 21.41 -13.42
CA GLY A 36 -22.64 22.82 -13.26
C GLY A 36 -22.77 23.27 -11.81
N ASN A 37 -23.48 22.46 -11.02
CA ASN A 37 -23.68 22.76 -9.60
C ASN A 37 -22.67 22.03 -8.73
N LEU A 38 -21.65 21.46 -9.36
CA LEU A 38 -20.62 20.71 -8.64
C LEU A 38 -19.47 21.63 -8.24
N LYS A 39 -19.05 21.51 -6.99
CA LYS A 39 -17.91 22.29 -6.49
C LYS A 39 -16.64 21.96 -7.25
N GLY A 40 -15.73 22.93 -7.32
CA GLY A 40 -14.45 22.73 -7.99
C GLY A 40 -13.54 21.81 -7.18
N ASP A 41 -12.48 21.34 -7.82
CA ASP A 41 -11.52 20.45 -7.15
C ASP A 41 -10.95 21.10 -5.90
N LYS A 42 -10.78 22.42 -5.96
CA LYS A 42 -10.22 23.16 -4.83
C LYS A 42 -11.25 23.28 -3.70
N ARG A 43 -12.52 23.39 -4.08
CA ARG A 43 -13.58 23.64 -3.11
C ARG A 43 -14.01 22.36 -2.42
N ILE A 44 -13.53 21.23 -2.93
CA ILE A 44 -13.91 19.92 -2.39
C ILE A 44 -13.05 19.56 -1.19
N ILE A 45 -13.56 18.67 -0.35
CA ILE A 45 -12.77 18.10 0.74
C ILE A 45 -11.69 17.17 0.22
N THR A 46 -10.47 17.37 0.71
CA THR A 46 -9.32 16.62 0.20
C THR A 46 -9.46 15.13 0.47
N ASP A 47 -10.23 14.79 1.50
CA ASP A 47 -10.54 13.40 1.80
C ASP A 47 -11.50 12.82 0.78
N ASP A 48 -11.79 13.60 -0.26
CA ASP A 48 -12.39 13.06 -1.49
C ASP A 48 -11.26 12.78 -2.51
N GLU A 49 -10.07 12.45 -2.00
CA GLU A 49 -8.83 12.42 -2.72
C GLU A 49 -8.36 10.99 -2.77
N ILE A 50 -7.58 10.74 -3.84
CA ILE A 50 -7.05 9.48 -4.23
C ILE A 50 -5.60 9.46 -3.83
N ILE A 51 -5.24 8.38 -3.16
CA ILE A 51 -3.88 8.21 -2.79
C ILE A 51 -3.28 7.02 -3.52
N SER A 52 -2.10 7.23 -4.08
CA SER A 52 -1.42 6.13 -4.70
C SER A 52 -0.48 5.49 -3.67
N LEU A 53 -0.38 4.15 -3.70
CA LEU A 53 0.47 3.40 -2.81
C LEU A 53 0.93 2.01 -3.25
N SER A 54 1.96 1.49 -2.51
CA SER A 54 2.34 0.13 -2.61
C SER A 54 2.24 -0.59 -1.27
N ILE A 55 2.20 -1.90 -1.46
CA ILE A 55 1.99 -2.93 -0.45
C ILE A 55 2.77 -4.21 -0.79
N GLU A 56 3.73 -4.55 0.04
CA GLU A 56 4.52 -5.73 -0.11
C GLU A 56 4.73 -6.41 1.29
N PHE A 57 5.08 -7.68 1.26
CA PHE A 57 5.33 -8.46 2.41
C PHE A 57 6.66 -8.06 3.02
N PHE A 58 6.62 -7.64 4.29
CA PHE A 58 7.82 -7.22 5.00
C PHE A 58 8.97 -8.19 4.75
N ASP A 59 10.18 -7.67 4.65
CA ASP A 59 11.25 -8.32 3.90
C ASP A 59 11.87 -9.45 4.71
N GLN A 60 11.16 -9.90 5.73
CA GLN A 60 11.61 -11.03 6.54
C GLN A 60 11.59 -12.32 5.73
N ASN A 61 10.87 -12.31 4.61
CA ASN A 61 10.83 -13.46 3.71
C ASN A 61 12.14 -13.61 2.96
N ARG A 62 13.05 -12.67 3.18
CA ARG A 62 14.40 -12.77 2.62
C ARG A 62 15.46 -12.50 3.69
N LEU A 63 15.11 -12.80 4.95
CA LEU A 63 16.04 -12.65 6.06
C LEU A 63 16.47 -11.20 6.22
N ASP A 64 15.60 -10.27 5.81
CA ASP A 64 15.88 -8.85 5.91
C ASP A 64 17.11 -8.48 5.10
N ARG A 65 17.39 -9.27 4.06
CA ARG A 65 18.54 -9.02 3.19
C ARG A 65 18.09 -8.41 1.88
N LYS A 66 18.96 -7.57 1.30
CA LYS A 66 18.71 -7.01 -0.02
C LYS A 66 18.93 -8.04 -1.11
N VAL A 67 17.87 -8.37 -1.85
CA VAL A 67 17.93 -9.42 -2.85
C VAL A 67 18.88 -9.07 -3.98
N ASN A 68 18.81 -7.82 -4.43
CA ASN A 68 19.65 -7.35 -5.53
C ASN A 68 21.13 -7.35 -5.15
N LYS A 69 21.39 -7.25 -3.85
CA LYS A 69 22.76 -7.31 -3.34
C LYS A 69 23.32 -8.72 -3.43
N ASP A 70 22.52 -9.70 -3.00
CA ASP A 70 22.91 -11.10 -3.08
C ASP A 70 22.93 -11.58 -4.53
N LYS A 71 21.98 -11.11 -5.32
CA LYS A 71 21.91 -11.46 -6.73
C LYS A 71 21.47 -10.28 -7.58
N GLU A 72 22.43 -9.53 -8.09
CA GLU A 72 22.14 -8.36 -8.91
C GLU A 72 21.46 -8.75 -10.22
N LYS A 73 20.32 -8.11 -10.50
CA LYS A 73 19.59 -8.39 -11.72
C LYS A 73 19.68 -7.22 -12.70
N SER A 74 19.77 -7.53 -13.99
CA SER A 74 19.98 -6.50 -15.01
C SER A 74 18.76 -5.60 -15.15
N LYS A 75 17.62 -6.06 -14.65
CA LYS A 75 16.40 -5.26 -14.67
C LYS A 75 16.50 -4.05 -13.75
N GLU A 76 17.29 -4.19 -12.69
CA GLU A 76 17.42 -3.14 -11.69
C GLU A 76 16.06 -2.71 -11.16
N GLU A 77 15.15 -3.68 -11.01
CA GLU A 77 13.83 -3.40 -10.46
C GLU A 77 13.39 -4.50 -9.49
N VAL A 78 14.29 -4.87 -8.59
CA VAL A 78 14.03 -5.94 -7.63
C VAL A 78 13.15 -5.45 -6.49
N ASN A 79 11.86 -5.30 -6.75
CA ASN A 79 10.92 -4.81 -5.75
C ASN A 79 9.60 -5.57 -5.82
N ASP A 80 9.52 -6.69 -5.09
CA ASP A 80 8.33 -7.52 -5.11
C ASP A 80 7.17 -6.86 -4.38
N LYS A 81 6.56 -5.87 -5.03
CA LYS A 81 5.41 -5.19 -4.48
C LYS A 81 4.13 -5.54 -5.25
N ARG A 82 2.99 -5.15 -4.70
CA ARG A 82 1.78 -4.93 -5.50
C ARG A 82 1.42 -3.47 -5.25
N TYR A 83 0.85 -2.76 -6.25
CA TYR A 83 0.55 -1.29 -6.15
C TYR A 83 -0.94 -1.01 -6.11
N LEU A 84 -1.30 0.13 -5.55
CA LEU A 84 -2.69 0.41 -5.22
C LEU A 84 -3.10 1.87 -5.23
N ARG A 85 -4.15 2.15 -5.97
CA ARG A 85 -4.71 3.50 -6.07
C ARG A 85 -5.90 3.24 -5.19
N CYS A 86 -6.08 4.13 -4.28
CA CYS A 86 -6.81 3.79 -3.09
C CYS A 86 -7.44 5.07 -2.55
N PRO A 87 -8.68 5.04 -2.04
CA PRO A 87 -9.24 6.30 -1.45
C PRO A 87 -8.57 6.63 -0.12
N ALA A 88 -8.11 7.85 0.02
CA ALA A 88 -7.20 8.24 1.20
C ALA A 88 -7.82 8.03 2.62
N ALA A 89 -9.15 8.01 2.64
CA ALA A 89 -10.07 7.73 3.75
C ALA A 89 -10.06 6.32 4.27
N MET A 90 -9.49 5.42 3.51
CA MET A 90 -9.44 4.01 3.90
C MET A 90 -8.45 3.78 5.07
N THR A 91 -8.71 2.75 5.89
CA THR A 91 -7.94 2.55 7.12
C THR A 91 -7.11 1.33 7.06
N VAL A 92 -6.13 1.28 7.98
CA VAL A 92 -5.32 0.07 8.22
C VAL A 92 -6.19 -1.18 8.40
N MET A 93 -7.25 -1.02 9.21
CA MET A 93 -8.23 -2.09 9.41
C MET A 93 -8.69 -2.64 8.08
N HIS A 94 -9.08 -1.76 7.09
CA HIS A 94 -9.49 -2.16 5.71
C HIS A 94 -8.44 -2.86 4.91
N LEU A 95 -7.22 -2.39 5.00
CA LEU A 95 -6.16 -3.03 4.32
C LEU A 95 -5.86 -4.40 4.81
N ARG A 96 -5.79 -4.58 6.16
CA ARG A 96 -5.51 -5.86 6.72
C ARG A 96 -6.57 -6.85 6.19
N LYS A 97 -7.82 -6.40 6.11
CA LYS A 97 -8.95 -7.23 5.63
C LYS A 97 -8.81 -7.65 4.20
N PHE A 98 -8.16 -6.79 3.45
CA PHE A 98 -8.03 -6.94 2.09
C PHE A 98 -6.94 -7.98 1.90
N LEU A 99 -5.83 -7.76 2.60
CA LEU A 99 -4.80 -8.81 2.64
C LEU A 99 -5.33 -10.21 3.10
N ARG A 100 -6.06 -10.19 4.23
CA ARG A 100 -6.64 -11.37 4.80
C ARG A 100 -7.41 -12.14 3.75
N SER A 101 -8.33 -11.43 3.11
CA SER A 101 -8.98 -11.98 1.90
C SER A 101 -8.06 -12.31 0.67
N LYS A 102 -7.30 -11.37 0.10
CA LYS A 102 -6.39 -11.66 -1.03
C LYS A 102 -5.56 -12.97 -0.85
N MET A 103 -4.82 -13.09 0.27
CA MET A 103 -3.89 -14.22 0.52
C MET A 103 -4.57 -15.37 1.24
N ASP A 104 -5.89 -15.30 1.40
CA ASP A 104 -6.59 -16.32 2.17
C ASP A 104 -6.00 -16.64 3.60
N ILE A 105 -5.86 -15.64 4.40
CA ILE A 105 -5.10 -15.77 5.64
C ILE A 105 -6.03 -16.16 6.76
N PRO A 106 -5.85 -17.35 7.37
CA PRO A 106 -6.71 -17.81 8.45
C PRO A 106 -6.59 -17.02 9.75
N ASN A 107 -7.62 -17.14 10.58
CA ASN A 107 -7.74 -16.42 11.84
C ASN A 107 -6.73 -16.94 12.88
N THR A 108 -6.18 -18.09 12.56
CA THR A 108 -5.00 -18.61 13.21
C THR A 108 -3.79 -17.58 13.19
N PHE A 109 -3.79 -16.58 12.28
CA PHE A 109 -2.73 -15.59 12.27
C PHE A 109 -3.18 -14.14 12.43
N GLN A 110 -2.29 -13.28 12.95
CA GLN A 110 -2.49 -11.83 12.93
C GLN A 110 -1.75 -11.17 11.77
N ILE A 111 -2.21 -10.01 11.33
CA ILE A 111 -1.55 -9.22 10.28
C ILE A 111 -1.16 -7.85 10.80
N ASP A 112 0.12 -7.61 10.86
CA ASP A 112 0.62 -6.32 11.11
C ASP A 112 0.92 -5.54 9.77
N VAL A 113 0.18 -4.45 9.56
CA VAL A 113 0.49 -3.43 8.61
C VAL A 113 1.46 -2.34 9.15
N MET A 114 2.58 -2.17 8.47
CA MET A 114 3.63 -1.33 8.85
C MET A 114 4.05 -0.31 7.80
N TYR A 115 4.57 0.81 8.29
CA TYR A 115 5.13 1.79 7.41
C TYR A 115 6.59 1.41 7.12
N GLU A 116 7.37 1.31 8.15
CA GLU A 116 8.77 0.83 7.95
C GLU A 116 8.90 -0.47 8.75
N GLU A 117 9.32 -0.35 10.02
CA GLU A 117 9.45 -1.47 10.96
C GLU A 117 8.31 -1.40 11.94
N GLU A 118 7.55 -0.31 11.88
CA GLU A 118 6.57 -0.04 12.91
C GLU A 118 5.15 -0.25 12.47
N PRO A 119 4.44 -1.17 13.19
CA PRO A 119 3.05 -1.37 12.85
C PRO A 119 2.24 -0.09 13.20
N LEU A 120 1.04 -0.05 12.66
CA LEU A 120 0.21 1.06 12.60
C LEU A 120 -1.04 0.59 13.24
N LYS A 121 -1.74 1.53 13.80
CA LYS A 121 -2.93 1.28 14.52
C LYS A 121 -4.01 1.09 13.49
N ASP A 122 -4.94 0.23 13.81
CA ASP A 122 -6.00 -0.08 12.82
C ASP A 122 -6.95 1.13 12.43
N TYR A 123 -7.03 2.15 13.30
CA TYR A 123 -7.86 3.38 12.99
C TYR A 123 -7.14 4.36 11.97
N TYR A 124 -5.83 4.26 11.87
CA TYR A 124 -5.17 5.15 10.92
C TYR A 124 -5.71 5.12 9.46
N THR A 125 -6.02 6.29 8.97
CA THR A 125 -6.35 6.43 7.58
C THR A 125 -5.09 6.51 6.78
N LEU A 126 -5.18 6.26 5.47
CA LEU A 126 -3.99 6.46 4.61
C LEU A 126 -3.48 7.89 4.66
N MET A 127 -4.41 8.85 4.64
CA MET A 127 -3.95 10.26 4.96
C MET A 127 -3.18 10.40 6.28
N ASP A 128 -3.68 9.78 7.35
CA ASP A 128 -3.05 9.88 8.68
C ASP A 128 -1.63 9.42 8.59
N ILE A 129 -1.43 8.32 7.85
CA ILE A 129 -0.09 7.78 7.64
C ILE A 129 0.72 8.83 6.84
N ALA A 130 0.15 9.39 5.75
CA ALA A 130 1.00 10.26 4.96
C ALA A 130 1.41 11.48 5.87
N TYR A 131 0.44 11.97 6.65
CA TYR A 131 0.71 13.09 7.60
C TYR A 131 1.67 12.69 8.71
N ILE A 132 1.47 11.50 9.27
CA ILE A 132 2.46 11.11 10.26
C ILE A 132 3.79 10.91 9.83
N TYR A 133 3.99 10.27 8.66
CA TYR A 133 5.34 9.98 8.21
C TYR A 133 5.88 10.98 7.25
N THR A 134 5.11 12.08 7.07
CA THR A 134 5.54 13.18 6.25
C THR A 134 5.99 12.67 4.84
N TRP A 135 5.17 11.79 4.31
CA TRP A 135 5.30 11.40 2.92
C TRP A 135 5.05 12.60 2.05
N ARG A 136 5.87 12.74 1.00
CA ARG A 136 5.89 13.93 0.14
C ARG A 136 5.30 13.65 -1.28
N ARG A 137 4.47 12.63 -1.46
CA ARG A 137 4.01 12.27 -2.81
C ARG A 137 5.14 12.10 -3.84
N ASN A 138 6.29 11.62 -3.37
CA ASN A 138 7.34 11.14 -4.23
C ASN A 138 7.15 9.63 -4.19
N GLY A 139 6.62 9.10 -5.29
CA GLY A 139 6.28 7.70 -5.39
C GLY A 139 5.03 7.32 -4.66
N PRO A 140 4.63 6.02 -4.71
CA PRO A 140 3.57 5.54 -3.84
C PRO A 140 4.02 5.39 -2.38
N LEU A 141 3.04 5.46 -1.48
CA LEU A 141 3.28 5.30 -0.07
C LEU A 141 3.67 3.84 0.16
N PRO A 142 4.90 3.59 0.63
CA PRO A 142 5.32 2.22 0.73
C PRO A 142 4.90 1.58 2.05
N LEU A 143 3.91 0.66 1.98
CA LEU A 143 3.53 -0.23 3.08
C LEU A 143 4.02 -1.68 3.02
N LYS A 144 4.15 -2.23 4.21
CA LYS A 144 4.56 -3.56 4.36
C LYS A 144 3.62 -4.31 5.30
N TYR A 145 3.86 -5.62 5.31
CA TYR A 145 3.05 -6.48 6.07
C TYR A 145 3.69 -7.83 6.39
N ARG A 146 3.11 -8.38 7.44
CA ARG A 146 3.61 -9.53 8.11
C ARG A 146 2.48 -10.20 8.92
N VAL A 147 2.68 -11.51 9.08
CA VAL A 147 1.82 -12.40 9.82
C VAL A 147 2.51 -13.02 11.04
N ARG A 148 1.72 -13.15 12.09
CA ARG A 148 2.19 -13.70 13.37
C ARG A 148 1.10 -14.67 13.84
N PRO A 149 1.49 -15.78 14.49
CA PRO A 149 0.46 -16.62 15.10
C PRO A 149 -0.28 -15.83 16.18
N THR A 150 -1.57 -15.99 16.28
CA THR A 150 -2.28 -15.32 17.34
C THR A 150 -2.46 -16.20 18.61
N CYS A 151 -2.59 -15.57 19.78
CA CYS A 151 -3.01 -16.22 21.06
C CYS A 151 -2.74 -15.27 22.18
N PRO A 7 -3.51 -4.11 -17.81
CA PRO A 7 -2.72 -4.32 -16.60
C PRO A 7 -3.36 -5.32 -15.64
N GLN A 8 -2.53 -6.05 -14.92
CA GLN A 8 -3.02 -7.07 -14.00
C GLN A 8 -3.52 -6.44 -12.70
N ILE A 9 -4.65 -5.75 -12.79
CA ILE A 9 -5.24 -5.12 -11.61
C ILE A 9 -6.53 -5.82 -11.21
N LEU A 10 -6.68 -6.07 -9.91
CA LEU A 10 -7.75 -6.93 -9.41
C LEU A 10 -8.61 -6.20 -8.39
N THR A 11 -9.90 -6.50 -8.39
CA THR A 11 -10.85 -5.79 -7.54
C THR A 11 -11.13 -6.57 -6.25
N HIS A 12 -11.04 -5.87 -5.12
CA HIS A 12 -11.59 -6.38 -3.87
C HIS A 12 -12.35 -5.29 -3.11
N VAL A 13 -13.36 -5.69 -2.37
CA VAL A 13 -14.13 -4.75 -1.56
C VAL A 13 -13.63 -4.73 -0.13
N ILE A 14 -13.26 -3.54 0.34
CA ILE A 14 -13.06 -3.31 1.77
C ILE A 14 -13.87 -2.10 2.24
N GLU A 15 -14.32 -2.15 3.49
CA GLU A 15 -15.44 -1.33 3.93
C GLU A 15 -15.19 0.14 3.62
N GLY A 16 -16.18 0.79 3.02
CA GLY A 16 -16.12 2.23 2.83
C GLY A 16 -15.57 2.60 1.46
N PHE A 17 -15.04 1.62 0.75
CA PHE A 17 -14.85 1.73 -0.69
C PHE A 17 -14.28 0.45 -1.27
N VAL A 18 -14.44 0.26 -2.58
CA VAL A 18 -13.80 -0.85 -3.29
C VAL A 18 -12.47 -0.41 -3.88
N ILE A 19 -11.43 -1.21 -3.62
CA ILE A 19 -10.09 -0.89 -4.10
C ILE A 19 -9.60 -1.94 -5.08
N GLN A 20 -8.96 -1.50 -6.16
CA GLN A 20 -8.35 -2.41 -7.12
C GLN A 20 -6.83 -2.34 -7.07
N GLU A 21 -6.19 -3.50 -6.99
CA GLU A 21 -4.78 -3.57 -6.66
C GLU A 21 -4.04 -4.49 -7.63
N GLY A 22 -2.78 -4.15 -7.93
CA GLY A 22 -1.95 -5.02 -8.74
C GLY A 22 -0.96 -4.24 -9.57
N ALA A 23 -1.00 -4.43 -10.89
CA ALA A 23 -0.06 -3.80 -11.79
C ALA A 23 -0.46 -2.38 -12.13
N GLU A 24 0.05 -1.42 -11.37
CA GLU A 24 -0.19 -0.01 -11.64
C GLU A 24 0.44 0.41 -12.96
N PRO A 25 -0.30 1.20 -13.74
CA PRO A 25 0.18 1.67 -15.03
C PRO A 25 1.21 2.79 -14.86
N PHE A 26 1.95 3.07 -15.93
CA PHE A 26 2.98 4.10 -15.89
C PHE A 26 2.38 5.45 -15.53
N PRO A 27 3.01 6.14 -14.58
CA PRO A 27 2.59 7.47 -14.18
C PRO A 27 2.93 8.49 -15.26
N VAL A 28 2.04 8.61 -16.24
CA VAL A 28 2.23 9.58 -17.33
C VAL A 28 2.22 11.01 -16.81
N GLY A 29 3.18 11.80 -17.26
CA GLY A 29 3.35 13.16 -16.75
C GLY A 29 2.18 14.05 -17.19
N ARG A 30 1.10 14.01 -16.42
CA ARG A 30 -0.04 14.88 -16.66
C ARG A 30 -0.49 15.57 -15.38
N SER A 31 0.45 15.80 -14.48
CA SER A 31 0.15 16.43 -13.21
C SER A 31 -0.22 17.90 -13.39
N SER A 32 -1.49 18.16 -13.66
CA SER A 32 -1.99 19.52 -13.81
C SER A 32 -1.91 20.28 -12.48
N LEU A 33 -1.56 21.55 -12.55
CA LEU A 33 -1.36 22.36 -11.35
C LEU A 33 -2.67 22.90 -10.81
N LEU A 34 -3.52 22.00 -10.34
CA LEU A 34 -4.81 22.39 -9.78
C LEU A 34 -4.65 22.95 -8.37
N VAL A 35 -4.20 24.20 -8.28
CA VAL A 35 -3.88 24.82 -7.00
C VAL A 35 -5.12 24.93 -6.13
N GLY A 36 -6.29 24.87 -6.76
CA GLY A 36 -7.56 24.90 -6.02
C GLY A 36 -7.75 23.62 -5.23
N ASN A 37 -7.06 22.56 -5.62
CA ASN A 37 -7.17 21.27 -4.95
C ASN A 37 -5.89 20.92 -4.19
N LEU A 38 -4.82 21.65 -4.48
CA LEU A 38 -3.55 21.45 -3.79
C LEU A 38 -3.59 22.02 -2.39
N LYS A 39 -2.69 21.54 -1.53
CA LYS A 39 -2.68 21.93 -0.13
C LYS A 39 -2.52 23.44 0.01
N GLY A 40 -3.34 24.03 0.88
CA GLY A 40 -3.27 25.47 1.13
C GLY A 40 -3.40 25.78 2.63
N ASP A 41 -2.70 26.80 3.07
CA ASP A 41 -2.71 27.18 4.49
C ASP A 41 -4.12 27.52 4.96
N LYS A 42 -4.61 26.77 5.94
CA LYS A 42 -5.95 26.98 6.46
C LYS A 42 -6.99 26.23 5.63
N ARG A 43 -6.53 25.62 4.54
CA ARG A 43 -7.38 24.73 3.75
C ARG A 43 -7.69 23.45 4.52
N ILE A 44 -8.97 23.10 4.57
CA ILE A 44 -9.39 21.82 5.13
C ILE A 44 -9.06 20.67 4.21
N ILE A 45 -8.69 19.52 4.78
CA ILE A 45 -8.31 18.35 4.00
C ILE A 45 -9.51 17.75 3.29
N THR A 46 -9.36 17.51 1.99
CA THR A 46 -10.31 16.70 1.25
C THR A 46 -10.01 15.21 1.38
N ASP A 47 -10.99 14.45 1.85
CA ASP A 47 -10.89 13.00 1.90
C ASP A 47 -11.64 12.35 0.75
N ASP A 48 -11.92 13.15 -0.28
CA ASP A 48 -12.48 12.61 -1.53
C ASP A 48 -11.33 12.37 -2.53
N GLU A 49 -10.14 12.06 -2.01
CA GLU A 49 -8.89 12.05 -2.69
C GLU A 49 -8.39 10.64 -2.75
N ILE A 50 -7.59 10.42 -3.80
CA ILE A 50 -7.02 9.18 -4.22
C ILE A 50 -5.58 9.18 -3.78
N ILE A 51 -5.22 8.08 -3.11
CA ILE A 51 -3.86 7.95 -2.72
C ILE A 51 -3.22 6.77 -3.46
N SER A 52 -2.04 7.01 -4.00
CA SER A 52 -1.32 5.93 -4.62
C SER A 52 -0.39 5.29 -3.57
N LEU A 53 -0.28 3.96 -3.62
CA LEU A 53 0.57 3.21 -2.73
C LEU A 53 1.07 1.83 -3.17
N SER A 54 2.08 1.31 -2.43
CA SER A 54 2.49 -0.03 -2.54
C SER A 54 2.38 -0.78 -1.22
N ILE A 55 2.36 -2.10 -1.43
CA ILE A 55 2.15 -3.13 -0.44
C ILE A 55 2.96 -4.40 -0.78
N GLU A 56 3.90 -4.73 0.07
CA GLU A 56 4.72 -5.89 -0.09
C GLU A 56 4.92 -6.59 1.30
N PHE A 57 5.27 -7.86 1.26
CA PHE A 57 5.53 -8.66 2.41
C PHE A 57 6.84 -8.24 3.06
N PHE A 58 6.76 -7.84 4.32
CA PHE A 58 7.95 -7.42 5.06
C PHE A 58 9.11 -8.37 4.83
N ASP A 59 10.32 -7.81 4.76
CA ASP A 59 11.41 -8.44 4.02
C ASP A 59 12.13 -9.46 4.88
N GLN A 60 11.44 -9.98 5.88
CA GLN A 60 11.97 -11.06 6.71
C GLN A 60 12.08 -12.35 5.91
N ASN A 61 11.30 -12.46 4.85
CA ASN A 61 11.35 -13.62 3.97
C ASN A 61 12.59 -13.59 3.08
N ARG A 62 13.29 -12.46 3.10
CA ARG A 62 14.52 -12.32 2.34
C ARG A 62 15.75 -12.33 3.26
N LEU A 63 15.49 -12.48 4.55
CA LEU A 63 16.55 -12.38 5.55
C LEU A 63 17.22 -11.00 5.49
N ASP A 64 16.42 -9.96 5.29
CA ASP A 64 16.95 -8.60 5.19
C ASP A 64 17.90 -8.47 4.01
N ARG A 65 17.52 -9.07 2.88
CA ARG A 65 18.33 -8.99 1.67
C ARG A 65 17.51 -8.44 0.50
N LYS A 66 18.21 -7.97 -0.52
CA LYS A 66 17.56 -7.45 -1.71
C LYS A 66 18.27 -7.91 -2.99
N VAL A 67 17.51 -8.46 -3.92
CA VAL A 67 18.08 -9.01 -5.14
C VAL A 67 18.84 -7.95 -5.93
N ASN A 68 18.31 -6.73 -5.93
CA ASN A 68 18.93 -5.64 -6.68
C ASN A 68 20.31 -5.31 -6.13
N LYS A 69 20.56 -5.71 -4.89
CA LYS A 69 21.83 -5.42 -4.23
C LYS A 69 22.77 -6.62 -4.31
N ASP A 70 22.22 -7.81 -4.14
CA ASP A 70 23.02 -9.03 -4.15
C ASP A 70 23.42 -9.41 -5.57
N LYS A 71 22.50 -9.25 -6.51
CA LYS A 71 22.74 -9.63 -7.90
C LYS A 71 22.97 -8.40 -8.77
N GLU A 72 23.83 -8.53 -9.77
CA GLU A 72 24.08 -7.46 -10.72
C GLU A 72 22.99 -7.39 -11.78
N LYS A 73 22.28 -6.27 -11.81
CA LYS A 73 21.20 -6.07 -12.78
C LYS A 73 21.56 -4.99 -13.79
N SER A 74 21.11 -5.18 -15.03
CA SER A 74 21.38 -4.21 -16.09
C SER A 74 20.34 -3.10 -16.10
N LYS A 75 19.14 -3.40 -15.58
CA LYS A 75 18.07 -2.42 -15.48
C LYS A 75 17.85 -1.97 -14.05
N GLU A 76 18.18 -2.85 -13.11
CA GLU A 76 18.03 -2.55 -11.68
C GLU A 76 16.59 -2.24 -11.33
N GLU A 77 15.68 -3.14 -11.71
CA GLU A 77 14.27 -2.94 -11.47
C GLU A 77 13.68 -4.11 -10.69
N VAL A 78 13.97 -4.17 -9.40
CA VAL A 78 13.41 -5.20 -8.53
C VAL A 78 12.36 -4.62 -7.60
N ASN A 79 11.09 -4.96 -7.84
CA ASN A 79 9.99 -4.42 -7.05
C ASN A 79 9.01 -5.52 -6.64
N ASP A 80 9.41 -6.31 -5.65
CA ASP A 80 8.55 -7.36 -5.11
C ASP A 80 7.40 -6.77 -4.31
N LYS A 81 6.40 -6.25 -5.02
CA LYS A 81 5.28 -5.55 -4.37
C LYS A 81 4.09 -5.44 -5.31
N ARG A 82 2.94 -5.05 -4.76
CA ARG A 82 1.73 -4.84 -5.56
C ARG A 82 1.38 -3.38 -5.29
N TYR A 83 0.80 -2.66 -6.29
CA TYR A 83 0.50 -1.19 -6.18
C TYR A 83 -0.98 -0.91 -6.14
N LEU A 84 -1.34 0.23 -5.58
CA LEU A 84 -2.72 0.51 -5.24
C LEU A 84 -3.13 1.97 -5.25
N ARG A 85 -4.19 2.25 -5.98
CA ARG A 85 -4.75 3.61 -6.08
C ARG A 85 -5.93 3.34 -5.19
N CYS A 86 -6.12 4.23 -4.29
CA CYS A 86 -6.84 3.89 -3.09
C CYS A 86 -7.47 5.17 -2.55
N PRO A 87 -8.70 5.13 -2.04
CA PRO A 87 -9.27 6.40 -1.43
C PRO A 87 -8.59 6.72 -0.11
N ALA A 88 -8.13 7.94 0.03
CA ALA A 88 -7.22 8.32 1.22
C ALA A 88 -7.84 8.11 2.63
N ALA A 89 -9.18 8.08 2.65
CA ALA A 89 -10.09 7.81 3.77
C ALA A 89 -10.09 6.39 4.28
N MET A 90 -9.51 5.49 3.51
CA MET A 90 -9.46 4.09 3.90
C MET A 90 -8.47 3.85 5.07
N THR A 91 -8.72 2.82 5.88
CA THR A 91 -7.96 2.61 7.11
C THR A 91 -7.13 1.38 7.05
N VAL A 92 -6.16 1.32 7.96
CA VAL A 92 -5.34 0.12 8.19
C VAL A 92 -6.22 -1.13 8.36
N MET A 93 -7.27 -0.97 9.18
CA MET A 93 -8.24 -2.04 9.39
C MET A 93 -8.72 -2.59 8.05
N HIS A 94 -9.11 -1.71 7.06
CA HIS A 94 -9.52 -2.10 5.68
C HIS A 94 -8.46 -2.80 4.88
N LEU A 95 -7.24 -2.33 4.96
CA LEU A 95 -6.19 -2.97 4.28
C LEU A 95 -5.89 -4.34 4.77
N ARG A 96 -5.82 -4.52 6.12
CA ARG A 96 -5.53 -5.81 6.66
C ARG A 96 -6.60 -6.79 6.14
N LYS A 97 -7.86 -6.34 6.06
CA LYS A 97 -8.98 -7.17 5.58
C LYS A 97 -8.84 -7.58 4.15
N PHE A 98 -8.19 -6.72 3.40
CA PHE A 98 -8.08 -6.87 2.04
C PHE A 98 -6.97 -7.89 1.85
N LEU A 99 -5.86 -7.69 2.55
CA LEU A 99 -4.84 -8.74 2.57
C LEU A 99 -5.37 -10.14 3.03
N ARG A 100 -6.10 -10.12 4.17
CA ARG A 100 -6.68 -11.30 4.73
C ARG A 100 -7.45 -12.07 3.68
N SER A 101 -8.37 -11.36 3.05
CA SER A 101 -9.02 -11.90 1.83
C SER A 101 -8.10 -12.23 0.59
N LYS A 102 -7.34 -11.29 0.03
CA LYS A 102 -6.44 -11.58 -1.10
C LYS A 102 -5.61 -12.88 -0.92
N MET A 103 -4.87 -13.01 0.20
CA MET A 103 -3.93 -14.14 0.44
C MET A 103 -4.61 -15.29 1.15
N ASP A 104 -5.93 -15.22 1.31
CA ASP A 104 -6.64 -16.24 2.08
C ASP A 104 -6.04 -16.58 3.51
N ILE A 105 -5.90 -15.57 4.32
CA ILE A 105 -5.13 -15.71 5.54
C ILE A 105 -6.07 -16.11 6.67
N PRO A 106 -5.89 -17.30 7.27
CA PRO A 106 -6.76 -17.76 8.36
C PRO A 106 -6.63 -16.98 9.65
N ASN A 107 -7.66 -17.11 10.48
CA ASN A 107 -7.77 -16.38 11.75
C ASN A 107 -6.77 -16.91 12.79
N THR A 108 -6.21 -18.06 12.46
CA THR A 108 -5.04 -18.58 13.10
C THR A 108 -3.82 -17.56 13.10
N PHE A 109 -3.82 -16.55 12.19
CA PHE A 109 -2.76 -15.56 12.18
C PHE A 109 -3.21 -14.11 12.35
N GLN A 110 -2.32 -13.25 12.87
CA GLN A 110 -2.51 -11.80 12.85
C GLN A 110 -1.78 -11.14 11.69
N ILE A 111 -2.23 -9.98 11.27
CA ILE A 111 -1.57 -9.18 10.22
C ILE A 111 -1.18 -7.81 10.74
N ASP A 112 0.10 -7.58 10.79
CA ASP A 112 0.59 -6.29 11.05
C ASP A 112 0.90 -5.51 9.72
N VAL A 113 0.15 -4.41 9.51
CA VAL A 113 0.47 -3.39 8.56
C VAL A 113 1.44 -2.30 9.11
N MET A 114 2.55 -2.13 8.42
CA MET A 114 3.61 -1.30 8.81
C MET A 114 4.03 -0.27 7.76
N TYR A 115 4.55 0.85 8.25
CA TYR A 115 5.12 1.84 7.38
C TYR A 115 6.57 1.45 7.08
N GLU A 116 7.35 1.35 8.12
CA GLU A 116 8.75 0.86 7.90
C GLU A 116 8.88 -0.44 8.71
N GLU A 117 9.30 -0.33 9.97
CA GLU A 117 9.44 -1.44 10.92
C GLU A 117 8.30 -1.38 11.89
N GLU A 118 7.54 -0.29 11.83
CA GLU A 118 6.55 -0.03 12.88
C GLU A 118 5.13 -0.23 12.42
N PRO A 119 4.43 -1.16 13.15
CA PRO A 119 3.03 -1.35 12.82
C PRO A 119 2.23 -0.07 13.17
N LEU A 120 1.03 -0.02 12.62
CA LEU A 120 0.19 1.09 12.58
C LEU A 120 -1.05 0.61 13.21
N LYS A 121 -1.76 1.56 13.78
CA LYS A 121 -2.94 1.30 14.50
C LYS A 121 -4.03 1.10 13.47
N ASP A 122 -4.96 0.26 13.78
CA ASP A 122 -6.01 -0.05 12.80
C ASP A 122 -6.97 1.16 12.41
N TYR A 123 -7.04 2.18 13.28
CA TYR A 123 -7.87 3.42 12.98
C TYR A 123 -7.15 4.39 11.97
N TYR A 124 -5.84 4.29 11.86
CA TYR A 124 -5.18 5.19 10.91
C TYR A 124 -5.72 5.16 9.46
N THR A 125 -6.04 6.33 8.98
CA THR A 125 -6.37 6.49 7.58
C THR A 125 -5.10 6.56 6.78
N LEU A 126 -5.20 6.32 5.48
CA LEU A 126 -4.01 6.52 4.61
C LEU A 126 -3.50 7.95 4.67
N MET A 127 -4.43 8.92 4.66
CA MET A 127 -3.95 10.32 4.98
C MET A 127 -3.19 10.46 6.30
N ASP A 128 -3.70 9.84 7.37
CA ASP A 128 -3.07 9.92 8.69
C ASP A 128 -1.65 9.47 8.60
N ILE A 129 -1.44 8.37 7.85
CA ILE A 129 -0.10 7.83 7.63
C ILE A 129 0.70 8.88 6.84
N ALA A 130 0.13 9.43 5.75
CA ALA A 130 0.99 10.32 4.97
C ALA A 130 1.40 11.53 5.88
N TYR A 131 0.42 12.02 6.67
CA TYR A 131 0.70 13.13 7.62
C TYR A 131 1.66 12.73 8.73
N ILE A 132 1.47 11.52 9.28
CA ILE A 132 2.45 11.14 10.28
C ILE A 132 3.79 10.95 9.83
N TYR A 133 3.98 10.31 8.66
CA TYR A 133 5.33 10.02 8.22
C TYR A 133 5.85 11.03 7.26
N THR A 134 5.10 12.12 7.08
CA THR A 134 5.53 13.22 6.27
C THR A 134 5.98 12.72 4.84
N TRP A 135 5.15 11.85 4.32
CA TRP A 135 5.28 11.45 2.92
C TRP A 135 5.04 12.66 2.06
N ARG A 136 5.85 12.81 1.01
CA ARG A 136 5.87 14.00 0.15
C ARG A 136 5.29 13.73 -1.26
N ARG A 137 4.45 12.71 -1.45
CA ARG A 137 3.99 12.36 -2.79
C ARG A 137 5.11 12.18 -3.83
N ASN A 138 6.26 11.70 -3.36
CA ASN A 138 7.32 11.23 -4.23
C ASN A 138 7.12 9.72 -4.20
N GLY A 139 6.59 9.20 -5.30
CA GLY A 139 6.25 7.79 -5.40
C GLY A 139 5.01 7.41 -4.67
N PRO A 140 4.60 6.12 -4.73
CA PRO A 140 3.54 5.63 -3.85
C PRO A 140 3.99 5.47 -2.39
N LEU A 141 3.01 5.54 -1.49
CA LEU A 141 3.25 5.38 -0.08
C LEU A 141 3.64 3.91 0.14
N PRO A 142 4.87 3.66 0.61
CA PRO A 142 5.28 2.29 0.70
C PRO A 142 4.86 1.65 2.02
N LEU A 143 3.89 0.72 1.95
CA LEU A 143 3.50 -0.16 3.05
C LEU A 143 3.99 -1.61 2.97
N LYS A 144 4.12 -2.17 4.16
CA LYS A 144 4.53 -3.50 4.31
C LYS A 144 3.60 -4.26 5.25
N TYR A 145 3.83 -5.57 5.26
CA TYR A 145 3.02 -6.43 6.01
C TYR A 145 3.65 -7.78 6.32
N ARG A 146 3.09 -8.34 7.37
CA ARG A 146 3.58 -9.49 8.03
C ARG A 146 2.45 -10.16 8.85
N VAL A 147 2.64 -11.47 9.00
CA VAL A 147 1.78 -12.36 9.73
C VAL A 147 2.48 -12.99 10.94
N ARG A 148 1.69 -13.12 12.00
CA ARG A 148 2.16 -13.68 13.27
C ARG A 148 1.07 -14.66 13.74
N PRO A 149 1.46 -15.77 14.39
CA PRO A 149 0.44 -16.61 15.00
C PRO A 149 -0.31 -15.82 16.08
N THR A 150 -1.59 -15.98 16.18
CA THR A 150 -2.31 -15.32 17.24
C THR A 150 -2.49 -16.20 18.52
N CYS A 151 -2.62 -15.57 19.69
CA CYS A 151 -3.03 -16.23 20.96
C CYS A 151 -2.75 -15.28 22.09
N PRO A 7 -5.36 -3.05 -18.97
CA PRO A 7 -4.25 -2.64 -18.10
C PRO A 7 -3.81 -3.74 -17.15
N GLN A 8 -3.04 -3.38 -16.14
CA GLN A 8 -2.60 -4.34 -15.12
C GLN A 8 -3.29 -4.08 -13.79
N ILE A 9 -4.43 -3.39 -13.84
CA ILE A 9 -5.16 -3.02 -12.63
C ILE A 9 -6.44 -3.82 -12.50
N LEU A 10 -6.70 -4.30 -11.29
CA LEU A 10 -7.87 -5.15 -11.04
C LEU A 10 -8.72 -4.59 -9.90
N THR A 11 -10.03 -4.79 -10.00
CA THR A 11 -10.97 -4.21 -9.05
C THR A 11 -11.17 -5.12 -7.85
N HIS A 12 -11.10 -4.54 -6.65
CA HIS A 12 -11.33 -5.29 -5.42
C HIS A 12 -12.29 -4.55 -4.50
N VAL A 13 -13.08 -5.30 -3.74
CA VAL A 13 -13.94 -4.71 -2.71
C VAL A 13 -13.27 -4.75 -1.35
N ILE A 14 -13.12 -3.59 -0.73
CA ILE A 14 -12.44 -3.48 0.56
C ILE A 14 -13.23 -2.61 1.52
N GLU A 15 -13.55 -3.14 2.69
CA GLU A 15 -14.82 -2.85 3.35
C GLU A 15 -15.00 -1.34 3.53
N GLY A 16 -16.18 -0.85 3.13
CA GLY A 16 -16.43 0.57 3.17
C GLY A 16 -16.00 1.29 1.92
N PHE A 17 -15.25 0.59 1.06
CA PHE A 17 -14.61 1.22 -0.08
C PHE A 17 -14.45 0.23 -1.23
N VAL A 18 -14.30 0.75 -2.44
CA VAL A 18 -13.71 -0.01 -3.54
C VAL A 18 -12.28 0.43 -3.80
N ILE A 19 -11.36 -0.54 -3.85
CA ILE A 19 -9.99 -0.27 -4.28
C ILE A 19 -9.61 -1.14 -5.47
N GLN A 20 -8.89 -0.55 -6.41
CA GLN A 20 -8.35 -1.30 -7.55
C GLN A 20 -6.84 -1.46 -7.44
N GLU A 21 -6.37 -2.70 -7.57
CA GLU A 21 -4.98 -3.02 -7.25
C GLU A 21 -4.35 -3.84 -8.37
N GLY A 22 -3.06 -3.60 -8.60
CA GLY A 22 -2.39 -4.23 -9.72
C GLY A 22 -0.89 -3.96 -9.73
N ALA A 23 -0.28 -4.02 -10.90
CA ALA A 23 1.16 -3.83 -11.03
C ALA A 23 1.50 -3.03 -12.29
N GLU A 24 1.47 -1.71 -12.18
CA GLU A 24 1.80 -0.85 -13.28
C GLU A 24 3.27 -0.96 -13.66
N PRO A 25 3.55 -0.91 -14.97
CA PRO A 25 4.92 -1.10 -15.46
C PRO A 25 5.83 0.02 -14.97
N PHE A 26 6.25 -0.08 -13.72
CA PHE A 26 7.15 0.90 -13.13
C PHE A 26 8.60 0.64 -13.54
N PRO A 27 9.02 -0.62 -13.43
CA PRO A 27 10.39 -0.99 -13.75
C PRO A 27 10.56 -1.18 -15.25
N VAL A 28 9.44 -1.20 -15.98
CA VAL A 28 9.48 -1.22 -17.44
C VAL A 28 9.73 0.17 -18.01
N GLY A 29 8.97 1.15 -17.53
CA GLY A 29 9.17 2.53 -17.95
C GLY A 29 10.50 3.08 -17.47
N ARG A 30 10.86 2.76 -16.23
CA ARG A 30 12.11 3.21 -15.65
C ARG A 30 12.20 4.72 -15.61
N SER A 31 11.12 5.36 -15.14
CA SER A 31 11.07 6.81 -15.06
C SER A 31 12.02 7.35 -14.02
N SER A 32 12.88 8.29 -14.42
CA SER A 32 13.84 8.90 -13.52
C SER A 32 13.20 10.04 -12.72
N LEU A 33 12.19 9.71 -11.94
CA LEU A 33 11.42 10.72 -11.22
C LEU A 33 10.88 11.78 -12.17
N LEU A 34 10.44 11.34 -13.34
CA LEU A 34 9.95 12.25 -14.36
C LEU A 34 8.44 12.50 -14.21
N VAL A 35 7.83 11.77 -13.28
CA VAL A 35 6.40 11.89 -13.06
C VAL A 35 6.09 12.83 -11.91
N GLY A 36 5.36 13.90 -12.21
CA GLY A 36 4.97 14.87 -11.18
C GLY A 36 3.59 14.56 -10.61
N ASN A 37 2.98 15.56 -9.99
CA ASN A 37 1.66 15.39 -9.39
C ASN A 37 0.56 15.83 -10.36
N LEU A 38 -0.49 15.01 -10.49
CA LEU A 38 -1.66 15.38 -11.27
C LEU A 38 -2.70 16.08 -10.41
N LYS A 39 -2.57 15.93 -9.10
CA LYS A 39 -3.46 16.60 -8.15
C LYS A 39 -2.72 17.61 -7.30
N GLY A 40 -3.45 18.57 -6.76
CA GLY A 40 -2.86 19.58 -5.89
C GLY A 40 -2.29 18.97 -4.62
N ASP A 41 -1.32 19.64 -4.01
CA ASP A 41 -0.74 19.20 -2.77
C ASP A 41 -1.78 19.22 -1.64
N LYS A 42 -2.76 20.10 -1.76
CA LYS A 42 -3.78 20.25 -0.73
C LYS A 42 -5.06 20.84 -1.32
N ARG A 43 -6.20 20.42 -0.78
CA ARG A 43 -7.49 20.92 -1.23
C ARG A 43 -8.57 20.67 -0.18
N ILE A 44 -9.59 21.54 -0.16
CA ILE A 44 -10.64 21.45 0.83
C ILE A 44 -11.42 20.16 0.69
N ILE A 45 -11.52 19.65 -0.53
CA ILE A 45 -12.25 18.41 -0.80
C ILE A 45 -11.44 17.19 -0.37
N THR A 46 -10.32 17.44 0.29
CA THR A 46 -9.45 16.36 0.74
C THR A 46 -10.22 15.34 1.57
N ASP A 47 -9.94 14.06 1.33
CA ASP A 47 -10.78 12.98 1.85
C ASP A 47 -11.63 12.36 0.77
N ASP A 48 -11.92 13.14 -0.27
CA ASP A 48 -12.49 12.59 -1.50
C ASP A 48 -11.36 12.34 -2.51
N GLU A 49 -10.16 12.01 -2.00
CA GLU A 49 -8.91 12.00 -2.71
C GLU A 49 -8.42 10.59 -2.76
N ILE A 50 -7.63 10.36 -3.82
CA ILE A 50 -7.08 9.10 -4.21
C ILE A 50 -5.64 9.11 -3.80
N ILE A 51 -5.27 8.03 -3.13
CA ILE A 51 -3.90 7.88 -2.74
C ILE A 51 -3.27 6.70 -3.47
N SER A 52 -2.09 6.92 -4.03
CA SER A 52 -1.40 5.84 -4.65
C SER A 52 -0.45 5.21 -3.60
N LEU A 53 -0.34 3.88 -3.64
CA LEU A 53 0.51 3.14 -2.75
C LEU A 53 1.01 1.75 -3.18
N SER A 54 2.03 1.24 -2.45
CA SER A 54 2.42 -0.11 -2.54
C SER A 54 2.32 -0.85 -1.21
N ILE A 55 2.30 -2.15 -1.40
CA ILE A 55 2.10 -3.19 -0.40
C ILE A 55 2.90 -4.46 -0.74
N GLU A 56 3.87 -4.78 0.10
CA GLU A 56 4.66 -5.95 -0.05
C GLU A 56 4.88 -6.64 1.35
N PHE A 57 5.24 -7.90 1.32
CA PHE A 57 5.50 -8.68 2.47
C PHE A 57 6.82 -8.26 3.10
N PHE A 58 6.76 -7.85 4.36
CA PHE A 58 7.95 -7.42 5.08
C PHE A 58 9.11 -8.38 4.85
N ASP A 59 10.32 -7.82 4.76
CA ASP A 59 11.40 -8.47 4.01
C ASP A 59 12.12 -9.49 4.87
N GLN A 60 11.43 -9.99 5.90
CA GLN A 60 11.99 -11.04 6.75
C GLN A 60 12.12 -12.35 5.99
N ASN A 61 11.35 -12.48 4.91
CA ASN A 61 11.40 -13.68 4.09
C ASN A 61 12.62 -13.66 3.15
N ARG A 62 13.41 -12.60 3.25
CA ARG A 62 14.65 -12.51 2.50
C ARG A 62 15.87 -12.72 3.39
N LEU A 63 15.62 -13.01 4.67
CA LEU A 63 16.68 -13.24 5.62
C LEU A 63 17.62 -12.05 5.72
N ASP A 64 17.04 -10.85 5.70
CA ASP A 64 17.82 -9.62 5.77
C ASP A 64 18.79 -9.51 4.59
N ARG A 65 18.28 -9.80 3.40
CA ARG A 65 19.08 -9.69 2.18
C ARG A 65 18.46 -8.68 1.22
N LYS A 66 19.31 -7.89 0.58
CA LYS A 66 18.85 -6.92 -0.42
C LYS A 66 19.56 -7.12 -1.75
N VAL A 67 19.05 -6.48 -2.79
CA VAL A 67 19.59 -6.64 -4.14
C VAL A 67 21.05 -6.24 -4.20
N ASN A 68 21.33 -4.97 -3.92
CA ASN A 68 22.69 -4.45 -3.99
C ASN A 68 23.55 -5.01 -2.87
N LYS A 69 22.92 -5.36 -1.76
CA LYS A 69 23.63 -5.94 -0.62
C LYS A 69 24.33 -7.23 -1.01
N ASP A 70 23.61 -8.10 -1.71
CA ASP A 70 24.20 -9.34 -2.22
C ASP A 70 25.11 -9.08 -3.41
N LYS A 71 24.64 -8.25 -4.33
CA LYS A 71 25.43 -7.89 -5.51
C LYS A 71 24.98 -6.55 -6.09
N GLU A 72 25.84 -5.55 -5.98
CA GLU A 72 25.54 -4.22 -6.50
C GLU A 72 25.26 -4.27 -8.00
N LYS A 73 24.10 -3.77 -8.40
CA LYS A 73 23.71 -3.74 -9.80
C LYS A 73 23.42 -2.32 -10.27
N SER A 74 23.63 -2.07 -11.55
CA SER A 74 23.35 -0.76 -12.13
C SER A 74 21.90 -0.64 -12.57
N LYS A 75 21.22 -1.79 -12.72
CA LYS A 75 19.84 -1.83 -13.15
C LYS A 75 18.91 -1.32 -12.06
N GLU A 76 18.86 -2.05 -10.95
CA GLU A 76 18.08 -1.64 -9.79
C GLU A 76 16.61 -1.48 -10.15
N GLU A 77 16.04 -2.52 -10.76
CA GLU A 77 14.63 -2.53 -11.11
C GLU A 77 13.91 -3.72 -10.51
N VAL A 78 14.00 -3.85 -9.19
CA VAL A 78 13.34 -4.93 -8.48
C VAL A 78 12.24 -4.40 -7.57
N ASN A 79 11.00 -4.80 -7.84
CA ASN A 79 9.85 -4.32 -7.08
C ASN A 79 8.94 -5.46 -6.66
N ASP A 80 9.38 -6.23 -5.67
CA ASP A 80 8.57 -7.31 -5.12
C ASP A 80 7.40 -6.75 -4.30
N LYS A 81 6.37 -6.26 -5.00
CA LYS A 81 5.26 -5.60 -4.34
C LYS A 81 4.05 -5.51 -5.28
N ARG A 82 2.91 -5.12 -4.71
CA ARG A 82 1.69 -4.91 -5.51
C ARG A 82 1.33 -3.45 -5.26
N TYR A 83 0.76 -2.74 -6.25
CA TYR A 83 0.46 -1.27 -6.15
C TYR A 83 -1.04 -0.98 -6.09
N LEU A 84 -1.39 0.16 -5.54
CA LEU A 84 -2.77 0.44 -5.20
C LEU A 84 -3.18 1.90 -5.21
N ARG A 85 -4.24 2.18 -5.94
CA ARG A 85 -4.80 3.52 -6.04
C ARG A 85 -5.98 3.27 -5.14
N CYS A 86 -6.16 4.16 -4.24
CA CYS A 86 -6.88 3.82 -3.04
C CYS A 86 -7.50 5.10 -2.50
N PRO A 87 -8.74 5.07 -1.98
CA PRO A 87 -9.30 6.33 -1.38
C PRO A 87 -8.62 6.67 -0.06
N ALA A 88 -8.15 7.89 0.08
CA ALA A 88 -7.25 8.26 1.25
C ALA A 88 -7.85 8.07 2.66
N ALA A 89 -9.18 8.04 2.70
CA ALA A 89 -10.10 7.76 3.82
C ALA A 89 -10.09 6.34 4.34
N MET A 90 -9.52 5.45 3.58
CA MET A 90 -9.46 4.05 3.97
C MET A 90 -8.47 3.80 5.13
N THR A 91 -8.72 2.78 5.95
CA THR A 91 -7.95 2.58 7.18
C THR A 91 -7.12 1.35 7.12
N VAL A 92 -6.13 1.30 8.02
CA VAL A 92 -5.31 0.10 8.25
C VAL A 92 -6.19 -1.15 8.43
N MET A 93 -7.25 -0.99 9.26
CA MET A 93 -8.22 -2.07 9.47
C MET A 93 -8.69 -2.61 8.15
N HIS A 94 -9.09 -1.74 7.15
CA HIS A 94 -9.51 -2.14 5.78
C HIS A 94 -8.45 -2.83 4.97
N LEU A 95 -7.24 -2.37 5.05
CA LEU A 95 -6.19 -3.00 4.37
C LEU A 95 -5.88 -4.37 4.85
N ARG A 96 -5.81 -4.55 6.20
CA ARG A 96 -5.52 -5.83 6.75
C ARG A 96 -6.58 -6.82 6.24
N LYS A 97 -7.84 -6.37 6.17
CA LYS A 97 -8.96 -7.20 5.69
C LYS A 97 -8.84 -7.62 4.26
N PHE A 98 -8.19 -6.76 3.51
CA PHE A 98 -8.08 -6.92 2.14
C PHE A 98 -6.98 -7.95 1.95
N LEU A 99 -5.87 -7.74 2.65
CA LEU A 99 -4.84 -8.78 2.67
C LEU A 99 -5.37 -10.17 3.13
N ARG A 100 -6.08 -10.16 4.27
CA ARG A 100 -6.66 -11.34 4.84
C ARG A 100 -7.43 -12.11 3.79
N SER A 101 -8.37 -11.40 3.16
CA SER A 101 -9.02 -11.95 1.95
C SER A 101 -8.11 -12.28 0.72
N LYS A 102 -7.35 -11.35 0.15
CA LYS A 102 -6.45 -11.63 -0.99
C LYS A 102 -5.62 -12.94 -0.81
N MET A 103 -4.89 -13.06 0.30
CA MET A 103 -3.93 -14.19 0.55
C MET A 103 -4.62 -15.34 1.27
N ASP A 104 -5.94 -15.26 1.44
CA ASP A 104 -6.64 -16.29 2.21
C ASP A 104 -6.04 -16.62 3.63
N ILE A 105 -5.89 -15.61 4.44
CA ILE A 105 -5.11 -15.74 5.67
C ILE A 105 -6.05 -16.13 6.81
N PRO A 106 -5.86 -17.32 7.41
CA PRO A 106 -6.72 -17.78 8.49
C PRO A 106 -6.59 -16.98 9.78
N ASN A 107 -7.61 -17.12 10.63
CA ASN A 107 -7.72 -16.39 11.88
C ASN A 107 -6.71 -16.91 12.92
N THR A 108 -6.16 -18.07 12.60
CA THR A 108 -4.98 -18.58 13.24
C THR A 108 -3.76 -17.56 13.21
N PHE A 109 -3.77 -16.55 12.30
CA PHE A 109 -2.71 -15.57 12.29
C PHE A 109 -3.16 -14.12 12.45
N GLN A 110 -2.26 -13.26 12.97
CA GLN A 110 -2.46 -11.80 12.94
C GLN A 110 -1.73 -11.16 11.78
N ILE A 111 -2.18 -9.99 11.34
CA ILE A 111 -1.53 -9.19 10.30
C ILE A 111 -1.16 -7.82 10.80
N ASP A 112 0.13 -7.59 10.86
CA ASP A 112 0.64 -6.30 11.10
C ASP A 112 0.93 -5.52 9.77
N VAL A 113 0.18 -4.42 9.56
CA VAL A 113 0.49 -3.41 8.60
C VAL A 113 1.46 -2.32 9.15
N MET A 114 2.59 -2.14 8.46
CA MET A 114 3.63 -1.31 8.83
C MET A 114 4.05 -0.29 7.77
N TYR A 115 4.57 0.83 8.26
CA TYR A 115 5.13 1.82 7.37
C TYR A 115 6.58 1.43 7.08
N GLU A 116 7.37 1.33 8.12
CA GLU A 116 8.77 0.85 7.89
C GLU A 116 8.91 -0.45 8.70
N GLU A 117 9.33 -0.34 9.96
CA GLU A 117 9.47 -1.44 10.90
C GLU A 117 8.35 -1.38 11.89
N GLU A 118 7.58 -0.29 11.83
CA GLU A 118 6.59 -0.02 12.88
C GLU A 118 5.18 -0.22 12.44
N PRO A 119 4.47 -1.15 13.16
CA PRO A 119 3.07 -1.34 12.83
C PRO A 119 2.27 -0.06 13.19
N LEU A 120 1.08 -0.03 12.65
CA LEU A 120 0.24 1.09 12.60
C LEU A 120 -1.00 0.61 13.26
N LYS A 121 -1.71 1.56 13.81
CA LYS A 121 -2.89 1.31 14.55
C LYS A 121 -3.98 1.11 13.52
N ASP A 122 -4.91 0.26 13.84
CA ASP A 122 -5.97 -0.06 12.86
C ASP A 122 -6.93 1.15 12.48
N TYR A 123 -7.00 2.18 13.35
CA TYR A 123 -7.83 3.41 13.04
C TYR A 123 -7.11 4.39 12.02
N TYR A 124 -5.80 4.28 11.91
CA TYR A 124 -5.15 5.18 10.95
C TYR A 124 -5.70 5.14 9.50
N THR A 125 -6.02 6.32 9.02
CA THR A 125 -6.36 6.45 7.62
C THR A 125 -5.10 6.54 6.81
N LEU A 126 -5.20 6.28 5.51
CA LEU A 126 -4.01 6.48 4.65
C LEU A 126 -3.51 7.91 4.68
N MET A 127 -4.43 8.88 4.68
CA MET A 127 -3.96 10.29 5.00
C MET A 127 -3.18 10.43 6.30
N ASP A 128 -3.69 9.80 7.38
CA ASP A 128 -3.05 9.91 8.70
C ASP A 128 -1.62 9.45 8.60
N ILE A 129 -1.43 8.34 7.86
CA ILE A 129 -0.09 7.81 7.64
C ILE A 129 0.71 8.86 6.84
N ALA A 130 0.13 9.41 5.75
CA ALA A 130 0.98 10.29 4.96
C ALA A 130 1.39 11.51 5.86
N TYR A 131 0.42 12.00 6.65
CA TYR A 131 0.71 13.11 7.60
C TYR A 131 1.67 12.71 8.70
N ILE A 132 1.48 11.51 9.26
CA ILE A 132 2.48 11.13 10.25
C ILE A 132 3.80 10.93 9.81
N TYR A 133 4.00 10.29 8.64
CA TYR A 133 5.34 10.00 8.19
C TYR A 133 5.86 11.01 7.23
N THR A 134 5.11 12.11 7.04
CA THR A 134 5.53 13.20 6.22
C THR A 134 5.97 12.70 4.80
N TRP A 135 5.15 11.82 4.28
CA TRP A 135 5.27 11.42 2.89
C TRP A 135 5.02 12.62 2.03
N ARG A 136 5.83 12.76 0.96
CA ARG A 136 5.85 13.95 0.11
C ARG A 136 5.26 13.68 -1.32
N ARG A 137 4.42 12.66 -1.48
CA ARG A 137 3.95 12.30 -2.83
C ARG A 137 5.07 12.12 -3.86
N ASN A 138 6.22 11.64 -3.40
CA ASN A 138 7.27 11.16 -4.27
C ASN A 138 7.08 9.66 -4.24
N GLY A 139 6.53 9.13 -5.33
CA GLY A 139 6.20 7.72 -5.43
C GLY A 139 4.95 7.34 -4.69
N PRO A 140 4.56 6.05 -4.74
CA PRO A 140 3.50 5.56 -3.85
C PRO A 140 3.96 5.41 -2.39
N LEU A 141 2.98 5.48 -1.49
CA LEU A 141 3.23 5.34 -0.08
C LEU A 141 3.62 3.86 0.14
N PRO A 142 4.85 3.62 0.60
CA PRO A 142 5.27 2.25 0.70
C PRO A 142 4.85 1.60 2.03
N LEU A 143 3.88 0.68 1.95
CA LEU A 143 3.50 -0.20 3.07
C LEU A 143 3.99 -1.65 3.00
N LYS A 144 4.12 -2.21 4.18
CA LYS A 144 4.53 -3.53 4.34
C LYS A 144 3.60 -4.29 5.28
N TYR A 145 3.84 -5.59 5.29
CA TYR A 145 3.04 -6.46 6.05
C TYR A 145 3.67 -7.80 6.36
N ARG A 146 3.11 -8.36 7.43
CA ARG A 146 3.61 -9.51 8.09
C ARG A 146 2.48 -10.17 8.90
N VAL A 147 2.68 -11.49 9.08
CA VAL A 147 1.82 -12.37 9.81
C VAL A 147 2.52 -12.99 11.02
N ARG A 148 1.74 -13.12 12.08
CA ARG A 148 2.21 -13.68 13.35
C ARG A 148 1.14 -14.65 13.84
N PRO A 149 1.53 -15.76 14.48
CA PRO A 149 0.51 -16.60 15.10
C PRO A 149 -0.23 -15.80 16.18
N THR A 150 -1.53 -15.97 16.28
CA THR A 150 -2.24 -15.30 17.35
C THR A 150 -2.40 -16.19 18.63
N CYS A 151 -2.52 -15.54 19.79
CA CYS A 151 -2.93 -16.20 21.07
C CYS A 151 -2.65 -15.24 22.20
N PRO A 7 -2.34 -2.94 -15.76
CA PRO A 7 -1.20 -3.77 -15.38
C PRO A 7 -1.53 -4.74 -14.25
N GLN A 8 -2.13 -5.87 -14.61
CA GLN A 8 -2.45 -6.90 -13.63
C GLN A 8 -3.28 -6.34 -12.48
N ILE A 9 -4.40 -5.71 -12.83
CA ILE A 9 -5.22 -5.01 -11.84
C ILE A 9 -6.47 -5.80 -11.51
N LEU A 10 -6.77 -5.93 -10.22
CA LEU A 10 -7.91 -6.70 -9.76
C LEU A 10 -8.79 -5.88 -8.82
N THR A 11 -10.10 -6.11 -8.88
CA THR A 11 -11.04 -5.37 -8.05
C THR A 11 -11.30 -6.09 -6.73
N HIS A 12 -11.19 -5.36 -5.63
CA HIS A 12 -11.63 -5.85 -4.33
C HIS A 12 -12.36 -4.76 -3.56
N VAL A 13 -13.35 -5.16 -2.76
CA VAL A 13 -14.13 -4.23 -1.96
C VAL A 13 -13.65 -4.22 -0.52
N ILE A 14 -13.26 -3.04 -0.03
CA ILE A 14 -13.10 -2.81 1.40
C ILE A 14 -13.92 -1.62 1.87
N GLU A 15 -14.46 -1.71 3.08
CA GLU A 15 -15.79 -1.19 3.38
C GLU A 15 -15.89 0.28 3.00
N GLY A 16 -16.95 0.63 2.27
CA GLY A 16 -17.24 2.03 2.00
C GLY A 16 -16.61 2.50 0.70
N PHE A 17 -15.72 1.69 0.14
CA PHE A 17 -15.13 1.99 -1.15
C PHE A 17 -14.72 0.70 -1.88
N VAL A 18 -14.61 0.78 -3.20
CA VAL A 18 -13.94 -0.24 -3.98
C VAL A 18 -12.50 0.16 -4.30
N ILE A 19 -11.56 -0.74 -4.04
CA ILE A 19 -10.17 -0.53 -4.44
C ILE A 19 -9.74 -1.55 -5.48
N GLN A 20 -9.00 -1.09 -6.48
CA GLN A 20 -8.42 -1.98 -7.48
C GLN A 20 -6.91 -2.09 -7.31
N GLU A 21 -6.41 -3.32 -7.25
CA GLU A 21 -5.07 -3.59 -6.76
C GLU A 21 -4.32 -4.53 -7.69
N GLY A 22 -3.02 -4.29 -7.85
CA GLY A 22 -2.24 -5.06 -8.81
C GLY A 22 -0.77 -4.66 -8.80
N ALA A 23 -0.25 -4.26 -9.95
CA ALA A 23 1.16 -3.91 -10.08
C ALA A 23 1.36 -2.84 -11.15
N GLU A 24 0.95 -1.62 -10.83
CA GLU A 24 1.27 -0.46 -11.66
C GLU A 24 2.76 -0.13 -11.57
N PRO A 25 3.37 0.17 -12.72
CA PRO A 25 4.77 0.54 -12.76
C PRO A 25 5.06 1.73 -11.85
N PHE A 26 6.16 1.64 -11.11
CA PHE A 26 6.56 2.73 -10.22
C PHE A 26 6.81 4.02 -10.99
N PRO A 27 7.53 3.90 -12.10
CA PRO A 27 7.78 5.06 -12.96
C PRO A 27 6.50 5.79 -13.29
N VAL A 28 5.46 5.04 -13.63
CA VAL A 28 4.18 5.63 -14.01
C VAL A 28 3.51 6.29 -12.82
N GLY A 29 3.56 5.63 -11.66
CA GLY A 29 3.01 6.20 -10.44
C GLY A 29 3.69 7.52 -10.10
N ARG A 30 5.01 7.54 -10.18
CA ARG A 30 5.79 8.74 -9.88
C ARG A 30 5.52 9.85 -10.90
N SER A 31 5.26 9.44 -12.14
CA SER A 31 5.03 10.40 -13.21
C SER A 31 3.68 11.08 -13.07
N SER A 32 2.90 10.64 -12.10
CA SER A 32 1.60 11.24 -11.83
C SER A 32 1.75 12.68 -11.35
N LEU A 33 2.96 13.04 -10.94
CA LEU A 33 3.26 14.40 -10.52
C LEU A 33 3.24 15.35 -11.70
N LEU A 34 3.21 14.80 -12.90
CA LEU A 34 3.11 15.61 -14.12
C LEU A 34 1.67 15.97 -14.44
N VAL A 35 0.74 15.40 -13.67
CA VAL A 35 -0.68 15.66 -13.86
C VAL A 35 -1.07 16.99 -13.23
N GLY A 36 -1.75 17.83 -14.00
CA GLY A 36 -2.13 19.17 -13.55
C GLY A 36 -3.20 19.10 -12.46
N ASN A 37 -2.79 18.71 -11.26
CA ASN A 37 -3.72 18.61 -10.14
C ASN A 37 -3.91 19.96 -9.46
N LEU A 38 -3.31 21.00 -10.04
CA LEU A 38 -3.53 22.36 -9.56
C LEU A 38 -4.80 22.95 -10.15
N LYS A 39 -5.46 22.20 -11.01
CA LYS A 39 -6.74 22.60 -11.56
C LYS A 39 -7.68 23.09 -10.45
N GLY A 40 -7.75 22.33 -9.38
CA GLY A 40 -8.51 22.76 -8.20
C GLY A 40 -9.97 23.00 -8.53
N ASP A 41 -10.56 22.10 -9.32
CA ASP A 41 -11.98 22.14 -9.61
C ASP A 41 -12.81 22.07 -8.34
N LYS A 42 -13.83 22.92 -8.24
CA LYS A 42 -14.46 23.22 -6.96
C LYS A 42 -15.08 21.97 -6.35
N ARG A 43 -15.45 21.01 -7.21
CA ARG A 43 -16.17 19.83 -6.77
C ARG A 43 -15.27 18.91 -5.96
N ILE A 44 -13.98 19.22 -5.95
CA ILE A 44 -13.02 18.42 -5.20
C ILE A 44 -12.96 18.86 -3.74
N ILE A 45 -13.08 17.89 -2.82
CA ILE A 45 -13.03 18.18 -1.40
C ILE A 45 -12.07 17.24 -0.68
N THR A 46 -11.61 17.66 0.50
CA THR A 46 -10.68 16.86 1.29
C THR A 46 -11.28 15.50 1.62
N ASP A 47 -10.46 14.46 1.56
CA ASP A 47 -10.89 13.11 1.91
C ASP A 47 -11.58 12.44 0.74
N ASP A 48 -11.87 13.21 -0.30
CA ASP A 48 -12.45 12.66 -1.53
C ASP A 48 -11.31 12.40 -2.54
N GLU A 49 -10.12 12.09 -2.03
CA GLU A 49 -8.88 12.07 -2.74
C GLU A 49 -8.39 10.66 -2.78
N ILE A 50 -7.60 10.42 -3.84
CA ILE A 50 -7.05 9.16 -4.24
C ILE A 50 -5.61 9.16 -3.83
N ILE A 51 -5.24 8.08 -3.15
CA ILE A 51 -3.87 7.92 -2.77
C ILE A 51 -3.25 6.75 -3.50
N SER A 52 -2.07 6.96 -4.07
CA SER A 52 -1.37 5.88 -4.68
C SER A 52 -0.44 5.25 -3.63
N LEU A 53 -0.32 3.92 -3.67
CA LEU A 53 0.53 3.17 -2.77
C LEU A 53 1.02 1.79 -3.21
N SER A 54 2.04 1.29 -2.47
CA SER A 54 2.44 -0.08 -2.56
C SER A 54 2.33 -0.80 -1.22
N ILE A 55 2.32 -2.12 -1.42
CA ILE A 55 2.11 -3.15 -0.42
C ILE A 55 2.90 -4.41 -0.75
N GLU A 56 3.86 -4.75 0.09
CA GLU A 56 4.67 -5.92 -0.06
C GLU A 56 4.88 -6.59 1.35
N PHE A 57 5.24 -7.87 1.31
CA PHE A 57 5.50 -8.65 2.46
C PHE A 57 6.81 -8.23 3.09
N PHE A 58 6.76 -7.81 4.35
CA PHE A 58 7.95 -7.38 5.07
C PHE A 58 9.11 -8.34 4.83
N ASP A 59 10.32 -7.79 4.74
CA ASP A 59 11.40 -8.43 3.99
C ASP A 59 12.13 -9.46 4.86
N GLN A 60 11.42 -9.99 5.85
CA GLN A 60 11.96 -11.10 6.65
C GLN A 60 12.08 -12.36 5.82
N ASN A 61 11.18 -12.54 4.87
CA ASN A 61 11.22 -13.68 3.96
C ASN A 61 12.22 -13.46 2.84
N ARG A 62 12.46 -12.19 2.50
CA ARG A 62 13.42 -11.83 1.47
C ARG A 62 14.80 -11.56 2.06
N LEU A 63 14.85 -11.43 3.37
CA LEU A 63 16.12 -11.21 4.08
C LEU A 63 16.79 -9.94 3.59
N ASP A 64 15.98 -8.94 3.24
CA ASP A 64 16.50 -7.70 2.67
C ASP A 64 17.44 -7.98 1.50
N ARG A 65 17.06 -8.94 0.67
CA ARG A 65 17.84 -9.26 -0.53
C ARG A 65 17.04 -8.96 -1.79
N LYS A 66 17.75 -8.70 -2.88
CA LYS A 66 17.12 -8.44 -4.18
C LYS A 66 17.83 -9.19 -5.30
N VAL A 67 17.04 -9.77 -6.19
CA VAL A 67 17.59 -10.56 -7.28
C VAL A 67 18.52 -9.73 -8.16
N ASN A 68 18.08 -8.53 -8.50
CA ASN A 68 18.89 -7.62 -9.31
C ASN A 68 20.17 -7.22 -8.58
N LYS A 69 20.06 -7.05 -7.27
CA LYS A 69 21.21 -6.66 -6.46
C LYS A 69 22.30 -7.72 -6.49
N ASP A 70 21.91 -8.97 -6.21
CA ASP A 70 22.85 -10.08 -6.18
C ASP A 70 23.26 -10.49 -7.59
N LYS A 71 22.31 -10.45 -8.51
CA LYS A 71 22.56 -10.84 -9.89
C LYS A 71 22.12 -9.74 -10.85
N GLU A 72 23.04 -8.82 -11.15
CA GLU A 72 22.71 -7.66 -11.98
C GLU A 72 21.98 -8.08 -13.24
N LYS A 73 20.78 -7.53 -13.43
CA LYS A 73 19.98 -7.82 -14.62
C LYS A 73 20.11 -6.70 -15.65
N SER A 74 19.92 -7.04 -16.91
CA SER A 74 19.96 -6.06 -17.99
C SER A 74 18.66 -5.27 -18.08
N LYS A 75 17.57 -5.87 -17.60
CA LYS A 75 16.28 -5.22 -17.57
C LYS A 75 16.11 -4.40 -16.29
N GLU A 76 16.66 -4.90 -15.19
CA GLU A 76 16.55 -4.23 -13.90
C GLU A 76 15.10 -4.08 -13.48
N GLU A 77 14.36 -5.18 -13.51
CA GLU A 77 12.94 -5.16 -13.19
C GLU A 77 12.63 -6.10 -12.03
N VAL A 78 13.28 -5.87 -10.89
CA VAL A 78 13.04 -6.65 -9.69
C VAL A 78 12.51 -5.77 -8.56
N ASN A 79 11.26 -6.02 -8.17
CA ASN A 79 10.63 -5.24 -7.11
C ASN A 79 9.35 -5.90 -6.64
N ASP A 80 9.42 -6.62 -5.52
CA ASP A 80 8.33 -7.48 -5.09
C ASP A 80 7.28 -6.69 -4.32
N LYS A 81 6.53 -5.88 -5.05
CA LYS A 81 5.37 -5.19 -4.48
C LYS A 81 4.10 -5.50 -5.27
N ARG A 82 2.95 -5.11 -4.72
CA ARG A 82 1.74 -4.90 -5.52
C ARG A 82 1.38 -3.43 -5.26
N TYR A 83 0.80 -2.72 -6.26
CA TYR A 83 0.50 -1.25 -6.15
C TYR A 83 -0.98 -0.96 -6.11
N LEU A 84 -1.34 0.17 -5.54
CA LEU A 84 -2.72 0.46 -5.21
C LEU A 84 -3.13 1.91 -5.22
N ARG A 85 -4.19 2.19 -5.96
CA ARG A 85 -4.75 3.53 -6.05
C ARG A 85 -5.93 3.27 -5.17
N CYS A 86 -6.12 4.17 -4.25
CA CYS A 86 -6.85 3.83 -3.06
C CYS A 86 -7.47 5.11 -2.53
N PRO A 87 -8.70 5.07 -2.02
CA PRO A 87 -9.28 6.33 -1.41
C PRO A 87 -8.59 6.66 -0.10
N ALA A 88 -8.13 7.89 0.05
CA ALA A 88 -7.22 8.26 1.24
C ALA A 88 -7.84 8.07 2.64
N ALA A 89 -9.17 8.04 2.68
CA ALA A 89 -10.09 7.76 3.78
C ALA A 89 -10.08 6.34 4.31
N MET A 90 -9.50 5.44 3.55
CA MET A 90 -9.45 4.05 3.93
C MET A 90 -8.46 3.80 5.10
N THR A 91 -8.71 2.78 5.92
CA THR A 91 -7.95 2.57 7.15
C THR A 91 -7.12 1.35 7.08
N VAL A 92 -6.13 1.30 7.99
CA VAL A 92 -5.32 0.09 8.23
C VAL A 92 -6.19 -1.16 8.41
N MET A 93 -7.25 -0.99 9.22
CA MET A 93 -8.22 -2.07 9.43
C MET A 93 -8.68 -2.62 8.10
N HIS A 94 -9.09 -1.74 7.12
CA HIS A 94 -9.50 -2.14 5.74
C HIS A 94 -8.44 -2.84 4.92
N LEU A 95 -7.22 -2.38 5.02
CA LEU A 95 -6.16 -3.01 4.33
C LEU A 95 -5.87 -4.37 4.82
N ARG A 96 -5.80 -4.55 6.17
CA ARG A 96 -5.51 -5.84 6.72
C ARG A 96 -6.57 -6.83 6.21
N LYS A 97 -7.82 -6.38 6.13
CA LYS A 97 -8.95 -7.21 5.65
C LYS A 97 -8.82 -7.62 4.22
N PHE A 98 -8.17 -6.77 3.47
CA PHE A 98 -8.05 -6.92 2.10
C PHE A 98 -6.95 -7.94 1.91
N LEU A 99 -5.85 -7.74 2.60
CA LEU A 99 -4.82 -8.78 2.63
C LEU A 99 -5.34 -10.18 3.10
N ARG A 100 -6.06 -10.16 4.24
CA ARG A 100 -6.65 -11.34 4.80
C ARG A 100 -7.41 -12.12 3.75
N SER A 101 -8.34 -11.41 3.11
CA SER A 101 -8.99 -11.95 1.90
C SER A 101 -8.07 -12.28 0.66
N LYS A 102 -7.32 -11.34 0.11
CA LYS A 102 -6.41 -11.63 -1.03
C LYS A 102 -5.58 -12.93 -0.85
N MET A 103 -4.84 -13.05 0.26
CA MET A 103 -3.89 -14.19 0.51
C MET A 103 -4.58 -15.33 1.23
N ASP A 104 -5.91 -15.26 1.39
CA ASP A 104 -6.61 -16.29 2.17
C ASP A 104 -6.00 -16.62 3.59
N ILE A 105 -5.87 -15.61 4.39
CA ILE A 105 -5.09 -15.75 5.63
C ILE A 105 -6.03 -16.13 6.76
N PRO A 106 -5.84 -17.33 7.36
CA PRO A 106 -6.71 -17.78 8.44
C PRO A 106 -6.58 -17.00 9.74
N ASN A 107 -7.61 -17.13 10.58
CA ASN A 107 -7.71 -16.40 11.83
C ASN A 107 -6.72 -16.93 12.87
N THR A 108 -6.16 -18.08 12.55
CA THR A 108 -4.98 -18.60 13.19
C THR A 108 -3.77 -17.58 13.17
N PHE A 109 -3.77 -16.57 12.26
CA PHE A 109 -2.71 -15.58 12.26
C PHE A 109 -3.16 -14.13 12.41
N GLN A 110 -2.27 -13.27 12.94
CA GLN A 110 -2.46 -11.81 12.91
C GLN A 110 -1.73 -11.16 11.76
N ILE A 111 -2.19 -10.00 11.32
CA ILE A 111 -1.54 -9.20 10.28
C ILE A 111 -1.15 -7.83 10.78
N ASP A 112 0.13 -7.59 10.84
CA ASP A 112 0.64 -6.30 11.09
C ASP A 112 0.93 -5.52 9.76
N VAL A 113 0.19 -4.43 9.55
CA VAL A 113 0.49 -3.42 8.59
C VAL A 113 1.46 -2.31 9.14
N MET A 114 2.59 -2.14 8.46
CA MET A 114 3.63 -1.31 8.83
C MET A 114 4.05 -0.28 7.78
N TYR A 115 4.57 0.83 8.27
CA TYR A 115 5.14 1.82 7.39
C TYR A 115 6.59 1.43 7.10
N GLU A 116 7.37 1.34 8.14
CA GLU A 116 8.77 0.86 7.92
C GLU A 116 8.91 -0.44 8.72
N GLU A 117 9.32 -0.33 9.98
CA GLU A 117 9.46 -1.44 10.94
C GLU A 117 8.33 -1.38 11.91
N GLU A 118 7.56 -0.29 11.85
CA GLU A 118 6.58 -0.02 12.89
C GLU A 118 5.16 -0.23 12.45
N PRO A 119 4.46 -1.16 13.17
CA PRO A 119 3.06 -1.35 12.84
C PRO A 119 2.26 -0.07 13.19
N LEU A 120 1.06 -0.04 12.64
CA LEU A 120 0.22 1.08 12.60
C LEU A 120 -1.02 0.60 13.25
N LYS A 121 -1.74 1.55 13.80
CA LYS A 121 -2.91 1.29 14.52
C LYS A 121 -4.00 1.10 13.51
N ASP A 122 -4.92 0.24 13.82
CA ASP A 122 -5.98 -0.08 12.83
C ASP A 122 -6.95 1.14 12.45
N TYR A 123 -7.01 2.17 13.32
CA TYR A 123 -7.84 3.39 13.01
C TYR A 123 -7.12 4.37 11.99
N TYR A 124 -5.81 4.27 11.89
CA TYR A 124 -5.16 5.17 10.94
C TYR A 124 -5.71 5.14 9.48
N THR A 125 -6.03 6.30 9.01
CA THR A 125 -6.36 6.45 7.60
C THR A 125 -5.10 6.54 6.80
N LEU A 126 -5.19 6.28 5.50
CA LEU A 126 -4.00 6.48 4.64
C LEU A 126 -3.51 7.91 4.68
N MET A 127 -4.43 8.88 4.67
CA MET A 127 -3.96 10.29 4.99
C MET A 127 -3.19 10.43 6.30
N ASP A 128 -3.69 9.80 7.38
CA ASP A 128 -3.07 9.90 8.70
C ASP A 128 -1.63 9.44 8.60
N ILE A 129 -1.43 8.35 7.86
CA ILE A 129 -0.10 7.81 7.64
C ILE A 129 0.71 8.86 6.84
N ALA A 130 0.13 9.41 5.75
CA ALA A 130 0.98 10.29 4.97
C ALA A 130 1.40 11.51 5.88
N TYR A 131 0.42 12.00 6.66
CA TYR A 131 0.70 13.11 7.62
C TYR A 131 1.66 12.70 8.72
N ILE A 132 1.47 11.52 9.28
CA ILE A 132 2.46 11.13 10.27
C ILE A 132 3.79 10.94 9.83
N TYR A 133 3.99 10.29 8.66
CA TYR A 133 5.34 10.00 8.22
C TYR A 133 5.86 11.01 7.25
N THR A 134 5.09 12.11 7.07
CA THR A 134 5.53 13.20 6.25
C THR A 134 5.97 12.71 4.83
N TRP A 135 5.15 11.83 4.31
CA TRP A 135 5.29 11.42 2.91
C TRP A 135 5.03 12.64 2.05
N ARG A 136 5.84 12.77 0.99
CA ARG A 136 5.86 13.96 0.14
C ARG A 136 5.27 13.69 -1.29
N ARG A 137 4.44 12.67 -1.45
CA ARG A 137 3.98 12.32 -2.81
C ARG A 137 5.10 12.14 -3.85
N ASN A 138 6.24 11.66 -3.37
CA ASN A 138 7.31 11.19 -4.24
C ASN A 138 7.11 9.68 -4.21
N GLY A 139 6.57 9.15 -5.30
CA GLY A 139 6.24 7.75 -5.40
C GLY A 139 4.99 7.36 -4.67
N PRO A 140 4.59 6.07 -4.72
CA PRO A 140 3.54 5.58 -3.85
C PRO A 140 3.99 5.43 -2.38
N LEU A 141 3.01 5.49 -1.48
CA LEU A 141 3.24 5.34 -0.07
C LEU A 141 3.64 3.87 0.15
N PRO A 142 4.87 3.63 0.62
CA PRO A 142 5.29 2.26 0.72
C PRO A 142 4.88 1.62 2.04
N LEU A 143 3.90 0.69 1.96
CA LEU A 143 3.50 -0.19 3.07
C LEU A 143 4.01 -1.64 3.00
N LYS A 144 4.14 -2.20 4.19
CA LYS A 144 4.55 -3.53 4.35
C LYS A 144 3.62 -4.28 5.29
N TYR A 145 3.86 -5.59 5.29
CA TYR A 145 3.05 -6.46 6.05
C TYR A 145 3.68 -7.80 6.36
N ARG A 146 3.11 -8.36 7.42
CA ARG A 146 3.61 -9.50 8.08
C ARG A 146 2.49 -10.18 8.89
N VAL A 147 2.68 -11.48 9.06
CA VAL A 147 1.83 -12.37 9.79
C VAL A 147 2.52 -13.00 11.01
N ARG A 148 1.74 -13.13 12.07
CA ARG A 148 2.20 -13.69 13.34
C ARG A 148 1.13 -14.66 13.82
N PRO A 149 1.52 -15.76 14.46
CA PRO A 149 0.49 -16.61 15.07
C PRO A 149 -0.25 -15.81 16.16
N THR A 150 -1.54 -15.99 16.25
CA THR A 150 -2.25 -15.31 17.32
C THR A 150 -2.42 -16.20 18.60
N CYS A 151 -2.55 -15.56 19.76
CA CYS A 151 -2.97 -16.22 21.03
C CYS A 151 -2.69 -15.27 22.16
#